data_2K1N
#
_entry.id   2K1N
#
loop_
_entity.id
_entity.type
_entity.pdbx_description
1 polymer 'DNA (25-MER)'
2 polymer 'DNA (25-MER)'
3 polymer 'AbrB family transcriptional regulator'
#
loop_
_entity_poly.entity_id
_entity_poly.type
_entity_poly.pdbx_seq_one_letter_code
_entity_poly.pdbx_strand_id
1 'polydeoxyribonucleotide'
;(DA)(DT)(DG)(DA)(DT)(DT)(DG)(DA)(DC)(DA)(DA)(DT)(DT)(DA)(DT)(DT)(DG)(DG)(DA)(DA)
(DA)(DC)(DC)(DT)(DT)
;
E
2 'polydeoxyribonucleotide'
;(DA)(DA)(DG)(DG)(DT)(DT)(DT)(DC)(DC)(DA)(DA)(DT)(DA)(DA)(DT)(DT)(DG)(DT)(DC)(DA)
(DA)(DT)(DC)(DA)(DT)
;
F
3 'polypeptide(L)' MKSTGIVRKVDELGRVVIPIELRRTLGIAEKDALEIYVDDEKIILKKYKPNMTCQ A,B,C,D
#
loop_
_chem_comp.id
_chem_comp.type
_chem_comp.name
_chem_comp.formula
DA DNA linking 2'-DEOXYADENOSINE-5'-MONOPHOSPHATE 'C10 H14 N5 O6 P'
DC DNA linking 2'-DEOXYCYTIDINE-5'-MONOPHOSPHATE 'C9 H14 N3 O7 P'
DG DNA linking 2'-DEOXYGUANOSINE-5'-MONOPHOSPHATE 'C10 H14 N5 O7 P'
DT DNA linking THYMIDINE-5'-MONOPHOSPHATE 'C10 H15 N2 O8 P'
#
# COMPACT_ATOMS: atom_id res chain seq x y z
N MET C 1 -3.10 -21.10 -9.14
CA MET C 1 -2.87 -20.64 -7.75
C MET C 1 -2.33 -21.79 -6.90
N LYS C 2 -1.28 -21.50 -6.16
CA LYS C 2 -0.66 -22.49 -5.29
C LYS C 2 -0.26 -21.85 -3.97
N SER C 3 0.47 -22.58 -3.15
CA SER C 3 0.92 -22.09 -1.88
C SER C 3 2.05 -21.07 -2.07
N THR C 4 1.66 -19.80 -2.23
CA THR C 4 2.62 -18.74 -2.43
C THR C 4 1.98 -17.39 -2.10
N GLY C 5 2.81 -16.43 -1.70
CA GLY C 5 2.32 -15.12 -1.36
C GLY C 5 3.29 -14.03 -1.77
N ILE C 6 3.28 -12.93 -1.04
CA ILE C 6 4.16 -11.80 -1.33
C ILE C 6 5.53 -12.05 -0.71
N VAL C 7 6.57 -11.93 -1.53
CA VAL C 7 7.93 -12.13 -1.04
C VAL C 7 8.41 -10.89 -0.29
N ARG C 8 8.62 -11.03 1.00
CA ARG C 8 9.07 -9.93 1.84
C ARG C 8 10.50 -10.14 2.31
N LYS C 9 11.29 -9.09 2.22
CA LYS C 9 12.68 -9.14 2.65
C LYS C 9 12.83 -8.38 3.96
N VAL C 10 13.26 -9.10 5.00
CA VAL C 10 13.44 -8.50 6.31
C VAL C 10 14.93 -8.48 6.65
N ASP C 11 15.27 -8.41 7.92
CA ASP C 11 16.67 -8.40 8.33
C ASP C 11 17.23 -9.81 8.31
N GLU C 12 18.47 -9.95 7.85
CA GLU C 12 19.11 -11.26 7.75
C GLU C 12 19.51 -11.79 9.13
N LEU C 13 19.27 -11.00 10.16
CA LEU C 13 19.58 -11.40 11.51
C LEU C 13 18.31 -11.43 12.38
N GLY C 14 17.17 -11.15 11.73
CA GLY C 14 15.91 -11.14 12.44
C GLY C 14 15.01 -10.01 11.96
N ARG C 15 14.44 -9.27 12.92
CA ARG C 15 13.57 -8.13 12.64
C ARG C 15 12.54 -8.43 11.55
N VAL C 16 11.45 -9.06 11.95
CA VAL C 16 10.39 -9.39 11.01
C VAL C 16 9.53 -8.17 10.74
N VAL C 17 9.98 -7.35 9.81
CA VAL C 17 9.26 -6.16 9.44
C VAL C 17 8.20 -6.46 8.40
N ILE C 18 6.94 -6.50 8.85
CA ILE C 18 5.81 -6.79 7.97
C ILE C 18 5.72 -5.75 6.85
N PRO C 19 5.10 -6.13 5.72
CA PRO C 19 4.94 -5.26 4.55
C PRO C 19 4.51 -3.85 4.90
N ILE C 20 5.31 -2.88 4.47
CA ILE C 20 5.02 -1.47 4.73
C ILE C 20 3.72 -1.09 4.05
N GLU C 21 3.48 -1.69 2.90
CA GLU C 21 2.27 -1.45 2.12
C GLU C 21 1.02 -1.77 2.94
N LEU C 22 0.99 -2.96 3.53
CA LEU C 22 -0.16 -3.38 4.33
C LEU C 22 -0.25 -2.56 5.61
N ARG C 23 0.91 -2.21 6.15
CA ARG C 23 0.98 -1.42 7.38
C ARG C 23 0.22 -0.11 7.26
N ARG C 24 0.44 0.62 6.17
CA ARG C 24 -0.23 1.89 5.96
C ARG C 24 -1.61 1.71 5.33
N THR C 25 -1.78 0.67 4.51
CA THR C 25 -3.06 0.40 3.88
C THR C 25 -4.13 0.04 4.91
N LEU C 26 -3.79 -0.87 5.81
CA LEU C 26 -4.72 -1.31 6.85
C LEU C 26 -4.66 -0.36 8.05
N GLY C 27 -3.52 0.26 8.25
CA GLY C 27 -3.38 1.15 9.38
C GLY C 27 -3.10 0.38 10.65
N ILE C 28 -2.01 -0.38 10.63
CA ILE C 28 -1.62 -1.19 11.75
C ILE C 28 -0.67 -0.43 12.67
N ALA C 29 -1.18 -0.01 13.83
CA ALA C 29 -0.38 0.71 14.80
C ALA C 29 0.70 -0.21 15.37
N GLU C 30 1.94 0.16 15.19
CA GLU C 30 3.05 -0.66 15.66
C GLU C 30 3.52 -0.22 17.06
N LYS C 31 2.58 -0.16 18.00
CA LYS C 31 2.91 0.25 19.36
C LYS C 31 2.22 -0.66 20.39
N ASP C 32 1.65 -1.75 19.92
CA ASP C 32 0.97 -2.69 20.80
C ASP C 32 1.50 -4.11 20.60
N ALA C 33 0.78 -5.10 21.10
CA ALA C 33 1.20 -6.48 20.99
C ALA C 33 0.40 -7.23 19.93
N LEU C 34 1.10 -8.01 19.12
CA LEU C 34 0.45 -8.78 18.07
C LEU C 34 0.57 -10.27 18.37
N GLU C 35 -0.48 -11.01 18.06
CA GLU C 35 -0.51 -12.45 18.30
C GLU C 35 0.39 -13.15 17.31
N ILE C 36 1.24 -14.04 17.82
CA ILE C 36 2.16 -14.79 17.00
C ILE C 36 2.06 -16.28 17.31
N TYR C 37 1.39 -17.02 16.44
CA TYR C 37 1.23 -18.46 16.62
C TYR C 37 2.17 -19.21 15.68
N VAL C 38 2.93 -20.15 16.24
CA VAL C 38 3.87 -20.93 15.46
C VAL C 38 3.21 -22.20 14.92
N ASP C 39 3.25 -22.38 13.61
CA ASP C 39 2.66 -23.56 12.98
C ASP C 39 3.68 -24.24 12.07
N ASP C 40 4.44 -25.16 12.66
CA ASP C 40 5.48 -25.93 11.97
C ASP C 40 6.63 -25.04 11.51
N GLU C 41 6.47 -24.40 10.36
CA GLU C 41 7.50 -23.53 9.81
C GLU C 41 6.93 -22.17 9.43
N LYS C 42 5.68 -21.95 9.78
CA LYS C 42 5.01 -20.69 9.48
C LYS C 42 4.49 -20.05 10.76
N ILE C 43 4.41 -18.74 10.78
CA ILE C 43 3.93 -18.03 11.95
C ILE C 43 2.76 -17.13 11.58
N ILE C 44 1.68 -17.25 12.34
CA ILE C 44 0.48 -16.46 12.10
C ILE C 44 0.53 -15.18 12.92
N LEU C 45 0.70 -14.06 12.24
CA LEU C 45 0.76 -12.75 12.88
C LEU C 45 -0.56 -12.03 12.70
N LYS C 46 -1.20 -11.69 13.80
CA LYS C 46 -2.48 -10.98 13.74
C LYS C 46 -2.73 -10.23 15.04
N LYS C 47 -3.82 -9.48 15.08
CA LYS C 47 -4.19 -8.75 16.27
C LYS C 47 -5.30 -9.50 16.99
N TYR C 48 -5.72 -8.99 18.14
CA TYR C 48 -6.77 -9.62 18.94
C TYR C 48 -8.05 -9.78 18.12
N LYS C 49 -8.40 -8.75 17.37
CA LYS C 49 -9.59 -8.76 16.54
C LYS C 49 -9.48 -7.70 15.45
N PRO C 50 -8.76 -8.02 14.36
CA PRO C 50 -8.57 -7.10 13.24
C PRO C 50 -9.77 -7.04 12.31
N ASN C 51 -10.73 -7.93 12.54
CA ASN C 51 -11.93 -7.97 11.72
C ASN C 51 -13.08 -7.24 12.40
N MET C 52 -12.73 -6.45 13.41
CA MET C 52 -13.72 -5.67 14.16
C MET C 52 -13.07 -4.40 14.70
N THR C 53 -12.15 -3.85 13.91
CA THR C 53 -11.44 -2.65 14.29
C THR C 53 -11.89 -1.47 13.45
N CYS C 54 -11.73 -1.59 12.13
CA CYS C 54 -12.12 -0.54 11.21
C CYS C 54 -13.50 -0.82 10.63
N GLN C 55 -13.98 -2.03 10.88
CA GLN C 55 -15.29 -2.46 10.40
C GLN C 55 -16.40 -1.73 11.15
N MET D 1 7.33 -24.32 27.05
CA MET D 1 6.72 -24.08 28.35
C MET D 1 6.70 -22.58 28.63
N LYS D 2 7.62 -21.89 27.99
CA LYS D 2 7.75 -20.45 28.14
C LYS D 2 6.91 -19.74 27.07
N SER D 3 7.26 -18.50 26.75
CA SER D 3 6.54 -17.76 25.73
C SER D 3 7.11 -18.07 24.35
N THR D 4 6.98 -19.32 23.93
CA THR D 4 7.48 -19.77 22.63
C THR D 4 6.57 -19.30 21.48
N GLY D 5 5.28 -19.24 21.75
CA GLY D 5 4.34 -18.81 20.74
C GLY D 5 3.02 -18.40 21.36
N ILE D 6 2.58 -17.19 21.08
CA ILE D 6 1.33 -16.66 21.63
C ILE D 6 1.13 -15.19 21.24
N VAL D 7 1.98 -14.30 21.74
CA VAL D 7 1.87 -12.88 21.46
C VAL D 7 3.14 -12.15 21.90
N ARG D 8 3.51 -11.11 21.17
CA ARG D 8 4.70 -10.32 21.50
C ARG D 8 4.50 -8.87 21.06
N LYS D 9 5.17 -7.95 21.75
CA LYS D 9 5.06 -6.54 21.42
C LYS D 9 5.89 -6.21 20.18
N VAL D 10 5.33 -5.39 19.31
CA VAL D 10 6.04 -4.97 18.12
C VAL D 10 6.91 -3.77 18.46
N ASP D 11 8.09 -3.72 17.86
CA ASP D 11 9.02 -2.64 18.11
C ASP D 11 8.46 -1.30 17.66
N GLU D 12 8.86 -0.25 18.36
CA GLU D 12 8.41 1.12 18.06
C GLU D 12 8.79 1.56 16.65
N LEU D 13 9.73 0.84 16.05
CA LEU D 13 10.20 1.15 14.70
C LEU D 13 9.39 0.37 13.67
N GLY D 14 8.36 -0.34 14.14
CA GLY D 14 7.51 -1.10 13.25
C GLY D 14 8.16 -2.41 12.84
N ARG D 15 8.64 -3.16 13.82
CA ARG D 15 9.29 -4.44 13.56
C ARG D 15 8.78 -5.50 14.51
N VAL D 16 8.36 -6.63 13.96
CA VAL D 16 7.90 -7.73 14.78
C VAL D 16 9.07 -8.64 15.08
N VAL D 17 9.18 -9.14 16.29
CA VAL D 17 10.31 -9.99 16.64
C VAL D 17 9.86 -11.35 17.13
N ILE D 18 10.71 -12.33 16.88
CA ILE D 18 10.46 -13.70 17.28
C ILE D 18 10.81 -13.87 18.76
N PRO D 19 9.94 -14.54 19.54
CA PRO D 19 10.18 -14.77 20.96
C PRO D 19 11.58 -15.33 21.23
N ILE D 20 12.26 -14.75 22.21
CA ILE D 20 13.61 -15.13 22.58
C ILE D 20 13.71 -16.63 22.84
N GLU D 21 12.85 -17.11 23.72
CA GLU D 21 12.83 -18.52 24.10
C GLU D 21 12.69 -19.45 22.90
N LEU D 22 11.95 -19.01 21.88
CA LEU D 22 11.74 -19.82 20.69
C LEU D 22 13.03 -19.96 19.89
N ARG D 23 13.60 -18.82 19.50
CA ARG D 23 14.81 -18.81 18.68
C ARG D 23 16.03 -19.29 19.44
N ARG D 24 16.08 -19.04 20.74
CA ARG D 24 17.21 -19.44 21.56
C ARG D 24 17.24 -20.95 21.82
N THR D 25 16.08 -21.59 21.73
CA THR D 25 16.01 -23.03 21.96
C THR D 25 15.98 -23.82 20.65
N LEU D 26 15.15 -23.37 19.71
CA LEU D 26 15.03 -24.07 18.43
C LEU D 26 15.14 -23.12 17.25
N GLY D 27 16.29 -23.13 16.59
CA GLY D 27 16.48 -22.29 15.42
C GLY D 27 15.94 -22.97 14.18
N ILE D 28 14.67 -23.32 14.23
CA ILE D 28 14.00 -24.00 13.12
C ILE D 28 13.41 -23.02 12.12
N ALA D 29 13.70 -21.74 12.29
CA ALA D 29 13.19 -20.71 11.40
C ALA D 29 14.25 -19.65 11.17
N GLU D 30 14.78 -19.61 9.95
CA GLU D 30 15.80 -18.63 9.59
C GLU D 30 15.20 -17.24 9.45
N LYS D 31 16.07 -16.26 9.29
CA LYS D 31 15.63 -14.87 9.17
C LYS D 31 16.35 -14.17 8.02
N ASP D 32 15.56 -13.65 7.09
CA ASP D 32 16.08 -12.93 5.91
C ASP D 32 14.92 -12.56 5.00
N ALA D 33 14.19 -13.58 4.58
CA ALA D 33 13.04 -13.39 3.71
C ALA D 33 11.91 -14.32 4.14
N LEU D 34 10.68 -13.90 3.91
CA LEU D 34 9.51 -14.69 4.28
C LEU D 34 8.37 -14.45 3.32
N GLU D 35 7.46 -15.41 3.22
CA GLU D 35 6.30 -15.29 2.34
C GLU D 35 5.13 -14.72 3.12
N ILE D 36 4.59 -13.61 2.63
CA ILE D 36 3.48 -12.95 3.28
C ILE D 36 2.14 -13.41 2.73
N TYR D 37 1.37 -14.09 3.57
CA TYR D 37 0.05 -14.55 3.18
C TYR D 37 -1.00 -13.70 3.88
N VAL D 38 -1.52 -12.72 3.16
CA VAL D 38 -2.54 -11.84 3.72
C VAL D 38 -3.89 -12.56 3.72
N ASP D 39 -4.18 -13.25 4.80
CA ASP D 39 -5.42 -13.98 4.92
C ASP D 39 -6.49 -13.12 5.54
N ASP D 40 -7.04 -12.22 4.74
CA ASP D 40 -8.10 -11.31 5.16
C ASP D 40 -7.62 -10.30 6.21
N GLU D 41 -7.54 -10.73 7.46
CA GLU D 41 -7.10 -9.84 8.54
C GLU D 41 -5.88 -10.38 9.27
N LYS D 42 -5.45 -11.58 8.93
CA LYS D 42 -4.29 -12.18 9.58
C LYS D 42 -3.15 -12.35 8.58
N ILE D 43 -1.95 -12.03 9.03
CA ILE D 43 -0.77 -12.12 8.18
C ILE D 43 0.02 -13.38 8.50
N ILE D 44 -0.16 -14.41 7.68
CA ILE D 44 0.56 -15.66 7.88
C ILE D 44 1.90 -15.61 7.17
N LEU D 45 2.98 -15.77 7.92
CA LEU D 45 4.32 -15.72 7.36
C LEU D 45 4.89 -17.12 7.20
N LYS D 46 5.21 -17.49 5.98
CA LYS D 46 5.77 -18.80 5.69
C LYS D 46 7.22 -18.66 5.25
N LYS D 47 7.90 -19.80 5.08
CA LYS D 47 9.30 -19.81 4.65
C LYS D 47 9.50 -19.05 3.34
N TYR D 48 10.70 -18.51 3.15
CA TYR D 48 11.04 -17.76 1.96
C TYR D 48 10.93 -18.60 0.69
N LYS D 49 10.45 -17.97 -0.37
CA LYS D 49 10.29 -18.61 -1.67
C LYS D 49 10.81 -17.67 -2.75
N PRO D 50 11.23 -18.20 -3.91
CA PRO D 50 11.72 -17.39 -5.01
C PRO D 50 10.66 -16.41 -5.51
N ASN D 51 9.65 -16.95 -6.20
CA ASN D 51 8.53 -16.17 -6.74
C ASN D 51 9.02 -14.89 -7.42
N MET D 52 9.94 -15.05 -8.35
CA MET D 52 10.51 -13.93 -9.08
C MET D 52 9.56 -13.48 -10.19
N THR D 53 9.19 -12.21 -10.16
CA THR D 53 8.29 -11.66 -11.14
C THR D 53 9.05 -11.06 -12.32
N CYS D 54 10.20 -10.46 -12.05
CA CYS D 54 11.02 -9.85 -13.07
C CYS D 54 12.48 -9.79 -12.62
N GLN D 55 13.38 -9.63 -13.57
CA GLN D 55 14.80 -9.55 -13.28
C GLN D 55 15.14 -8.22 -12.63
N MET E 1 -5.59 25.40 -24.08
CA MET E 1 -4.58 24.70 -23.29
C MET E 1 -5.01 23.26 -23.04
N LYS E 2 -5.70 22.69 -24.02
CA LYS E 2 -6.18 21.33 -23.94
C LYS E 2 -5.03 20.35 -23.78
N SER E 3 -5.08 19.56 -22.73
CA SER E 3 -4.06 18.57 -22.45
C SER E 3 -4.72 17.22 -22.24
N THR E 4 -5.88 17.07 -22.87
CA THR E 4 -6.65 15.83 -22.79
C THR E 4 -5.83 14.66 -23.33
N GLY E 5 -5.30 13.85 -22.42
CA GLY E 5 -4.49 12.72 -22.81
C GLY E 5 -3.06 13.13 -22.98
N ILE E 6 -2.52 13.76 -21.94
CA ILE E 6 -1.14 14.22 -21.96
C ILE E 6 -0.24 13.34 -21.10
N VAL E 7 0.95 13.06 -21.58
CA VAL E 7 1.89 12.25 -20.85
C VAL E 7 2.83 13.14 -20.04
N ARG E 8 2.66 13.12 -18.73
CA ARG E 8 3.48 13.92 -17.85
C ARG E 8 4.67 13.10 -17.37
N LYS E 9 5.85 13.70 -17.41
CA LYS E 9 7.07 13.01 -16.99
C LYS E 9 7.19 13.05 -15.47
N VAL E 10 7.67 11.95 -14.90
CA VAL E 10 7.87 11.84 -13.47
C VAL E 10 9.37 11.96 -13.17
N ASP E 11 9.75 13.04 -12.50
CA ASP E 11 11.14 13.25 -12.14
C ASP E 11 11.38 12.83 -10.69
N GLU E 12 12.43 13.35 -10.06
CA GLU E 12 12.73 13.01 -8.67
C GLU E 12 11.70 13.64 -7.73
N LEU E 13 10.55 12.99 -7.63
CA LEU E 13 9.47 13.48 -6.78
C LEU E 13 8.70 12.33 -6.16
N GLY E 14 7.50 12.11 -6.68
CA GLY E 14 6.64 11.05 -6.17
C GLY E 14 5.18 11.36 -6.48
N ARG E 15 4.86 12.65 -6.49
CA ARG E 15 3.51 13.09 -6.79
C ARG E 15 3.54 13.97 -8.04
N VAL E 16 2.37 14.22 -8.64
CA VAL E 16 2.32 15.01 -9.87
C VAL E 16 1.25 16.11 -9.79
N VAL E 17 0.87 16.64 -10.95
CA VAL E 17 -0.13 17.70 -11.02
C VAL E 17 -1.23 17.33 -12.01
N ILE E 18 -2.21 18.23 -12.12
CA ILE E 18 -3.33 18.05 -13.01
C ILE E 18 -3.32 19.17 -14.05
N PRO E 19 -3.53 18.84 -15.34
CA PRO E 19 -3.55 19.85 -16.42
C PRO E 19 -4.45 21.04 -16.10
N ILE E 20 -4.05 22.22 -16.55
CA ILE E 20 -4.78 23.46 -16.31
C ILE E 20 -6.26 23.35 -16.73
N GLU E 21 -6.50 22.78 -17.92
CA GLU E 21 -7.86 22.64 -18.42
C GLU E 21 -8.69 21.72 -17.53
N LEU E 22 -8.08 20.64 -17.06
CA LEU E 22 -8.77 19.70 -16.20
C LEU E 22 -8.99 20.32 -14.83
N ARG E 23 -7.97 21.01 -14.36
CA ARG E 23 -8.01 21.69 -13.06
C ARG E 23 -9.15 22.71 -13.02
N ARG E 24 -9.30 23.48 -14.09
CA ARG E 24 -10.33 24.49 -14.18
C ARG E 24 -11.72 23.84 -14.27
N THR E 25 -11.81 22.76 -15.02
CA THR E 25 -13.07 22.05 -15.19
C THR E 25 -13.51 21.35 -13.91
N LEU E 26 -12.53 20.92 -13.10
CA LEU E 26 -12.81 20.23 -11.84
C LEU E 26 -13.73 21.07 -10.96
N GLY E 27 -13.46 22.36 -10.90
CA GLY E 27 -14.27 23.25 -10.09
C GLY E 27 -14.13 22.97 -8.61
N ILE E 28 -12.90 22.72 -8.19
CA ILE E 28 -12.61 22.42 -6.80
C ILE E 28 -11.66 23.46 -6.22
N ALA E 29 -11.32 23.30 -4.96
CA ALA E 29 -10.40 24.22 -4.32
C ALA E 29 -8.97 23.76 -4.55
N GLU E 30 -8.02 24.61 -4.20
CA GLU E 30 -6.61 24.27 -4.38
C GLU E 30 -6.24 23.15 -3.42
N LYS E 31 -6.69 23.29 -2.18
CA LYS E 31 -6.43 22.29 -1.15
C LYS E 31 -7.67 21.43 -0.93
N ASP E 32 -8.35 21.10 -2.01
CA ASP E 32 -9.56 20.28 -1.93
C ASP E 32 -9.21 18.82 -1.75
N ALA E 33 -10.16 17.94 -2.03
CA ALA E 33 -9.95 16.52 -1.92
C ALA E 33 -10.44 15.79 -3.15
N LEU E 34 -9.63 14.86 -3.66
CA LEU E 34 -10.00 14.08 -4.83
C LEU E 34 -10.25 12.63 -4.44
N GLU E 35 -11.35 12.06 -4.96
CA GLU E 35 -11.68 10.67 -4.67
C GLU E 35 -10.86 9.74 -5.54
N ILE E 36 -9.89 9.09 -4.92
CA ILE E 36 -9.01 8.19 -5.64
C ILE E 36 -9.59 6.77 -5.67
N TYR E 37 -9.80 6.27 -6.88
CA TYR E 37 -10.32 4.92 -7.11
C TYR E 37 -9.49 4.25 -8.21
N VAL E 38 -9.33 2.93 -8.14
CA VAL E 38 -8.53 2.23 -9.16
C VAL E 38 -9.39 1.61 -10.26
N ASP E 39 -8.73 1.25 -11.36
CA ASP E 39 -9.37 0.63 -12.50
C ASP E 39 -8.40 -0.32 -13.20
N ASP E 40 -8.34 -1.55 -12.69
CA ASP E 40 -7.44 -2.59 -13.22
C ASP E 40 -6.00 -2.26 -12.86
N GLU E 41 -5.42 -1.33 -13.60
CA GLU E 41 -4.05 -0.87 -13.36
C GLU E 41 -3.98 0.63 -13.55
N LYS E 42 -5.15 1.22 -13.79
CA LYS E 42 -5.28 2.65 -13.99
C LYS E 42 -5.95 3.26 -12.77
N ILE E 43 -6.10 4.56 -12.75
CA ILE E 43 -6.73 5.23 -11.63
C ILE E 43 -7.80 6.22 -12.08
N ILE E 44 -8.91 6.22 -11.36
CA ILE E 44 -10.02 7.12 -11.63
C ILE E 44 -10.20 8.06 -10.45
N LEU E 45 -9.88 9.33 -10.66
CA LEU E 45 -10.00 10.32 -9.59
C LEU E 45 -11.23 11.17 -9.79
N LYS E 46 -12.15 11.09 -8.84
CA LYS E 46 -13.39 11.85 -8.91
C LYS E 46 -13.27 13.10 -8.04
N LYS E 47 -14.36 13.85 -7.95
CA LYS E 47 -14.38 15.09 -7.16
C LYS E 47 -14.45 14.78 -5.66
N TYR E 48 -14.58 15.83 -4.86
CA TYR E 48 -14.67 15.71 -3.41
C TYR E 48 -15.86 14.87 -2.99
N LYS E 49 -15.67 14.10 -1.91
CA LYS E 49 -16.70 13.24 -1.36
C LYS E 49 -16.38 12.90 0.09
N PRO E 50 -17.40 12.80 0.95
CA PRO E 50 -17.20 12.46 2.36
C PRO E 50 -16.87 10.99 2.57
N ASN E 51 -15.73 10.57 2.05
CA ASN E 51 -15.28 9.18 2.17
C ASN E 51 -14.00 9.12 2.99
N MET E 52 -14.12 8.61 4.20
CA MET E 52 -12.96 8.50 5.08
C MET E 52 -12.66 7.03 5.35
N THR E 53 -11.44 6.74 5.74
CA THR E 53 -11.01 5.40 6.02
C THR E 53 -11.70 4.85 7.26
N CYS E 54 -12.28 3.66 7.13
CA CYS E 54 -12.99 3.00 8.23
C CYS E 54 -14.22 3.81 8.63
N GLN E 55 -14.80 4.50 7.67
CA GLN E 55 -15.98 5.33 7.91
C GLN E 55 -16.79 5.50 6.63
N MET F 1 -3.23 6.14 1.87
CA MET F 1 -4.56 6.22 1.27
C MET F 1 -4.60 5.45 -0.04
N LYS F 2 -5.31 4.33 -0.03
CA LYS F 2 -5.43 3.50 -1.22
C LYS F 2 -6.52 4.04 -2.13
N SER F 3 -6.55 3.56 -3.36
CA SER F 3 -7.53 4.00 -4.33
C SER F 3 -8.82 3.18 -4.22
N THR F 4 -9.29 2.99 -3.00
CA THR F 4 -10.51 2.25 -2.76
C THR F 4 -11.72 3.20 -2.73
N GLY F 5 -11.57 4.33 -3.38
CA GLY F 5 -12.63 5.33 -3.41
C GLY F 5 -12.51 6.24 -2.21
N ILE F 6 -11.29 6.67 -1.94
CA ILE F 6 -11.01 7.54 -0.81
C ILE F 6 -10.48 8.89 -1.27
N VAL F 7 -10.94 9.95 -0.63
CA VAL F 7 -10.51 11.29 -0.99
C VAL F 7 -9.26 11.70 -0.21
N ARG F 8 -8.44 12.56 -0.82
CA ARG F 8 -7.23 13.04 -0.18
C ARG F 8 -6.99 14.49 -0.55
N LYS F 9 -6.33 15.22 0.35
CA LYS F 9 -6.01 16.63 0.14
C LYS F 9 -5.07 16.81 -1.04
N VAL F 10 -5.26 17.91 -1.76
CA VAL F 10 -4.44 18.22 -2.93
C VAL F 10 -3.14 18.92 -2.50
N ASP F 11 -3.12 20.26 -2.54
CA ASP F 11 -1.91 21.02 -2.18
C ASP F 11 -2.20 22.52 -2.17
N GLU F 12 -1.39 23.27 -1.44
CA GLU F 12 -1.53 24.72 -1.36
C GLU F 12 -1.43 25.36 -2.74
N LEU F 13 -0.64 24.75 -3.61
CA LEU F 13 -0.45 25.25 -4.97
C LEU F 13 -1.09 24.32 -5.99
N GLY F 14 -1.83 23.33 -5.50
CA GLY F 14 -2.49 22.38 -6.39
C GLY F 14 -1.54 21.34 -6.95
N ARG F 15 -1.46 20.20 -6.28
CA ARG F 15 -0.59 19.10 -6.69
C ARG F 15 -1.17 17.79 -6.20
N VAL F 16 -1.45 16.87 -7.11
CA VAL F 16 -2.03 15.58 -6.72
C VAL F 16 -0.98 14.72 -6.04
N VAL F 17 -1.18 14.53 -4.74
CA VAL F 17 -0.28 13.74 -3.92
C VAL F 17 -0.47 12.26 -4.16
N ILE F 18 0.60 11.60 -4.59
CA ILE F 18 0.55 10.18 -4.84
C ILE F 18 1.14 9.42 -3.66
N PRO F 19 0.30 8.70 -2.90
CA PRO F 19 0.73 7.94 -1.73
C PRO F 19 1.81 6.93 -2.07
N ILE F 20 2.66 6.65 -1.09
CA ILE F 20 3.76 5.70 -1.23
C ILE F 20 3.30 4.40 -1.87
N GLU F 21 2.32 3.77 -1.25
CA GLU F 21 1.79 2.50 -1.74
C GLU F 21 1.25 2.61 -3.15
N LEU F 22 0.59 3.72 -3.47
CA LEU F 22 0.03 3.92 -4.80
C LEU F 22 1.15 4.02 -5.83
N ARG F 23 2.21 4.75 -5.49
CA ARG F 23 3.35 4.89 -6.38
C ARG F 23 3.98 3.54 -6.64
N ARG F 24 4.06 2.74 -5.59
CA ARG F 24 4.63 1.40 -5.68
C ARG F 24 3.70 0.45 -6.43
N THR F 25 2.39 0.68 -6.31
CA THR F 25 1.40 -0.14 -7.00
C THR F 25 1.49 0.07 -8.50
N LEU F 26 1.65 1.34 -8.91
CA LEU F 26 1.77 1.68 -10.32
C LEU F 26 3.07 1.12 -10.89
N GLY F 27 4.08 1.02 -10.03
CA GLY F 27 5.37 0.50 -10.46
C GLY F 27 6.18 1.55 -11.18
N ILE F 28 5.90 2.82 -10.90
CA ILE F 28 6.59 3.91 -11.54
C ILE F 28 7.80 4.36 -10.72
N ALA F 29 8.85 4.75 -11.42
CA ALA F 29 10.07 5.21 -10.79
C ALA F 29 10.16 6.73 -10.86
N GLU F 30 11.26 7.28 -10.37
CA GLU F 30 11.47 8.73 -10.38
C GLU F 30 11.98 9.19 -11.76
N LYS F 31 11.73 8.37 -12.75
CA LYS F 31 12.13 8.66 -14.13
C LYS F 31 11.11 8.03 -15.07
N ASP F 32 9.87 7.95 -14.62
CA ASP F 32 8.81 7.36 -15.43
C ASP F 32 7.90 8.42 -16.02
N ALA F 33 6.68 8.02 -16.39
CA ALA F 33 5.71 8.93 -16.97
C ALA F 33 4.30 8.50 -16.61
N LEU F 34 3.36 9.44 -16.69
CA LEU F 34 1.97 9.18 -16.39
C LEU F 34 1.06 9.87 -17.41
N GLU F 35 0.12 9.14 -17.98
CA GLU F 35 -0.78 9.72 -18.96
C GLU F 35 -2.04 10.22 -18.26
N ILE F 36 -2.27 11.51 -18.35
CA ILE F 36 -3.43 12.13 -17.72
C ILE F 36 -4.54 12.36 -18.74
N TYR F 37 -5.61 11.61 -18.59
CA TYR F 37 -6.79 11.72 -19.45
C TYR F 37 -7.98 12.13 -18.60
N VAL F 38 -9.13 12.33 -19.23
CA VAL F 38 -10.33 12.73 -18.51
C VAL F 38 -11.56 12.05 -19.08
N ASP F 39 -12.44 11.61 -18.20
CA ASP F 39 -13.69 10.97 -18.60
C ASP F 39 -14.84 11.79 -18.04
N ASP F 40 -15.46 12.58 -18.91
CA ASP F 40 -16.58 13.44 -18.52
C ASP F 40 -16.08 14.57 -17.63
N GLU F 41 -16.01 14.31 -16.32
CA GLU F 41 -15.53 15.30 -15.35
C GLU F 41 -14.61 14.65 -14.33
N LYS F 42 -14.12 13.44 -14.64
CA LYS F 42 -13.22 12.73 -13.73
C LYS F 42 -11.84 12.56 -14.35
N ILE F 43 -10.81 12.54 -13.50
CA ILE F 43 -9.44 12.40 -13.96
C ILE F 43 -9.06 10.94 -14.13
N ILE F 44 -8.64 10.59 -15.34
CA ILE F 44 -8.24 9.23 -15.65
C ILE F 44 -6.71 9.16 -15.69
N LEU F 45 -6.13 8.59 -14.65
CA LEU F 45 -4.68 8.47 -14.57
C LEU F 45 -4.23 7.10 -15.06
N LYS F 46 -3.42 7.10 -16.12
CA LYS F 46 -2.90 5.87 -16.68
C LYS F 46 -1.41 5.78 -16.41
N LYS F 47 -0.95 4.57 -16.08
CA LYS F 47 0.46 4.35 -15.79
C LYS F 47 1.32 4.52 -17.03
N TYR F 48 2.63 4.42 -16.84
CA TYR F 48 3.58 4.56 -17.94
C TYR F 48 3.35 3.46 -18.98
N LYS F 49 3.75 3.74 -20.21
CA LYS F 49 3.61 2.77 -21.29
C LYS F 49 4.88 1.95 -21.41
N PRO F 50 4.83 0.67 -21.00
CA PRO F 50 5.99 -0.22 -21.07
C PRO F 50 6.50 -0.38 -22.50
N ASN F 51 5.66 -0.97 -23.36
CA ASN F 51 6.00 -1.19 -24.77
C ASN F 51 7.26 -2.04 -24.90
N MET F 52 7.57 -2.78 -23.85
CA MET F 52 8.74 -3.63 -23.79
C MET F 52 8.54 -4.67 -22.69
N THR F 53 8.96 -5.90 -22.94
CA THR F 53 8.83 -6.95 -21.96
C THR F 53 9.73 -6.69 -20.75
N CYS F 54 9.29 -7.11 -19.57
CA CYS F 54 10.05 -6.91 -18.35
C CYS F 54 11.33 -7.74 -18.37
N GLN F 55 12.46 -7.07 -18.53
CA GLN F 55 13.75 -7.74 -18.58
C GLN F 55 14.74 -7.01 -17.70
N MET C 1 -2.14 3.98 0.68
CA MET C 1 -1.12 3.25 1.47
C MET C 1 -1.80 2.25 2.41
N LYS C 2 -2.08 1.06 1.88
CA LYS C 2 -2.71 0.00 2.64
C LYS C 2 -2.63 -1.30 1.87
N SER C 3 -2.30 -2.38 2.57
CA SER C 3 -2.17 -3.68 1.94
C SER C 3 -2.70 -4.76 2.88
N THR C 4 -2.86 -5.98 2.36
CA THR C 4 -3.35 -7.08 3.16
C THR C 4 -2.18 -7.86 3.76
N GLY C 5 -1.27 -8.26 2.90
CA GLY C 5 -0.09 -8.99 3.34
C GLY C 5 1.14 -8.12 3.25
N ILE C 6 1.58 -7.61 4.39
CA ILE C 6 2.75 -6.75 4.43
C ILE C 6 4.02 -7.60 4.50
N VAL C 7 4.87 -7.45 3.50
CA VAL C 7 6.12 -8.19 3.41
C VAL C 7 7.20 -7.56 4.30
N ARG C 8 7.89 -8.41 5.04
CA ARG C 8 8.97 -7.98 5.93
C ARG C 8 10.21 -8.80 5.62
N LYS C 9 11.36 -8.36 6.11
CA LYS C 9 12.61 -9.08 5.85
C LYS C 9 12.89 -10.11 6.93
N VAL C 10 13.23 -11.32 6.51
CA VAL C 10 13.55 -12.38 7.45
C VAL C 10 15.03 -12.39 7.74
N ASP C 11 15.44 -11.60 8.71
CA ASP C 11 16.83 -11.51 9.09
C ASP C 11 17.12 -12.44 10.26
N GLU C 12 18.25 -12.26 10.91
CA GLU C 12 18.62 -13.11 12.02
C GLU C 12 18.01 -12.63 13.32
N LEU C 13 17.54 -11.39 13.33
CA LEU C 13 16.93 -10.82 14.52
C LEU C 13 15.42 -10.76 14.42
N GLY C 14 14.88 -11.11 13.25
CA GLY C 14 13.44 -11.10 13.05
C GLY C 14 12.85 -9.72 13.20
N ARG C 15 12.95 -8.91 12.15
CA ARG C 15 12.43 -7.53 12.19
C ARG C 15 10.91 -7.50 12.10
N VAL C 16 10.25 -7.64 13.25
CA VAL C 16 8.80 -7.60 13.29
C VAL C 16 8.33 -6.21 13.68
N VAL C 17 8.02 -5.41 12.68
CA VAL C 17 7.56 -4.05 12.90
C VAL C 17 6.14 -3.90 12.39
N ILE C 18 5.27 -3.32 13.21
CA ILE C 18 3.89 -3.10 12.84
C ILE C 18 3.80 -2.22 11.59
N PRO C 19 3.07 -2.69 10.56
CA PRO C 19 2.90 -1.94 9.30
C PRO C 19 2.51 -0.49 9.51
N ILE C 20 3.20 0.41 8.82
CA ILE C 20 2.92 1.82 8.93
C ILE C 20 1.81 2.20 7.98
N GLU C 21 1.67 1.42 6.91
CA GLU C 21 0.65 1.64 5.90
C GLU C 21 -0.74 1.70 6.53
N LEU C 22 -1.07 0.67 7.31
CA LEU C 22 -2.36 0.58 7.96
C LEU C 22 -2.48 1.61 9.09
N ARG C 23 -1.35 2.19 9.48
CA ARG C 23 -1.34 3.19 10.53
C ARG C 23 -1.60 4.58 9.95
N ARG C 24 -1.20 4.77 8.70
CA ARG C 24 -1.40 6.05 8.02
C ARG C 24 -2.84 6.19 7.55
N THR C 25 -3.47 5.07 7.24
CA THR C 25 -4.85 5.06 6.78
C THR C 25 -5.85 4.94 7.92
N LEU C 26 -5.70 3.91 8.73
CA LEU C 26 -6.61 3.69 9.84
C LEU C 26 -5.99 4.12 11.17
N GLY C 27 -4.79 3.64 11.45
CA GLY C 27 -4.11 3.99 12.68
C GLY C 27 -4.22 2.88 13.70
N ILE C 28 -3.88 1.66 13.30
CA ILE C 28 -3.95 0.50 14.19
C ILE C 28 -2.94 0.62 15.33
N ALA C 29 -3.31 0.08 16.49
CA ALA C 29 -2.45 0.12 17.66
C ALA C 29 -1.18 -0.68 17.45
N GLU C 30 -0.05 -0.13 17.88
CA GLU C 30 1.24 -0.79 17.74
C GLU C 30 1.98 -0.89 19.06
N LYS C 31 1.90 0.16 19.88
CA LYS C 31 2.60 0.20 21.17
C LYS C 31 1.85 -0.59 22.24
N ASP C 32 2.15 -1.88 22.32
CA ASP C 32 1.55 -2.76 23.32
C ASP C 32 2.30 -4.09 23.37
N ALA C 33 1.78 -5.04 24.14
CA ALA C 33 2.40 -6.34 24.28
C ALA C 33 1.72 -7.36 23.38
N LEU C 34 2.49 -7.95 22.48
CA LEU C 34 1.97 -8.93 21.54
C LEU C 34 2.42 -10.33 21.93
N GLU C 35 1.50 -11.28 21.92
CA GLU C 35 1.83 -12.66 22.25
C GLU C 35 2.10 -13.46 20.99
N ILE C 36 3.35 -13.87 20.84
CA ILE C 36 3.76 -14.65 19.69
C ILE C 36 3.51 -16.14 19.93
N TYR C 37 2.39 -16.62 19.42
CA TYR C 37 2.02 -18.01 19.58
C TYR C 37 2.29 -18.77 18.28
N VAL C 38 3.02 -19.87 18.37
CA VAL C 38 3.32 -20.66 17.19
C VAL C 38 2.17 -21.60 16.86
N ASP C 39 1.90 -21.76 15.57
CA ASP C 39 0.82 -22.63 15.11
C ASP C 39 1.14 -23.21 13.74
N ASP C 40 1.15 -24.53 13.66
CA ASP C 40 1.43 -25.24 12.42
C ASP C 40 2.86 -24.98 11.95
N GLU C 41 3.04 -24.04 11.04
CA GLU C 41 4.37 -23.68 10.55
C GLU C 41 4.56 -22.17 10.52
N LYS C 42 3.64 -21.47 11.17
CA LYS C 42 3.69 -20.01 11.24
C LYS C 42 3.44 -19.53 12.66
N ILE C 43 3.48 -18.23 12.86
CA ILE C 43 3.27 -17.67 14.19
C ILE C 43 2.13 -16.66 14.16
N ILE C 44 1.36 -16.62 15.22
CA ILE C 44 0.24 -15.71 15.33
C ILE C 44 0.46 -14.75 16.49
N LEU C 45 0.58 -13.47 16.18
CA LEU C 45 0.77 -12.44 17.20
C LEU C 45 -0.57 -11.84 17.57
N LYS C 46 -1.13 -12.30 18.67
CA LYS C 46 -2.42 -11.81 19.14
C LYS C 46 -2.26 -10.59 20.02
N LYS C 47 -3.14 -9.63 19.84
CA LYS C 47 -3.11 -8.40 20.61
C LYS C 47 -4.53 -7.92 20.88
N TYR C 48 -4.66 -6.70 21.39
CA TYR C 48 -5.97 -6.13 21.67
C TYR C 48 -6.29 -5.04 20.66
N LYS C 49 -7.58 -4.88 20.37
CA LYS C 49 -8.01 -3.86 19.43
C LYS C 49 -8.73 -2.74 20.18
N PRO C 50 -8.08 -1.57 20.30
CA PRO C 50 -8.65 -0.42 21.01
C PRO C 50 -9.93 0.11 20.35
N ASN C 51 -9.95 0.14 19.04
CA ASN C 51 -11.10 0.63 18.30
C ASN C 51 -11.77 -0.49 17.52
N MET C 52 -12.96 -0.88 17.97
CA MET C 52 -13.73 -1.92 17.31
C MET C 52 -14.96 -1.31 16.64
N THR C 53 -15.09 0.00 16.75
CA THR C 53 -16.21 0.71 16.17
C THR C 53 -15.90 1.14 14.75
N CYS C 54 -15.25 0.24 14.01
CA CYS C 54 -14.87 0.49 12.62
C CYS C 54 -13.81 1.57 12.53
N GLN C 55 -12.55 1.17 12.64
CA GLN C 55 -11.43 2.10 12.56
C GLN C 55 -10.85 2.10 11.16
N MET D 1 14.21 -24.44 25.52
CA MET D 1 14.41 -24.11 24.12
C MET D 1 13.11 -24.31 23.33
N LYS D 2 12.96 -23.53 22.26
CA LYS D 2 11.78 -23.60 21.39
C LYS D 2 10.51 -23.30 22.16
N SER D 3 10.18 -22.02 22.25
CA SER D 3 8.98 -21.58 22.96
C SER D 3 7.75 -21.72 22.06
N THR D 4 6.66 -22.20 22.63
CA THR D 4 5.41 -22.37 21.90
C THR D 4 4.65 -21.04 21.85
N GLY D 5 4.86 -20.22 22.86
CA GLY D 5 4.21 -18.93 22.93
C GLY D 5 4.97 -17.97 23.82
N ILE D 6 5.34 -16.83 23.28
CA ILE D 6 6.09 -15.83 24.05
C ILE D 6 5.51 -14.43 23.85
N VAL D 7 5.20 -13.78 24.97
CA VAL D 7 4.65 -12.43 24.92
C VAL D 7 5.76 -11.41 25.06
N ARG D 8 5.82 -10.46 24.14
CA ARG D 8 6.87 -9.45 24.16
C ARG D 8 6.30 -8.05 24.00
N LYS D 9 6.96 -7.07 24.61
CA LYS D 9 6.54 -5.70 24.53
C LYS D 9 7.35 -4.94 23.50
N VAL D 10 6.70 -4.07 22.74
CA VAL D 10 7.38 -3.30 21.71
C VAL D 10 7.86 -1.97 22.28
N ASP D 11 8.55 -1.20 21.44
CA ASP D 11 9.07 0.10 21.83
C ASP D 11 8.12 1.20 21.38
N GLU D 12 8.61 2.43 21.32
CA GLU D 12 7.80 3.58 20.91
C GLU D 12 7.51 3.57 19.41
N LEU D 13 8.19 2.73 18.66
CA LEU D 13 7.98 2.66 17.23
C LEU D 13 7.12 1.45 16.86
N GLY D 14 7.37 0.33 17.52
CA GLY D 14 6.60 -0.86 17.27
C GLY D 14 7.40 -1.95 16.60
N ARG D 15 8.61 -2.19 17.09
CA ARG D 15 9.48 -3.24 16.54
C ARG D 15 9.79 -4.29 17.61
N VAL D 16 9.58 -5.55 17.26
CA VAL D 16 9.83 -6.64 18.19
C VAL D 16 10.55 -7.81 17.52
N VAL D 17 11.06 -8.73 18.33
CA VAL D 17 11.78 -9.90 17.84
C VAL D 17 10.94 -11.16 18.04
N ILE D 18 11.00 -12.06 17.07
CA ILE D 18 10.27 -13.32 17.11
C ILE D 18 11.22 -14.50 17.33
N PRO D 19 10.71 -15.72 17.57
CA PRO D 19 11.54 -16.91 17.79
C PRO D 19 12.45 -17.18 16.59
N ILE D 20 13.72 -16.85 16.73
CA ILE D 20 14.70 -17.04 15.66
C ILE D 20 15.34 -18.42 15.72
N GLU D 21 14.97 -19.21 16.73
CA GLU D 21 15.51 -20.56 16.89
C GLU D 21 15.20 -21.39 15.63
N LEU D 22 14.08 -21.07 15.00
CA LEU D 22 13.66 -21.76 13.79
C LEU D 22 14.60 -21.43 12.63
N ARG D 23 14.80 -20.15 12.37
CA ARG D 23 15.67 -19.72 11.28
C ARG D 23 17.11 -20.17 11.55
N ARG D 24 17.49 -20.22 12.83
CA ARG D 24 18.83 -20.66 13.20
C ARG D 24 19.02 -22.12 12.85
N THR D 25 17.99 -22.92 13.10
CA THR D 25 18.03 -24.34 12.81
C THR D 25 18.01 -24.58 11.30
N LEU D 26 17.29 -23.73 10.59
CA LEU D 26 17.19 -23.83 9.14
C LEU D 26 18.52 -23.47 8.49
N GLY D 27 19.31 -22.66 9.18
CA GLY D 27 20.62 -22.26 8.68
C GLY D 27 20.54 -21.08 7.74
N ILE D 28 19.51 -20.27 7.89
CA ILE D 28 19.33 -19.10 7.05
C ILE D 28 19.75 -17.84 7.81
N ALA D 29 20.30 -16.88 7.08
CA ALA D 29 20.76 -15.64 7.68
C ALA D 29 19.74 -14.52 7.54
N GLU D 30 19.56 -14.02 6.31
CA GLU D 30 18.61 -12.92 6.08
C GLU D 30 18.18 -12.82 4.62
N LYS D 31 18.45 -13.85 3.84
CA LYS D 31 18.08 -13.83 2.44
C LYS D 31 16.67 -14.38 2.22
N ASP D 32 15.69 -13.77 2.88
CA ASP D 32 14.31 -14.20 2.75
C ASP D 32 13.35 -13.09 3.17
N ALA D 33 12.07 -13.28 2.91
CA ALA D 33 11.05 -12.29 3.24
C ALA D 33 9.80 -12.97 3.76
N LEU D 34 9.27 -12.45 4.86
CA LEU D 34 8.07 -13.00 5.48
C LEU D 34 6.85 -12.19 5.11
N GLU D 35 5.67 -12.75 5.33
CA GLU D 35 4.43 -12.05 5.01
C GLU D 35 3.57 -11.90 6.25
N ILE D 36 3.16 -10.65 6.52
CA ILE D 36 2.35 -10.35 7.67
C ILE D 36 0.88 -10.19 7.29
N TYR D 37 0.05 -11.09 7.79
CA TYR D 37 -1.38 -11.05 7.51
C TYR D 37 -2.12 -10.48 8.71
N VAL D 38 -2.57 -9.24 8.61
CA VAL D 38 -3.27 -8.60 9.71
C VAL D 38 -4.75 -8.94 9.69
N ASP D 39 -5.17 -9.79 10.61
CA ASP D 39 -6.57 -10.20 10.72
C ASP D 39 -7.16 -9.72 12.04
N ASP D 40 -7.61 -8.47 12.04
CA ASP D 40 -8.22 -7.84 13.22
C ASP D 40 -7.23 -7.75 14.38
N GLU D 41 -7.33 -8.68 15.33
CA GLU D 41 -6.46 -8.70 16.48
C GLU D 41 -5.44 -9.84 16.36
N LYS D 42 -5.51 -10.57 15.25
CA LYS D 42 -4.62 -11.70 15.02
C LYS D 42 -3.62 -11.36 13.92
N ILE D 43 -2.40 -11.06 14.31
CA ILE D 43 -1.36 -10.74 13.34
C ILE D 43 -0.61 -12.02 12.97
N ILE D 44 -1.04 -12.64 11.88
CA ILE D 44 -0.42 -13.89 11.43
C ILE D 44 0.86 -13.62 10.65
N LEU D 45 1.95 -14.21 11.12
CA LEU D 45 3.24 -14.04 10.49
C LEU D 45 3.75 -15.36 9.93
N LYS D 46 3.84 -15.44 8.62
CA LYS D 46 4.34 -16.63 7.96
C LYS D 46 5.83 -16.44 7.68
N LYS D 47 6.64 -17.43 8.07
CA LYS D 47 8.09 -17.37 7.91
C LYS D 47 8.46 -17.10 6.45
N TYR D 48 8.07 -18.00 5.56
CA TYR D 48 8.38 -17.83 4.15
C TYR D 48 7.61 -18.84 3.31
N LYS D 49 7.54 -18.57 2.02
CA LYS D 49 6.87 -19.44 1.07
C LYS D 49 7.41 -19.15 -0.32
N PRO D 50 7.76 -20.20 -1.10
CA PRO D 50 8.29 -20.03 -2.45
C PRO D 50 7.36 -19.21 -3.34
N ASN D 51 6.17 -19.76 -3.62
CA ASN D 51 5.17 -19.12 -4.46
C ASN D 51 5.72 -18.82 -5.85
N MET D 52 5.28 -19.60 -6.82
CA MET D 52 5.73 -19.43 -8.20
C MET D 52 5.10 -18.17 -8.79
N THR D 53 5.69 -17.03 -8.51
CA THR D 53 5.20 -15.76 -9.01
C THR D 53 5.79 -15.43 -10.37
N CYS D 54 5.00 -14.77 -11.19
CA CYS D 54 5.44 -14.38 -12.51
C CYS D 54 6.45 -13.24 -12.40
N GLN D 55 7.68 -13.50 -12.79
CA GLN D 55 8.73 -12.50 -12.72
C GLN D 55 9.61 -12.54 -13.97
N MET E 1 -4.67 24.12 -25.20
CA MET E 1 -3.77 23.88 -26.31
C MET E 1 -4.08 22.54 -26.97
N LYS E 2 -3.79 21.46 -26.25
CA LYS E 2 -4.03 20.12 -26.76
C LYS E 2 -4.05 19.10 -25.64
N SER E 3 -5.13 19.10 -24.87
CA SER E 3 -5.28 18.16 -23.76
C SER E 3 -5.86 16.84 -24.26
N THR E 4 -5.33 16.36 -25.38
CA THR E 4 -5.80 15.12 -25.97
C THR E 4 -4.71 14.05 -25.99
N GLY E 5 -4.54 13.38 -24.86
CA GLY E 5 -3.56 12.33 -24.75
C GLY E 5 -2.14 12.86 -24.66
N ILE E 6 -1.75 13.30 -23.47
CA ILE E 6 -0.42 13.83 -23.26
C ILE E 6 0.45 12.82 -22.52
N VAL E 7 1.43 12.27 -23.21
CA VAL E 7 2.34 11.30 -22.62
C VAL E 7 3.60 12.00 -22.13
N ARG E 8 3.70 12.20 -20.83
CA ARG E 8 4.83 12.87 -20.23
C ARG E 8 5.09 12.36 -18.81
N LYS E 9 6.31 12.53 -18.34
CA LYS E 9 6.68 12.12 -16.98
C LYS E 9 5.83 12.88 -15.97
N VAL E 10 5.11 12.14 -15.13
CA VAL E 10 4.23 12.74 -14.12
C VAL E 10 4.96 13.78 -13.26
N ASP E 11 5.91 13.32 -12.47
CA ASP E 11 6.68 14.18 -11.58
C ASP E 11 7.63 13.31 -10.77
N GLU E 12 8.83 13.79 -10.54
CA GLU E 12 9.83 13.02 -9.80
C GLU E 12 9.60 13.12 -8.30
N LEU E 13 8.35 12.94 -7.91
CA LEU E 13 7.96 13.00 -6.51
C LEU E 13 6.63 12.29 -6.31
N GLY E 14 5.59 12.79 -6.97
CA GLY E 14 4.28 12.17 -6.84
C GLY E 14 3.17 12.97 -7.51
N ARG E 15 3.52 14.05 -8.17
CA ARG E 15 2.53 14.89 -8.83
C ARG E 15 2.27 14.40 -10.25
N VAL E 16 1.26 14.97 -10.90
CA VAL E 16 0.91 14.60 -12.27
C VAL E 16 0.89 15.84 -13.17
N VAL E 17 1.49 15.69 -14.36
CA VAL E 17 1.55 16.77 -15.34
C VAL E 17 0.28 16.85 -16.19
N ILE E 18 -0.87 17.01 -15.54
CA ILE E 18 -2.12 17.11 -16.25
C ILE E 18 -2.25 18.52 -16.85
N PRO E 19 -2.52 18.60 -18.18
CA PRO E 19 -2.64 19.87 -18.92
C PRO E 19 -3.25 21.02 -18.10
N ILE E 20 -2.53 22.13 -18.03
CA ILE E 20 -2.96 23.31 -17.29
C ILE E 20 -4.25 23.90 -17.88
N GLU E 21 -4.34 23.92 -19.21
CA GLU E 21 -5.52 24.47 -19.88
C GLU E 21 -6.75 23.64 -19.56
N LEU E 22 -6.55 22.35 -19.35
CA LEU E 22 -7.64 21.44 -19.04
C LEU E 22 -8.25 21.80 -17.69
N ARG E 23 -7.40 21.90 -16.68
CA ARG E 23 -7.85 22.22 -15.33
C ARG E 23 -8.35 23.66 -15.25
N ARG E 24 -7.85 24.50 -16.15
CA ARG E 24 -8.28 25.89 -16.23
C ARG E 24 -9.74 25.94 -16.64
N THR E 25 -10.13 24.98 -17.47
CA THR E 25 -11.49 24.89 -17.96
C THR E 25 -12.37 24.09 -16.98
N LEU E 26 -11.76 23.12 -16.30
CA LEU E 26 -12.49 22.30 -15.34
C LEU E 26 -12.80 23.09 -14.08
N GLY E 27 -11.84 23.19 -13.16
CA GLY E 27 -12.04 23.93 -11.94
C GLY E 27 -13.17 23.34 -11.10
N ILE E 28 -13.03 22.08 -10.72
CA ILE E 28 -14.03 21.41 -9.92
C ILE E 28 -13.50 21.01 -8.55
N ALA E 29 -12.34 20.37 -8.51
CA ALA E 29 -11.76 19.93 -7.24
C ALA E 29 -10.33 19.42 -7.40
N GLU E 30 -9.69 19.76 -8.51
CA GLU E 30 -8.32 19.31 -8.79
C GLU E 30 -7.33 19.94 -7.81
N LYS E 31 -7.77 20.94 -7.08
CA LYS E 31 -6.92 21.63 -6.12
C LYS E 31 -7.34 21.28 -4.68
N ASP E 32 -8.19 20.27 -4.54
CA ASP E 32 -8.67 19.86 -3.22
C ASP E 32 -8.34 18.40 -2.94
N ALA E 33 -9.13 17.49 -3.50
CA ALA E 33 -8.92 16.05 -3.31
C ALA E 33 -9.47 15.29 -4.50
N LEU E 34 -8.81 14.21 -4.88
CA LEU E 34 -9.24 13.41 -6.02
C LEU E 34 -9.59 11.98 -5.61
N GLU E 35 -10.50 11.38 -6.35
CA GLU E 35 -10.93 10.02 -6.07
C GLU E 35 -10.23 9.04 -7.00
N ILE E 36 -9.46 8.13 -6.41
CA ILE E 36 -8.72 7.14 -7.17
C ILE E 36 -9.61 5.93 -7.48
N TYR E 37 -9.83 5.71 -8.78
CA TYR E 37 -10.65 4.61 -9.25
C TYR E 37 -9.89 3.81 -10.32
N VAL E 38 -10.44 2.67 -10.70
CA VAL E 38 -9.84 1.83 -11.72
C VAL E 38 -10.80 1.65 -12.88
N ASP E 39 -10.28 1.67 -14.10
CA ASP E 39 -11.13 1.53 -15.28
C ASP E 39 -10.53 0.55 -16.28
N ASP E 40 -10.92 -0.73 -16.13
CA ASP E 40 -10.47 -1.81 -17.01
C ASP E 40 -8.98 -2.10 -16.83
N GLU E 41 -8.14 -1.24 -17.36
CA GLU E 41 -6.70 -1.41 -17.27
C GLU E 41 -6.03 -0.12 -16.83
N LYS E 42 -6.62 1.01 -17.22
CA LYS E 42 -6.07 2.31 -16.87
C LYS E 42 -6.65 2.79 -15.55
N ILE E 43 -6.11 3.88 -15.04
CA ILE E 43 -6.56 4.42 -13.77
C ILE E 43 -7.36 5.69 -14.02
N ILE E 44 -8.43 5.89 -13.24
CA ILE E 44 -9.28 7.05 -13.40
C ILE E 44 -9.32 7.87 -12.11
N LEU E 45 -9.17 9.18 -12.24
CA LEU E 45 -9.22 10.08 -11.09
C LEU E 45 -10.47 10.94 -11.17
N LYS E 46 -11.35 10.79 -10.21
CA LYS E 46 -12.60 11.54 -10.18
C LYS E 46 -12.58 12.58 -9.06
N LYS E 47 -13.73 13.19 -8.81
CA LYS E 47 -13.87 14.21 -7.78
C LYS E 47 -13.90 13.56 -6.39
N TYR E 48 -15.06 13.02 -6.03
CA TYR E 48 -15.25 12.37 -4.74
C TYR E 48 -16.69 11.88 -4.58
N LYS E 49 -16.86 10.78 -3.86
CA LYS E 49 -18.19 10.25 -3.61
C LYS E 49 -18.60 10.60 -2.18
N PRO E 50 -19.74 11.27 -2.02
CA PRO E 50 -20.26 11.65 -0.70
C PRO E 50 -20.53 10.42 0.17
N ASN E 51 -19.73 10.24 1.20
CA ASN E 51 -19.88 9.10 2.08
C ASN E 51 -19.52 9.46 3.52
N MET E 52 -20.16 8.78 4.45
CA MET E 52 -19.91 9.00 5.88
C MET E 52 -19.62 7.68 6.57
N THR E 53 -20.06 6.59 5.95
CA THR E 53 -19.86 5.26 6.51
C THR E 53 -18.51 4.69 6.08
N CYS E 54 -17.76 4.17 7.04
CA CYS E 54 -16.46 3.56 6.75
C CYS E 54 -16.64 2.25 5.99
N GLN E 55 -17.79 1.63 6.16
CA GLN E 55 -18.11 0.38 5.48
C GLN E 55 -18.52 0.63 4.04
N MET F 1 -4.74 5.08 1.19
CA MET F 1 -5.77 5.05 0.16
C MET F 1 -5.46 4.02 -0.91
N LYS F 2 -6.45 3.69 -1.72
CA LYS F 2 -6.29 2.71 -2.78
C LYS F 2 -7.10 3.10 -4.00
N SER F 3 -6.98 2.32 -5.07
CA SER F 3 -7.69 2.59 -6.30
C SER F 3 -9.09 1.95 -6.30
N THR F 4 -9.57 1.63 -5.11
CA THR F 4 -10.88 1.01 -4.95
C THR F 4 -11.99 2.07 -4.89
N GLY F 5 -11.69 3.25 -5.39
CA GLY F 5 -12.65 4.33 -5.37
C GLY F 5 -12.54 5.12 -4.08
N ILE F 6 -11.31 5.53 -3.76
CA ILE F 6 -11.06 6.26 -2.53
C ILE F 6 -10.42 7.62 -2.82
N VAL F 7 -10.77 8.61 -2.02
CA VAL F 7 -10.26 9.97 -2.20
C VAL F 7 -8.92 10.17 -1.51
N ARG F 8 -8.08 11.01 -2.12
CA ARG F 8 -6.77 11.33 -1.58
C ARG F 8 -6.53 12.84 -1.71
N LYS F 9 -5.83 13.41 -0.74
CA LYS F 9 -5.54 14.84 -0.74
C LYS F 9 -4.66 15.25 -1.90
N VAL F 10 -5.02 16.37 -2.51
CA VAL F 10 -4.25 16.93 -3.61
C VAL F 10 -3.07 17.71 -3.04
N ASP F 11 -3.34 18.90 -2.53
CA ASP F 11 -2.34 19.77 -1.93
C ASP F 11 -3.01 21.05 -1.44
N GLU F 12 -2.23 22.06 -1.11
CA GLU F 12 -2.79 23.32 -0.61
C GLU F 12 -2.87 24.35 -1.74
N LEU F 13 -1.82 24.42 -2.55
CA LEU F 13 -1.77 25.36 -3.66
C LEU F 13 -2.57 24.84 -4.85
N GLY F 14 -2.17 23.68 -5.37
CA GLY F 14 -2.85 23.11 -6.51
C GLY F 14 -1.97 22.15 -7.29
N ARG F 15 -1.41 21.17 -6.60
CA ARG F 15 -0.54 20.19 -7.22
C ARG F 15 -1.14 18.81 -7.06
N VAL F 16 -1.52 18.18 -8.16
CA VAL F 16 -2.14 16.86 -8.12
C VAL F 16 -1.13 15.79 -7.69
N VAL F 17 -1.14 15.47 -6.40
CA VAL F 17 -0.26 14.46 -5.85
C VAL F 17 -1.01 13.14 -5.73
N ILE F 18 -0.64 12.19 -6.57
CA ILE F 18 -1.28 10.90 -6.55
C ILE F 18 -0.52 9.95 -5.62
N PRO F 19 -1.20 8.96 -5.05
CA PRO F 19 -0.57 7.99 -4.15
C PRO F 19 0.55 7.23 -4.83
N ILE F 20 1.77 7.39 -4.32
CA ILE F 20 2.93 6.71 -4.88
C ILE F 20 2.80 5.21 -4.67
N GLU F 21 1.97 4.84 -3.70
CA GLU F 21 1.72 3.44 -3.39
C GLU F 21 1.07 2.76 -4.58
N LEU F 22 0.37 3.54 -5.39
CA LEU F 22 -0.28 3.00 -6.58
C LEU F 22 0.78 2.61 -7.61
N ARG F 23 1.81 3.45 -7.73
CA ARG F 23 2.90 3.19 -8.67
C ARG F 23 3.62 1.92 -8.25
N ARG F 24 3.59 1.64 -6.95
CA ARG F 24 4.22 0.44 -6.39
C ARG F 24 3.47 -0.80 -6.87
N THR F 25 2.15 -0.78 -6.73
CA THR F 25 1.30 -1.89 -7.15
C THR F 25 1.41 -2.11 -8.66
N LEU F 26 1.42 -1.03 -9.41
CA LEU F 26 1.52 -1.10 -10.86
C LEU F 26 2.90 -1.60 -11.29
N GLY F 27 3.94 -1.03 -10.70
CA GLY F 27 5.29 -1.42 -11.04
C GLY F 27 5.98 -0.35 -11.86
N ILE F 28 5.69 0.91 -11.54
CA ILE F 28 6.29 2.04 -12.24
C ILE F 28 6.95 2.98 -11.24
N ALA F 29 7.61 4.01 -11.74
CA ALA F 29 8.27 4.97 -10.88
C ALA F 29 7.75 6.37 -11.16
N GLU F 30 8.33 7.36 -10.49
CA GLU F 30 7.91 8.75 -10.68
C GLU F 30 8.53 9.32 -11.95
N LYS F 31 9.50 8.59 -12.50
CA LYS F 31 10.19 9.00 -13.71
C LYS F 31 9.57 8.32 -14.93
N ASP F 32 8.29 7.97 -14.81
CA ASP F 32 7.58 7.31 -15.89
C ASP F 32 6.70 8.29 -16.65
N ALA F 33 6.63 8.12 -17.96
CA ALA F 33 5.82 8.98 -18.81
C ALA F 33 4.43 8.38 -19.01
N LEU F 34 3.44 8.97 -18.36
CA LEU F 34 2.09 8.48 -18.45
C LEU F 34 1.28 9.32 -19.44
N GLU F 35 0.20 8.74 -19.96
CA GLU F 35 -0.63 9.44 -20.91
C GLU F 35 -1.87 9.99 -20.22
N ILE F 36 -1.90 11.31 -20.06
CA ILE F 36 -3.02 11.96 -19.41
C ILE F 36 -4.08 12.34 -20.44
N TYR F 37 -5.27 11.78 -20.27
CA TYR F 37 -6.38 12.06 -21.15
C TYR F 37 -7.57 12.54 -20.32
N VAL F 38 -8.58 13.09 -20.98
CA VAL F 38 -9.75 13.59 -20.27
C VAL F 38 -11.03 12.96 -20.82
N ASP F 39 -11.92 12.58 -19.92
CA ASP F 39 -13.19 11.99 -20.30
C ASP F 39 -14.34 12.68 -19.57
N ASP F 40 -15.05 13.54 -20.30
CA ASP F 40 -16.19 14.27 -19.75
C ASP F 40 -15.76 15.24 -18.66
N GLU F 41 -15.57 14.74 -17.43
CA GLU F 41 -15.15 15.56 -16.32
C GLU F 41 -14.25 14.78 -15.36
N LYS F 42 -13.66 13.71 -15.84
CA LYS F 42 -12.79 12.89 -15.01
C LYS F 42 -11.40 12.78 -15.66
N ILE F 43 -10.37 12.59 -14.84
CA ILE F 43 -9.00 12.48 -15.33
C ILE F 43 -8.65 11.04 -15.68
N ILE F 44 -8.17 10.84 -16.90
CA ILE F 44 -7.78 9.52 -17.37
C ILE F 44 -6.28 9.35 -17.25
N LEU F 45 -5.85 8.43 -16.42
CA LEU F 45 -4.43 8.18 -16.22
C LEU F 45 -4.02 6.88 -16.92
N LYS F 46 -3.53 7.01 -18.14
CA LYS F 46 -3.09 5.87 -18.92
C LYS F 46 -1.61 5.61 -18.71
N LYS F 47 -1.18 4.40 -19.00
CA LYS F 47 0.21 4.02 -18.84
C LYS F 47 0.76 3.41 -20.13
N TYR F 48 0.34 2.19 -20.43
CA TYR F 48 0.79 1.49 -21.62
C TYR F 48 -0.10 0.28 -21.86
N LYS F 49 0.06 -0.36 -23.01
CA LYS F 49 -0.74 -1.54 -23.33
C LYS F 49 -0.18 -2.77 -22.60
N PRO F 50 -1.06 -3.52 -21.92
CA PRO F 50 -0.66 -4.71 -21.17
C PRO F 50 -0.24 -5.85 -22.10
N ASN F 51 -1.08 -6.88 -22.21
CA ASN F 51 -0.80 -8.05 -23.05
C ASN F 51 0.58 -8.62 -22.72
N MET F 52 0.94 -8.53 -21.44
CA MET F 52 2.24 -8.99 -20.97
C MET F 52 2.11 -9.56 -19.57
N THR F 53 2.84 -10.62 -19.30
CA THR F 53 2.82 -11.26 -18.01
C THR F 53 3.61 -10.44 -16.99
N CYS F 54 3.42 -10.75 -15.71
CA CYS F 54 4.14 -10.06 -14.65
C CYS F 54 5.63 -10.37 -14.76
N GLN F 55 6.44 -9.33 -14.80
CA GLN F 55 7.88 -9.51 -14.91
C GLN F 55 8.59 -8.75 -13.80
N MET C 1 3.83 -2.96 -2.44
CA MET C 1 3.78 -4.44 -2.26
C MET C 1 2.33 -4.89 -2.16
N LYS C 2 2.08 -6.16 -2.46
CA LYS C 2 0.73 -6.69 -2.41
C LYS C 2 0.54 -7.58 -1.19
N SER C 3 -0.67 -7.58 -0.66
CA SER C 3 -1.02 -8.37 0.51
C SER C 3 -1.25 -9.83 0.16
N THR C 4 -1.17 -10.14 -1.13
CA THR C 4 -1.38 -11.51 -1.61
C THR C 4 -0.25 -12.44 -1.21
N GLY C 5 0.82 -11.88 -0.64
CA GLY C 5 1.94 -12.68 -0.21
C GLY C 5 3.23 -12.24 -0.85
N ILE C 6 3.90 -11.30 -0.21
CA ILE C 6 5.16 -10.80 -0.72
C ILE C 6 6.34 -11.40 0.05
N VAL C 7 7.27 -12.00 -0.68
CA VAL C 7 8.44 -12.61 -0.06
C VAL C 7 9.48 -11.54 0.25
N ARG C 8 9.71 -11.30 1.53
CA ARG C 8 10.67 -10.31 1.97
C ARG C 8 11.85 -10.97 2.65
N LYS C 9 13.05 -10.55 2.28
CA LYS C 9 14.27 -11.10 2.85
C LYS C 9 14.45 -10.65 4.29
N VAL C 10 14.63 -11.62 5.17
CA VAL C 10 14.84 -11.34 6.57
C VAL C 10 16.31 -11.05 6.80
N ASP C 11 16.61 -9.79 7.08
CA ASP C 11 17.99 -9.37 7.28
C ASP C 11 18.51 -9.80 8.64
N GLU C 12 19.68 -9.28 9.02
CA GLU C 12 20.33 -9.60 10.29
C GLU C 12 19.60 -8.96 11.48
N LEU C 13 18.28 -8.91 11.39
CA LEU C 13 17.48 -8.33 12.45
C LEU C 13 16.48 -9.34 12.99
N GLY C 14 16.02 -10.23 12.13
CA GLY C 14 15.04 -11.22 12.52
C GLY C 14 13.71 -10.57 12.83
N ARG C 15 13.44 -9.45 12.16
CA ARG C 15 12.20 -8.71 12.36
C ARG C 15 11.42 -8.64 11.06
N VAL C 16 10.12 -8.39 11.18
CA VAL C 16 9.26 -8.32 10.02
C VAL C 16 9.11 -6.87 9.56
N VAL C 17 9.62 -6.56 8.38
CA VAL C 17 9.52 -5.23 7.82
C VAL C 17 8.26 -5.10 6.97
N ILE C 18 7.27 -4.39 7.50
CA ILE C 18 6.00 -4.21 6.80
C ILE C 18 6.10 -3.10 5.75
N PRO C 19 5.71 -3.40 4.50
CA PRO C 19 5.74 -2.43 3.39
C PRO C 19 4.81 -1.24 3.64
N ILE C 20 5.01 -0.18 2.88
CA ILE C 20 4.21 1.04 3.03
C ILE C 20 2.75 0.78 2.66
N GLU C 21 2.54 0.12 1.53
CA GLU C 21 1.19 -0.19 1.06
C GLU C 21 0.44 -1.01 2.09
N LEU C 22 1.06 -2.10 2.52
CA LEU C 22 0.46 -3.00 3.48
C LEU C 22 0.21 -2.31 4.81
N ARG C 23 1.16 -1.49 5.27
CA ARG C 23 1.01 -0.80 6.54
C ARG C 23 -0.19 0.15 6.51
N ARG C 24 -0.40 0.81 5.38
CA ARG C 24 -1.51 1.73 5.23
C ARG C 24 -2.84 0.98 5.11
N THR C 25 -2.77 -0.26 4.63
CA THR C 25 -3.96 -1.09 4.47
C THR C 25 -4.28 -1.83 5.77
N LEU C 26 -3.31 -1.86 6.68
CA LEU C 26 -3.48 -2.53 7.97
C LEU C 26 -4.63 -1.93 8.77
N GLY C 27 -4.80 -0.62 8.64
CA GLY C 27 -5.87 0.06 9.36
C GLY C 27 -5.57 0.26 10.83
N ILE C 28 -4.30 0.43 11.15
CA ILE C 28 -3.89 0.64 12.54
C ILE C 28 -3.00 1.86 12.66
N ALA C 29 -2.57 2.15 13.88
CA ALA C 29 -1.72 3.30 14.15
C ALA C 29 -0.25 2.96 13.94
N GLU C 30 0.61 3.92 14.26
CA GLU C 30 2.05 3.75 14.10
C GLU C 30 2.58 2.71 15.08
N LYS C 31 2.35 2.93 16.37
CA LYS C 31 2.82 2.03 17.40
C LYS C 31 1.66 1.31 18.09
N ASP C 32 1.24 0.21 17.50
CA ASP C 32 0.14 -0.58 18.04
C ASP C 32 0.65 -1.91 18.59
N ALA C 33 -0.24 -2.73 19.09
CA ALA C 33 0.12 -4.04 19.63
C ALA C 33 -0.39 -5.14 18.72
N LEU C 34 0.36 -6.23 18.62
CA LEU C 34 -0.03 -7.35 17.77
C LEU C 34 0.08 -8.67 18.53
N GLU C 35 -0.79 -9.61 18.17
CA GLU C 35 -0.80 -10.92 18.79
C GLU C 35 -0.04 -11.89 17.90
N ILE C 36 1.14 -12.29 18.33
CA ILE C 36 1.99 -13.19 17.58
C ILE C 36 1.67 -14.65 17.90
N TYR C 37 1.08 -15.34 16.94
CA TYR C 37 0.75 -16.75 17.10
C TYR C 37 1.67 -17.61 16.24
N VAL C 38 2.66 -18.23 16.87
CA VAL C 38 3.60 -19.08 16.14
C VAL C 38 3.04 -20.49 16.01
N ASP C 39 2.77 -20.89 14.78
CA ASP C 39 2.22 -22.22 14.51
C ASP C 39 3.12 -23.01 13.57
N ASP C 40 3.98 -23.83 14.15
CA ASP C 40 4.91 -24.68 13.40
C ASP C 40 5.93 -23.84 12.63
N GLU C 41 5.62 -23.56 11.37
CA GLU C 41 6.52 -22.78 10.52
C GLU C 41 5.82 -21.54 9.98
N LYS C 42 4.67 -21.21 10.56
CA LYS C 42 3.92 -20.04 10.14
C LYS C 42 3.67 -19.12 11.32
N ILE C 43 3.73 -17.82 11.08
CA ILE C 43 3.50 -16.85 12.13
C ILE C 43 2.26 -16.02 11.83
N ILE C 44 1.20 -16.26 12.58
CA ILE C 44 -0.05 -15.53 12.39
C ILE C 44 -0.08 -14.32 13.31
N LEU C 45 -0.05 -13.15 12.73
CA LEU C 45 -0.07 -11.91 13.47
C LEU C 45 -1.48 -11.35 13.52
N LYS C 46 -2.17 -11.58 14.63
CA LYS C 46 -3.53 -11.09 14.81
C LYS C 46 -3.48 -9.66 15.32
N LYS C 47 -3.94 -8.74 14.50
CA LYS C 47 -3.93 -7.33 14.84
C LYS C 47 -5.34 -6.77 14.89
N TYR C 48 -5.46 -5.52 15.30
CA TYR C 48 -6.74 -4.85 15.38
C TYR C 48 -7.07 -4.18 14.06
N LYS C 49 -8.19 -3.46 14.02
CA LYS C 49 -8.61 -2.77 12.81
C LYS C 49 -9.64 -1.69 13.14
N PRO C 50 -9.25 -0.67 13.93
CA PRO C 50 -10.17 0.42 14.33
C PRO C 50 -10.65 1.24 13.14
N ASN C 51 -9.90 1.21 12.05
CA ASN C 51 -10.26 1.94 10.84
C ASN C 51 -11.39 1.25 10.09
N MET C 52 -11.55 -0.04 10.32
CA MET C 52 -12.60 -0.81 9.66
C MET C 52 -13.96 -0.45 10.24
N THR C 53 -14.01 -0.32 11.55
CA THR C 53 -15.24 0.00 12.25
C THR C 53 -15.38 1.51 12.44
N CYS C 54 -14.99 2.27 11.43
CA CYS C 54 -15.09 3.73 11.48
C CYS C 54 -16.47 4.19 11.02
N GLN C 55 -17.41 4.23 11.95
CA GLN C 55 -18.78 4.65 11.64
C GLN C 55 -19.07 6.03 12.22
N MET D 1 6.87 -24.79 25.14
CA MET D 1 6.64 -23.49 25.75
C MET D 1 6.54 -22.40 24.68
N LYS D 2 6.09 -22.80 23.50
CA LYS D 2 5.93 -21.87 22.39
C LYS D 2 4.83 -20.85 22.69
N SER D 3 5.11 -19.59 22.38
CA SER D 3 4.15 -18.51 22.61
C SER D 3 3.05 -18.55 21.54
N THR D 4 1.96 -19.24 21.84
CA THR D 4 0.86 -19.37 20.93
C THR D 4 -0.18 -18.26 21.12
N GLY D 5 0.12 -17.09 20.57
CA GLY D 5 -0.80 -15.96 20.67
C GLY D 5 -0.37 -14.99 21.75
N ILE D 6 0.86 -14.53 21.65
CA ILE D 6 1.41 -13.60 22.63
C ILE D 6 1.27 -12.16 22.14
N VAL D 7 0.74 -11.28 22.98
CA VAL D 7 0.57 -9.89 22.62
C VAL D 7 1.86 -9.13 22.86
N ARG D 8 2.39 -8.51 21.82
CA ARG D 8 3.62 -7.74 21.91
C ARG D 8 3.45 -6.39 21.24
N LYS D 9 4.02 -5.36 21.83
CA LYS D 9 3.93 -4.03 21.24
C LYS D 9 4.84 -3.96 20.02
N VAL D 10 4.56 -3.01 19.12
CA VAL D 10 5.33 -2.83 17.91
C VAL D 10 6.84 -2.75 18.17
N ASP D 11 7.64 -3.11 17.17
CA ASP D 11 9.10 -3.08 17.28
C ASP D 11 9.57 -1.65 17.46
N GLU D 12 8.91 -0.73 16.75
CA GLU D 12 9.22 0.69 16.81
C GLU D 12 8.29 1.45 15.86
N LEU D 13 8.49 1.26 14.58
CA LEU D 13 7.66 1.92 13.57
C LEU D 13 7.02 0.89 12.64
N GLY D 14 7.65 0.65 11.51
CA GLY D 14 7.13 -0.32 10.55
C GLY D 14 7.84 -1.65 10.65
N ARG D 15 7.84 -2.22 11.84
CA ARG D 15 8.48 -3.50 12.09
C ARG D 15 7.70 -4.30 13.12
N VAL D 16 7.56 -5.60 12.88
CA VAL D 16 6.86 -6.49 13.79
C VAL D 16 7.86 -7.35 14.56
N VAL D 17 7.59 -7.56 15.83
CA VAL D 17 8.48 -8.32 16.70
C VAL D 17 8.17 -9.82 16.67
N ILE D 18 9.05 -10.58 17.32
CA ILE D 18 8.94 -12.03 17.41
C ILE D 18 9.46 -12.47 18.79
N PRO D 19 8.78 -13.43 19.46
CA PRO D 19 9.19 -13.92 20.79
C PRO D 19 10.69 -14.25 20.89
N ILE D 20 11.36 -13.55 21.80
CA ILE D 20 12.80 -13.74 22.03
C ILE D 20 13.10 -15.14 22.57
N GLU D 21 12.23 -15.63 23.45
CA GLU D 21 12.43 -16.93 24.06
C GLU D 21 12.46 -18.03 23.02
N LEU D 22 11.60 -17.92 22.01
CA LEU D 22 11.53 -18.92 20.96
C LEU D 22 12.73 -18.83 20.05
N ARG D 23 13.12 -17.61 19.69
CA ARG D 23 14.26 -17.42 18.82
C ARG D 23 15.56 -17.78 19.51
N ARG D 24 15.62 -17.60 20.83
CA ARG D 24 16.82 -17.95 21.58
C ARG D 24 17.03 -19.45 21.58
N THR D 25 15.93 -20.19 21.48
CA THR D 25 16.00 -21.65 21.42
C THR D 25 15.98 -22.11 19.97
N LEU D 26 15.77 -21.15 19.08
CA LEU D 26 15.73 -21.40 17.64
C LEU D 26 17.04 -20.99 17.00
N GLY D 27 18.04 -21.86 17.08
CA GLY D 27 19.34 -21.59 16.53
C GLY D 27 19.42 -21.75 15.02
N ILE D 28 18.44 -21.18 14.32
CA ILE D 28 18.42 -21.26 12.87
C ILE D 28 18.91 -19.95 12.27
N ALA D 29 19.19 -19.96 10.98
CA ALA D 29 19.69 -18.78 10.28
C ALA D 29 18.65 -17.66 10.29
N GLU D 30 19.12 -16.43 10.46
CA GLU D 30 18.23 -15.27 10.45
C GLU D 30 18.15 -14.69 9.04
N LYS D 31 19.26 -14.78 8.31
CA LYS D 31 19.33 -14.29 6.94
C LYS D 31 18.55 -15.23 6.01
N ASP D 32 17.24 -15.14 6.05
CA ASP D 32 16.38 -15.98 5.23
C ASP D 32 15.36 -15.11 4.50
N ALA D 33 14.22 -15.69 4.15
CA ALA D 33 13.17 -14.97 3.46
C ALA D 33 11.80 -15.49 3.88
N LEU D 34 10.93 -14.60 4.32
CA LEU D 34 9.59 -14.97 4.75
C LEU D 34 8.55 -14.32 3.87
N GLU D 35 7.44 -15.01 3.68
CA GLU D 35 6.36 -14.49 2.84
C GLU D 35 5.32 -13.80 3.71
N ILE D 36 5.09 -12.53 3.42
CA ILE D 36 4.11 -11.75 4.16
C ILE D 36 2.77 -11.74 3.44
N TYR D 37 1.86 -12.60 3.89
CA TYR D 37 0.53 -12.69 3.31
C TYR D 37 -0.50 -12.09 4.26
N VAL D 38 -1.14 -11.01 3.84
CA VAL D 38 -2.14 -10.36 4.66
C VAL D 38 -3.51 -10.91 4.33
N ASP D 39 -4.06 -11.69 5.23
CA ASP D 39 -5.36 -12.30 5.03
C ASP D 39 -6.46 -11.37 5.51
N ASP D 40 -7.02 -10.62 4.55
CA ASP D 40 -8.11 -9.68 4.81
C ASP D 40 -7.60 -8.45 5.57
N GLU D 41 -7.26 -8.65 6.84
CA GLU D 41 -6.77 -7.56 7.68
C GLU D 41 -5.61 -8.03 8.56
N LYS D 42 -5.63 -9.29 8.94
CA LYS D 42 -4.57 -9.86 9.77
C LYS D 42 -3.39 -10.27 8.90
N ILE D 43 -2.24 -10.51 9.50
CA ILE D 43 -1.06 -10.89 8.73
C ILE D 43 -0.62 -12.31 9.04
N ILE D 44 -0.28 -13.05 7.99
CA ILE D 44 0.19 -14.42 8.14
C ILE D 44 1.53 -14.58 7.43
N LEU D 45 2.58 -14.84 8.19
CA LEU D 45 3.91 -15.00 7.63
C LEU D 45 4.22 -16.47 7.38
N LYS D 46 4.58 -16.77 6.14
CA LYS D 46 4.91 -18.13 5.75
C LYS D 46 6.38 -18.20 5.32
N LYS D 47 6.84 -19.39 4.96
CA LYS D 47 8.20 -19.57 4.53
C LYS D 47 8.33 -19.32 3.02
N TYR D 48 9.49 -19.68 2.46
CA TYR D 48 9.74 -19.49 1.04
C TYR D 48 8.73 -20.27 0.20
N LYS D 49 8.38 -19.71 -0.96
CA LYS D 49 7.42 -20.34 -1.85
C LYS D 49 7.95 -20.31 -3.28
N PRO D 50 7.35 -21.10 -4.21
CA PRO D 50 7.76 -21.15 -5.62
C PRO D 50 8.00 -19.76 -6.22
N ASN D 51 6.99 -18.91 -6.19
CA ASN D 51 7.13 -17.56 -6.74
C ASN D 51 7.89 -16.67 -5.77
N MET D 52 9.17 -16.51 -6.04
CA MET D 52 10.03 -15.70 -5.19
C MET D 52 10.09 -14.26 -5.69
N THR D 53 10.76 -13.41 -4.92
CA THR D 53 10.91 -12.00 -5.26
C THR D 53 11.64 -11.82 -6.59
N CYS D 54 11.17 -10.88 -7.39
CA CYS D 54 11.76 -10.61 -8.69
C CYS D 54 12.89 -9.59 -8.56
N GLN D 55 14.03 -9.89 -9.14
CA GLN D 55 15.19 -9.00 -9.08
C GLN D 55 16.02 -9.10 -10.36
N MET E 1 -7.67 20.52 -26.98
CA MET E 1 -6.63 20.05 -27.88
C MET E 1 -6.22 18.62 -27.53
N LYS E 2 -5.70 18.45 -26.33
CA LYS E 2 -5.26 17.14 -25.87
C LYS E 2 -6.13 16.68 -24.71
N SER E 3 -7.35 17.21 -24.67
CA SER E 3 -8.30 16.87 -23.62
C SER E 3 -8.72 15.41 -23.70
N THR E 4 -8.43 14.76 -24.83
CA THR E 4 -8.76 13.36 -25.03
C THR E 4 -7.84 12.46 -24.21
N GLY E 5 -6.79 13.04 -23.64
CA GLY E 5 -5.85 12.29 -22.86
C GLY E 5 -4.67 13.13 -22.45
N ILE E 6 -4.85 13.92 -21.40
CA ILE E 6 -3.80 14.80 -20.92
C ILE E 6 -2.70 13.99 -20.26
N VAL E 7 -1.70 13.61 -21.05
CA VAL E 7 -0.59 12.83 -20.55
C VAL E 7 0.33 13.69 -19.70
N ARG E 8 0.04 13.74 -18.41
CA ARG E 8 0.83 14.53 -17.48
C ARG E 8 2.00 13.71 -16.95
N LYS E 9 3.19 14.29 -17.03
CA LYS E 9 4.39 13.63 -16.58
C LYS E 9 4.43 13.54 -15.06
N VAL E 10 5.05 12.50 -14.56
CA VAL E 10 5.19 12.30 -13.13
C VAL E 10 6.43 13.04 -12.64
N ASP E 11 6.27 13.80 -11.57
CA ASP E 11 7.39 14.55 -11.01
C ASP E 11 8.39 13.59 -10.39
N GLU E 12 9.59 14.09 -10.10
CA GLU E 12 10.63 13.27 -9.49
C GLU E 12 10.24 12.88 -8.07
N LEU E 13 9.22 13.53 -7.55
CA LEU E 13 8.72 13.26 -6.22
C LEU E 13 7.71 12.12 -6.25
N GLY E 14 7.53 11.54 -7.43
CA GLY E 14 6.58 10.47 -7.59
C GLY E 14 5.17 10.98 -7.48
N ARG E 15 4.96 12.18 -7.96
CA ARG E 15 3.66 12.82 -7.91
C ARG E 15 3.27 13.29 -9.29
N VAL E 16 2.04 13.00 -9.70
CA VAL E 16 1.57 13.40 -11.02
C VAL E 16 0.94 14.77 -10.97
N VAL E 17 1.41 15.65 -11.85
CA VAL E 17 0.90 17.01 -11.91
C VAL E 17 -0.54 17.01 -12.45
N ILE E 18 -1.50 16.87 -11.55
CA ILE E 18 -2.91 16.85 -11.93
C ILE E 18 -3.26 18.15 -12.65
N PRO E 19 -4.07 18.07 -13.72
CA PRO E 19 -4.48 19.25 -14.48
C PRO E 19 -5.30 20.22 -13.64
N ILE E 20 -4.65 21.27 -13.15
CA ILE E 20 -5.32 22.28 -12.34
C ILE E 20 -6.31 23.05 -13.21
N GLU E 21 -6.23 22.84 -14.52
CA GLU E 21 -7.13 23.47 -15.48
C GLU E 21 -8.58 23.17 -15.13
N LEU E 22 -8.82 22.00 -14.53
CA LEU E 22 -10.17 21.61 -14.15
C LEU E 22 -10.65 22.52 -13.01
N ARG E 23 -9.71 22.96 -12.18
CA ARG E 23 -10.02 23.84 -11.07
C ARG E 23 -9.97 25.29 -11.53
N ARG E 24 -9.27 25.50 -12.64
CA ARG E 24 -9.12 26.81 -13.23
C ARG E 24 -10.44 27.26 -13.84
N THR E 25 -11.05 26.37 -14.60
CA THR E 25 -12.34 26.64 -15.22
C THR E 25 -13.47 26.35 -14.24
N LEU E 26 -13.39 25.20 -13.58
CA LEU E 26 -14.41 24.81 -12.61
C LEU E 26 -13.84 24.78 -11.20
N GLY E 27 -13.65 23.58 -10.65
CA GLY E 27 -13.10 23.43 -9.31
C GLY E 27 -14.03 23.96 -8.23
N ILE E 28 -13.55 23.91 -6.99
CA ILE E 28 -14.32 24.39 -5.86
C ILE E 28 -13.37 25.11 -4.91
N ALA E 29 -12.56 24.34 -4.20
CA ALA E 29 -11.59 24.89 -3.27
C ALA E 29 -10.21 24.31 -3.54
N GLU E 30 -9.18 25.00 -3.09
CA GLU E 30 -7.81 24.54 -3.30
C GLU E 30 -7.37 23.59 -2.19
N LYS E 31 -8.31 23.22 -1.33
CA LYS E 31 -8.03 22.31 -0.23
C LYS E 31 -9.08 21.20 -0.23
N ASP E 32 -9.52 20.82 -1.41
CA ASP E 32 -10.52 19.77 -1.56
C ASP E 32 -9.86 18.40 -1.48
N ALA E 33 -10.66 17.36 -1.63
CA ALA E 33 -10.16 16.00 -1.59
C ALA E 33 -10.74 15.18 -2.75
N LEU E 34 -9.90 14.33 -3.32
CA LEU E 34 -10.34 13.49 -4.44
C LEU E 34 -10.40 12.03 -4.02
N GLU E 35 -11.52 11.38 -4.35
CA GLU E 35 -11.74 9.98 -4.02
C GLU E 35 -11.01 9.09 -5.02
N ILE E 36 -9.95 8.45 -4.57
CA ILE E 36 -9.17 7.57 -5.43
C ILE E 36 -9.79 6.17 -5.45
N TYR E 37 -10.28 5.77 -6.62
CA TYR E 37 -10.90 4.47 -6.82
C TYR E 37 -10.48 3.91 -8.18
N VAL E 38 -10.59 2.61 -8.38
CA VAL E 38 -10.21 2.02 -9.66
C VAL E 38 -11.41 1.32 -10.30
N ASP E 39 -11.38 1.23 -11.62
CA ASP E 39 -12.44 0.59 -12.37
C ASP E 39 -11.86 -0.21 -13.53
N ASP E 40 -11.71 -1.52 -13.30
CA ASP E 40 -11.18 -2.46 -14.29
C ASP E 40 -9.68 -2.26 -14.55
N GLU E 41 -9.33 -1.28 -15.38
CA GLU E 41 -7.93 -1.03 -15.71
C GLU E 41 -7.60 0.45 -15.65
N LYS E 42 -8.57 1.25 -15.23
CA LYS E 42 -8.38 2.69 -15.15
C LYS E 42 -8.66 3.20 -13.75
N ILE E 43 -8.05 4.32 -13.40
CA ILE E 43 -8.25 4.91 -12.08
C ILE E 43 -9.25 6.06 -12.18
N ILE E 44 -10.15 6.13 -11.20
CA ILE E 44 -11.17 7.16 -11.18
C ILE E 44 -10.97 8.06 -9.97
N LEU E 45 -10.94 9.36 -10.22
CA LEU E 45 -10.78 10.35 -9.17
C LEU E 45 -12.00 11.26 -9.12
N LYS E 46 -12.84 11.07 -8.11
CA LYS E 46 -14.05 11.87 -7.96
C LYS E 46 -13.86 12.92 -6.88
N LYS E 47 -14.71 13.95 -6.89
CA LYS E 47 -14.63 14.98 -5.88
C LYS E 47 -15.33 14.50 -4.62
N TYR E 48 -14.72 14.76 -3.46
CA TYR E 48 -15.28 14.34 -2.19
C TYR E 48 -16.68 14.90 -1.98
N LYS E 49 -17.52 14.11 -1.33
CA LYS E 49 -18.89 14.49 -1.06
C LYS E 49 -18.98 15.06 0.36
N PRO E 50 -20.02 15.88 0.65
CA PRO E 50 -20.19 16.48 1.99
C PRO E 50 -20.15 15.42 3.09
N ASN E 51 -19.19 15.56 3.99
CA ASN E 51 -19.02 14.62 5.10
C ASN E 51 -18.09 15.21 6.15
N MET E 52 -18.08 14.63 7.34
CA MET E 52 -17.23 15.12 8.41
C MET E 52 -16.00 14.24 8.56
N THR E 53 -16.20 13.01 9.02
CA THR E 53 -15.09 12.09 9.20
C THR E 53 -15.49 10.65 8.83
N CYS E 54 -16.32 10.03 9.65
CA CYS E 54 -16.77 8.67 9.40
C CYS E 54 -18.27 8.53 9.66
N GLN E 55 -18.77 9.28 10.64
CA GLN E 55 -20.18 9.24 11.00
C GLN E 55 -21.08 9.65 9.83
N MET F 1 -2.33 5.26 0.36
CA MET F 1 -3.32 5.68 -0.62
C MET F 1 -3.75 4.52 -1.51
N LYS F 2 -4.80 3.83 -1.09
CA LYS F 2 -5.31 2.70 -1.86
C LYS F 2 -6.48 3.16 -2.71
N SER F 3 -6.52 2.69 -3.95
CA SER F 3 -7.57 3.06 -4.89
C SER F 3 -8.86 2.28 -4.64
N THR F 4 -9.17 2.03 -3.38
CA THR F 4 -10.37 1.31 -3.01
C THR F 4 -11.41 2.27 -2.44
N GLY F 5 -11.32 3.54 -2.85
CA GLY F 5 -12.24 4.54 -2.36
C GLY F 5 -11.63 5.37 -1.26
N ILE F 6 -10.36 5.74 -1.43
CA ILE F 6 -9.68 6.54 -0.42
C ILE F 6 -9.36 7.92 -0.98
N VAL F 7 -9.75 8.94 -0.23
CA VAL F 7 -9.54 10.32 -0.66
C VAL F 7 -8.16 10.85 -0.29
N ARG F 8 -7.73 11.86 -1.02
CA ARG F 8 -6.47 12.53 -0.78
C ARG F 8 -6.68 14.02 -1.03
N LYS F 9 -6.20 14.86 -0.13
CA LYS F 9 -6.36 16.30 -0.24
C LYS F 9 -5.45 16.88 -1.32
N VAL F 10 -5.89 17.98 -1.91
CA VAL F 10 -5.09 18.67 -2.91
C VAL F 10 -4.35 19.81 -2.24
N ASP F 11 -3.05 19.87 -2.43
CA ASP F 11 -2.24 20.89 -1.79
C ASP F 11 -1.71 21.90 -2.79
N GLU F 12 -0.49 22.40 -2.51
CA GLU F 12 0.23 23.40 -3.33
C GLU F 12 -0.32 23.55 -4.75
N LEU F 13 -0.08 22.57 -5.59
CA LEU F 13 -0.56 22.60 -6.96
C LEU F 13 -1.72 21.63 -7.10
N GLY F 14 -1.87 20.77 -6.11
CA GLY F 14 -2.93 19.77 -6.11
C GLY F 14 -2.52 18.52 -6.83
N ARG F 15 -1.21 18.34 -6.99
CA ARG F 15 -0.66 17.18 -7.66
C ARG F 15 -1.08 15.90 -6.94
N VAL F 16 -1.54 14.91 -7.70
CA VAL F 16 -2.00 13.66 -7.14
C VAL F 16 -0.84 12.78 -6.68
N VAL F 17 -1.03 12.12 -5.54
CA VAL F 17 -0.01 11.27 -4.97
C VAL F 17 -0.23 9.80 -5.31
N ILE F 18 0.83 9.17 -5.77
CA ILE F 18 0.81 7.75 -6.09
C ILE F 18 2.05 7.08 -5.49
N PRO F 19 1.87 6.31 -4.40
CA PRO F 19 2.97 5.64 -3.69
C PRO F 19 3.89 4.84 -4.60
N ILE F 20 5.17 4.82 -4.25
CA ILE F 20 6.20 4.09 -5.01
C ILE F 20 5.78 2.65 -5.25
N GLU F 21 5.33 2.00 -4.19
CA GLU F 21 4.91 0.61 -4.25
C GLU F 21 3.75 0.43 -5.22
N LEU F 22 2.86 1.42 -5.30
CA LEU F 22 1.73 1.36 -6.21
C LEU F 22 2.20 1.58 -7.64
N ARG F 23 3.19 2.46 -7.81
CA ARG F 23 3.75 2.75 -9.13
C ARG F 23 4.36 1.48 -9.71
N ARG F 24 5.15 0.78 -8.89
CA ARG F 24 5.79 -0.46 -9.31
C ARG F 24 4.73 -1.52 -9.61
N THR F 25 3.57 -1.37 -8.99
CA THR F 25 2.46 -2.29 -9.20
C THR F 25 1.82 -2.07 -10.57
N LEU F 26 1.52 -0.82 -10.87
CA LEU F 26 0.91 -0.46 -12.14
C LEU F 26 1.91 -0.62 -13.29
N GLY F 27 3.19 -0.57 -12.94
CA GLY F 27 4.23 -0.71 -13.93
C GLY F 27 4.72 0.62 -14.45
N ILE F 28 4.48 1.67 -13.66
CA ILE F 28 4.89 3.02 -14.05
C ILE F 28 6.00 3.51 -13.12
N ALA F 29 6.79 4.46 -13.61
CA ALA F 29 7.85 5.03 -12.82
C ALA F 29 7.57 6.51 -12.59
N GLU F 30 8.44 7.17 -11.84
CA GLU F 30 8.26 8.59 -11.54
C GLU F 30 8.81 9.44 -12.69
N LYS F 31 8.98 8.81 -13.84
CA LYS F 31 9.48 9.49 -15.03
C LYS F 31 8.60 9.12 -16.22
N ASP F 32 7.35 8.81 -15.92
CA ASP F 32 6.39 8.41 -16.94
C ASP F 32 5.34 9.51 -17.16
N ALA F 33 4.29 9.18 -17.90
CA ALA F 33 3.23 10.14 -18.18
C ALA F 33 1.88 9.44 -18.17
N LEU F 34 1.01 9.86 -17.26
CA LEU F 34 -0.31 9.25 -17.15
C LEU F 34 -1.32 9.96 -18.04
N GLU F 35 -2.13 9.17 -18.73
CA GLU F 35 -3.16 9.70 -19.61
C GLU F 35 -4.36 10.13 -18.77
N ILE F 36 -4.41 11.40 -18.43
CA ILE F 36 -5.48 11.94 -17.63
C ILE F 36 -6.64 12.40 -18.50
N TYR F 37 -7.75 11.69 -18.37
CA TYR F 37 -8.96 11.99 -19.12
C TYR F 37 -10.04 12.49 -18.14
N VAL F 38 -11.15 12.97 -18.67
CA VAL F 38 -12.23 13.47 -17.84
C VAL F 38 -13.56 12.84 -18.24
N ASP F 39 -14.30 12.34 -17.26
CA ASP F 39 -15.59 11.70 -17.52
C ASP F 39 -16.66 12.35 -16.66
N ASP F 40 -17.45 13.20 -17.29
CA ASP F 40 -18.54 13.91 -16.62
C ASP F 40 -18.03 14.85 -15.54
N GLU F 41 -17.99 14.37 -14.31
CA GLU F 41 -17.55 15.17 -13.18
C GLU F 41 -16.39 14.52 -12.43
N LYS F 42 -15.86 13.45 -12.99
CA LYS F 42 -14.76 12.75 -12.34
C LYS F 42 -13.53 12.66 -13.26
N ILE F 43 -12.36 12.61 -12.67
CA ILE F 43 -11.12 12.53 -13.42
C ILE F 43 -10.77 11.06 -13.68
N ILE F 44 -10.29 10.78 -14.87
CA ILE F 44 -9.93 9.41 -15.24
C ILE F 44 -8.44 9.30 -15.45
N LEU F 45 -7.77 8.57 -14.56
CA LEU F 45 -6.34 8.39 -14.66
C LEU F 45 -6.04 7.07 -15.35
N LYS F 46 -5.65 7.15 -16.61
CA LYS F 46 -5.34 5.95 -17.39
C LYS F 46 -3.83 5.76 -17.51
N LYS F 47 -3.40 4.52 -17.44
CA LYS F 47 -2.00 4.19 -17.54
C LYS F 47 -1.77 3.19 -18.66
N TYR F 48 -0.57 3.21 -19.23
CA TYR F 48 -0.23 2.31 -20.33
C TYR F 48 -0.15 0.87 -19.85
N LYS F 49 -0.06 -0.06 -20.79
CA LYS F 49 0.01 -1.48 -20.47
C LYS F 49 1.45 -2.00 -20.59
N PRO F 50 2.13 -2.22 -19.46
CA PRO F 50 3.50 -2.72 -19.45
C PRO F 50 3.58 -4.21 -19.80
N ASN F 51 2.59 -4.96 -19.30
CA ASN F 51 2.50 -6.40 -19.53
C ASN F 51 3.73 -7.11 -18.99
N MET F 52 4.20 -6.67 -17.84
CA MET F 52 5.37 -7.26 -17.21
C MET F 52 5.29 -7.13 -15.70
N THR F 53 5.58 -8.22 -15.01
CA THR F 53 5.52 -8.26 -13.56
C THR F 53 6.74 -7.61 -12.91
N CYS F 54 7.78 -7.36 -13.69
CA CYS F 54 9.00 -6.76 -13.17
C CYS F 54 9.47 -5.60 -14.04
N GLN F 55 9.36 -4.39 -13.50
CA GLN F 55 9.79 -3.16 -14.18
C GLN F 55 9.09 -2.99 -15.53
N MET C 1 11.73 -1.66 1.04
CA MET C 1 11.06 -2.75 0.28
C MET C 1 9.78 -3.19 0.99
N LYS C 2 8.66 -3.15 0.26
CA LYS C 2 7.37 -3.55 0.79
C LYS C 2 6.65 -4.44 -0.22
N SER C 3 6.21 -5.60 0.23
CA SER C 3 5.54 -6.55 -0.65
C SER C 3 4.02 -6.34 -0.68
N THR C 4 3.42 -6.68 -1.82
CA THR C 4 1.98 -6.53 -2.04
C THR C 4 1.23 -7.75 -1.52
N GLY C 5 1.56 -8.20 -0.31
CA GLY C 5 0.90 -9.36 0.25
C GLY C 5 1.45 -10.65 -0.31
N ILE C 6 2.74 -10.84 -0.13
CA ILE C 6 3.46 -12.02 -0.64
C ILE C 6 4.81 -12.14 0.05
N VAL C 7 5.69 -12.94 -0.53
CA VAL C 7 7.03 -13.13 0.02
C VAL C 7 7.84 -11.83 -0.03
N ARG C 8 8.45 -11.49 1.10
CA ARG C 8 9.26 -10.28 1.19
C ARG C 8 10.70 -10.63 1.49
N LYS C 9 11.62 -10.17 0.65
CA LYS C 9 13.04 -10.42 0.85
C LYS C 9 13.52 -9.73 2.12
N VAL C 10 14.01 -10.51 3.06
CA VAL C 10 14.49 -9.98 4.32
C VAL C 10 16.01 -9.94 4.33
N ASP C 11 16.55 -8.81 4.74
CA ASP C 11 18.00 -8.64 4.81
C ASP C 11 18.52 -9.14 6.16
N GLU C 12 19.78 -8.86 6.47
CA GLU C 12 20.37 -9.29 7.73
C GLU C 12 19.84 -8.43 8.89
N LEU C 13 18.56 -8.59 9.16
CA LEU C 13 17.90 -7.83 10.21
C LEU C 13 17.53 -8.70 11.41
N GLY C 14 16.90 -9.84 11.14
CA GLY C 14 16.49 -10.71 12.22
C GLY C 14 15.13 -10.31 12.77
N ARG C 15 14.39 -9.57 11.97
CA ARG C 15 13.05 -9.10 12.33
C ARG C 15 12.44 -8.41 11.11
N VAL C 16 11.13 -8.20 11.13
CA VAL C 16 10.45 -7.56 10.00
C VAL C 16 9.93 -6.19 10.39
N VAL C 17 9.02 -5.65 9.58
CA VAL C 17 8.43 -4.34 9.84
C VAL C 17 6.94 -4.35 9.54
N ILE C 18 6.24 -3.32 9.99
CA ILE C 18 4.80 -3.22 9.77
C ILE C 18 4.49 -2.41 8.52
N PRO C 19 3.34 -2.67 7.87
CA PRO C 19 2.92 -1.96 6.66
C PRO C 19 2.72 -0.46 6.91
N ILE C 20 3.55 0.36 6.27
CA ILE C 20 3.48 1.80 6.42
C ILE C 20 2.21 2.35 5.76
N GLU C 21 1.81 1.77 4.65
CA GLU C 21 0.63 2.21 3.93
C GLU C 21 -0.60 2.19 4.83
N LEU C 22 -0.72 1.14 5.63
CA LEU C 22 -1.84 1.02 6.54
C LEU C 22 -1.63 1.91 7.76
N ARG C 23 -0.42 1.88 8.30
CA ARG C 23 -0.08 2.67 9.49
C ARG C 23 -0.35 4.15 9.30
N ARG C 24 0.07 4.70 8.16
CA ARG C 24 -0.11 6.12 7.90
C ARG C 24 -1.58 6.46 7.67
N THR C 25 -2.29 5.57 6.97
CA THR C 25 -3.70 5.80 6.68
C THR C 25 -4.55 5.66 7.96
N LEU C 26 -4.03 4.92 8.94
CA LEU C 26 -4.72 4.73 10.21
C LEU C 26 -4.72 6.02 11.01
N GLY C 27 -3.73 6.87 10.76
CA GLY C 27 -3.61 8.12 11.47
C GLY C 27 -3.20 7.92 12.91
N ILE C 28 -2.29 6.98 13.14
CA ILE C 28 -1.80 6.69 14.48
C ILE C 28 -0.41 7.27 14.68
N ALA C 29 0.21 6.95 15.80
CA ALA C 29 1.54 7.44 16.11
C ALA C 29 2.61 6.40 15.83
N GLU C 30 3.71 6.47 16.56
CA GLU C 30 4.82 5.55 16.37
C GLU C 30 4.59 4.27 17.18
N LYS C 31 4.70 4.37 18.49
CA LYS C 31 4.51 3.21 19.36
C LYS C 31 3.03 2.87 19.48
N ASP C 32 2.71 1.58 19.47
CA ASP C 32 1.34 1.12 19.58
C ASP C 32 1.29 -0.40 19.77
N ALA C 33 0.10 -0.97 19.74
CA ALA C 33 -0.09 -2.40 19.92
C ALA C 33 -1.22 -2.90 19.01
N LEU C 34 -1.04 -4.09 18.45
CA LEU C 34 -2.05 -4.65 17.56
C LEU C 34 -2.45 -6.05 18.01
N GLU C 35 -3.47 -6.60 17.38
CA GLU C 35 -3.95 -7.93 17.73
C GLU C 35 -3.33 -8.99 16.83
N ILE C 36 -2.63 -9.95 17.43
CA ILE C 36 -2.01 -11.00 16.65
C ILE C 36 -2.72 -12.32 16.89
N TYR C 37 -3.24 -12.89 15.81
CA TYR C 37 -3.96 -14.14 15.87
C TYR C 37 -3.13 -15.27 15.28
N VAL C 38 -2.65 -16.16 16.12
CA VAL C 38 -1.85 -17.29 15.67
C VAL C 38 -2.77 -18.39 15.16
N ASP C 39 -2.84 -18.52 13.85
CA ASP C 39 -3.67 -19.52 13.22
C ASP C 39 -2.82 -20.61 12.60
N ASP C 40 -2.81 -21.78 13.24
CA ASP C 40 -2.04 -22.94 12.80
C ASP C 40 -0.54 -22.70 12.88
N GLU C 41 0.00 -21.99 11.90
CA GLU C 41 1.42 -21.70 11.87
C GLU C 41 1.68 -20.29 11.35
N LYS C 42 0.64 -19.48 11.26
CA LYS C 42 0.79 -18.13 10.76
C LYS C 42 0.23 -17.12 11.73
N ILE C 43 0.87 -15.97 11.81
CA ILE C 43 0.44 -14.91 12.70
C ILE C 43 -0.38 -13.89 11.93
N ILE C 44 -1.68 -13.90 12.12
CA ILE C 44 -2.54 -12.96 11.43
C ILE C 44 -2.64 -11.67 12.23
N LEU C 45 -1.93 -10.65 11.78
CA LEU C 45 -1.96 -9.37 12.44
C LEU C 45 -3.21 -8.60 12.04
N LYS C 46 -3.97 -8.18 13.04
CA LYS C 46 -5.19 -7.45 12.81
C LYS C 46 -5.19 -6.16 13.62
N LYS C 47 -5.96 -5.19 13.17
CA LYS C 47 -6.03 -3.91 13.86
C LYS C 47 -7.31 -3.82 14.67
N TYR C 48 -7.47 -2.73 15.40
CA TYR C 48 -8.66 -2.51 16.22
C TYR C 48 -9.86 -2.29 15.31
N LYS C 49 -11.04 -2.60 15.81
CA LYS C 49 -12.25 -2.44 15.02
C LYS C 49 -13.03 -1.21 15.47
N PRO C 50 -12.96 -0.12 14.69
CA PRO C 50 -13.66 1.13 14.99
C PRO C 50 -15.11 1.14 14.50
N ASN C 51 -15.52 0.06 13.84
CA ASN C 51 -16.89 -0.03 13.33
C ASN C 51 -17.75 -0.92 14.23
N MET C 52 -17.32 -1.06 15.47
CA MET C 52 -18.06 -1.87 16.44
C MET C 52 -19.16 -1.04 17.09
N THR C 53 -18.79 0.16 17.51
CA THR C 53 -19.72 1.08 18.14
C THR C 53 -19.46 2.51 17.67
N CYS C 54 -18.93 2.62 16.44
CA CYS C 54 -18.62 3.91 15.83
C CYS C 54 -17.50 4.62 16.58
N GLN C 55 -16.26 4.39 16.15
CA GLN C 55 -15.08 5.01 16.76
C GLN C 55 -14.98 4.64 18.24
N MET D 1 1.83 -21.11 24.93
CA MET D 1 1.26 -20.41 26.07
C MET D 1 1.57 -18.92 25.99
N LYS D 2 2.29 -18.56 24.93
CA LYS D 2 2.67 -17.17 24.69
C LYS D 2 1.52 -16.41 24.03
N SER D 3 1.85 -15.35 23.30
CA SER D 3 0.85 -14.55 22.60
C SER D 3 0.17 -15.37 21.51
N THR D 4 -0.88 -16.08 21.89
CA THR D 4 -1.62 -16.92 20.97
C THR D 4 -3.04 -16.39 20.77
N GLY D 5 -3.19 -15.35 19.96
CA GLY D 5 -4.49 -14.80 19.70
C GLY D 5 -4.86 -13.68 20.65
N ILE D 6 -3.98 -12.71 20.78
CA ILE D 6 -4.20 -11.58 21.69
C ILE D 6 -3.47 -10.34 21.22
N VAL D 7 -3.65 -9.24 21.95
CA VAL D 7 -2.99 -7.98 21.65
C VAL D 7 -1.51 -8.06 22.03
N ARG D 8 -0.67 -7.59 21.13
CA ARG D 8 0.76 -7.61 21.36
C ARG D 8 1.36 -6.26 20.98
N LYS D 9 2.23 -5.74 21.84
CA LYS D 9 2.89 -4.48 21.58
C LYS D 9 3.66 -4.56 20.28
N VAL D 10 3.49 -3.58 19.41
CA VAL D 10 4.20 -3.58 18.14
C VAL D 10 5.66 -3.20 18.35
N ASP D 11 5.93 -1.91 18.33
CA ASP D 11 7.29 -1.42 18.51
C ASP D 11 7.28 0.10 18.58
N GLU D 12 8.36 0.67 19.08
CA GLU D 12 8.47 2.13 19.21
C GLU D 12 8.77 2.75 17.84
N LEU D 13 9.35 1.95 16.97
CA LEU D 13 9.68 2.40 15.62
C LEU D 13 8.70 1.83 14.61
N GLY D 14 8.47 0.53 14.68
CA GLY D 14 7.54 -0.11 13.77
C GLY D 14 8.10 -1.40 13.19
N ARG D 15 8.81 -2.14 14.02
CA ARG D 15 9.40 -3.40 13.60
C ARG D 15 8.65 -4.57 14.20
N VAL D 16 8.61 -5.67 13.46
CA VAL D 16 7.95 -6.88 13.92
C VAL D 16 8.97 -7.85 14.49
N VAL D 17 9.01 -7.92 15.81
CA VAL D 17 9.94 -8.80 16.49
C VAL D 17 9.34 -10.18 16.71
N ILE D 18 9.69 -11.11 15.83
CA ILE D 18 9.20 -12.48 15.92
C ILE D 18 9.96 -13.23 17.01
N PRO D 19 9.23 -13.93 17.91
CA PRO D 19 9.84 -14.70 19.00
C PRO D 19 11.04 -15.51 18.55
N ILE D 20 12.18 -15.25 19.17
CA ILE D 20 13.42 -15.94 18.83
C ILE D 20 13.43 -17.38 19.34
N GLU D 21 12.67 -17.63 20.39
CA GLU D 21 12.59 -18.98 20.96
C GLU D 21 11.99 -19.94 19.94
N LEU D 22 10.80 -19.61 19.46
CA LEU D 22 10.12 -20.43 18.45
C LEU D 22 10.92 -20.43 17.16
N ARG D 23 11.56 -19.30 16.89
CA ARG D 23 12.38 -19.15 15.70
C ARG D 23 13.52 -20.15 15.69
N ARG D 24 14.18 -20.30 16.84
CA ARG D 24 15.29 -21.24 16.97
C ARG D 24 14.79 -22.67 16.80
N THR D 25 13.52 -22.88 17.12
CA THR D 25 12.90 -24.19 16.99
C THR D 25 12.75 -24.52 15.50
N LEU D 26 12.64 -23.48 14.69
CA LEU D 26 12.51 -23.63 13.26
C LEU D 26 13.89 -23.80 12.62
N GLY D 27 14.73 -22.78 12.78
CA GLY D 27 16.08 -22.84 12.24
C GLY D 27 16.10 -22.78 10.72
N ILE D 28 15.35 -21.85 10.16
CA ILE D 28 15.27 -21.69 8.71
C ILE D 28 15.84 -20.35 8.28
N ALA D 29 15.77 -20.06 6.99
CA ALA D 29 16.28 -18.81 6.45
C ALA D 29 15.43 -17.62 6.88
N GLU D 30 15.80 -17.02 8.00
CA GLU D 30 15.09 -15.86 8.53
C GLU D 30 15.53 -14.60 7.80
N LYS D 31 16.80 -14.53 7.47
CA LYS D 31 17.35 -13.38 6.79
C LYS D 31 17.45 -13.64 5.29
N ASP D 32 16.32 -13.96 4.69
CA ASP D 32 16.27 -14.24 3.26
C ASP D 32 14.92 -13.82 2.70
N ALA D 33 13.85 -14.41 3.22
CA ALA D 33 12.51 -14.10 2.76
C ALA D 33 11.46 -14.59 3.74
N LEU D 34 10.48 -13.74 4.01
CA LEU D 34 9.38 -14.07 4.92
C LEU D 34 8.06 -13.79 4.23
N GLU D 35 7.00 -14.44 4.67
CA GLU D 35 5.69 -14.26 4.08
C GLU D 35 4.95 -13.08 4.73
N ILE D 36 4.75 -12.02 3.96
CA ILE D 36 4.05 -10.84 4.45
C ILE D 36 2.79 -10.62 3.60
N TYR D 37 1.68 -11.17 4.04
CA TYR D 37 0.42 -11.06 3.34
C TYR D 37 -0.40 -9.88 3.83
N VAL D 38 -0.06 -8.70 3.35
CA VAL D 38 -0.76 -7.48 3.70
C VAL D 38 -1.95 -7.29 2.78
N ASP D 39 -3.13 -7.71 3.22
CA ASP D 39 -4.33 -7.57 2.40
C ASP D 39 -5.37 -6.70 3.10
N ASP D 40 -5.19 -5.39 2.98
CA ASP D 40 -6.11 -4.40 3.55
C ASP D 40 -6.22 -4.50 5.07
N GLU D 41 -7.15 -5.32 5.54
CA GLU D 41 -7.37 -5.48 6.97
C GLU D 41 -6.51 -6.59 7.57
N LYS D 42 -6.52 -7.75 6.94
CA LYS D 42 -5.78 -8.89 7.45
C LYS D 42 -4.32 -8.88 6.97
N ILE D 43 -3.40 -9.03 7.91
CA ILE D 43 -1.99 -9.08 7.59
C ILE D 43 -1.41 -10.40 8.09
N ILE D 44 -1.35 -11.40 7.22
CA ILE D 44 -0.85 -12.71 7.61
C ILE D 44 0.66 -12.80 7.49
N LEU D 45 1.30 -13.08 8.61
CA LEU D 45 2.75 -13.23 8.65
C LEU D 45 3.11 -14.71 8.81
N LYS D 46 3.95 -15.20 7.92
CA LYS D 46 4.36 -16.60 7.98
C LYS D 46 5.87 -16.72 7.81
N LYS D 47 6.39 -17.91 8.10
CA LYS D 47 7.81 -18.19 8.01
C LYS D 47 8.32 -18.21 6.56
N TYR D 48 9.59 -18.58 6.43
CA TYR D 48 10.29 -18.64 5.15
C TYR D 48 9.66 -19.67 4.20
N LYS D 49 9.10 -19.17 3.10
CA LYS D 49 8.49 -20.00 2.07
C LYS D 49 8.80 -19.41 0.70
N PRO D 50 9.88 -19.86 0.05
CA PRO D 50 10.31 -19.35 -1.26
C PRO D 50 9.34 -19.67 -2.39
N ASN D 51 8.68 -20.83 -2.30
CA ASN D 51 7.74 -21.29 -3.33
C ASN D 51 8.47 -21.49 -4.66
N MET D 52 7.71 -21.60 -5.74
CA MET D 52 8.31 -21.79 -7.05
C MET D 52 8.08 -20.56 -7.92
N THR D 53 9.09 -19.70 -8.00
CA THR D 53 9.01 -18.50 -8.81
C THR D 53 9.19 -18.81 -10.30
N CYS D 54 9.32 -17.79 -11.12
CA CYS D 54 9.49 -17.97 -12.56
C CYS D 54 10.93 -18.37 -12.87
N GLN D 55 11.33 -19.53 -12.36
CA GLN D 55 12.67 -20.05 -12.57
C GLN D 55 12.61 -21.42 -13.24
N MET E 1 -1.43 18.42 -19.60
CA MET E 1 -1.90 17.61 -20.72
C MET E 1 -3.37 17.24 -20.50
N LYS E 2 -3.95 16.51 -21.44
CA LYS E 2 -5.35 16.11 -21.32
C LYS E 2 -5.45 14.61 -21.07
N SER E 3 -6.57 14.19 -20.51
CA SER E 3 -6.79 12.78 -20.20
C SER E 3 -7.61 12.11 -21.29
N THR E 4 -7.28 12.39 -22.53
CA THR E 4 -7.99 11.81 -23.66
C THR E 4 -7.26 10.56 -24.15
N GLY E 5 -6.51 9.93 -23.26
CA GLY E 5 -5.77 8.73 -23.61
C GLY E 5 -4.36 9.09 -24.01
N ILE E 6 -3.71 9.91 -23.19
CA ILE E 6 -2.35 10.35 -23.46
C ILE E 6 -1.36 9.66 -22.52
N VAL E 7 -0.23 9.24 -23.07
CA VAL E 7 0.80 8.59 -22.27
C VAL E 7 1.54 9.61 -21.42
N ARG E 8 1.25 9.62 -20.13
CA ARG E 8 1.88 10.55 -19.21
C ARG E 8 3.18 9.96 -18.68
N LYS E 9 4.28 10.65 -18.94
CA LYS E 9 5.59 10.20 -18.48
C LYS E 9 5.69 10.35 -16.97
N VAL E 10 6.24 9.33 -16.32
CA VAL E 10 6.42 9.34 -14.89
C VAL E 10 7.50 10.35 -14.53
N ASP E 11 7.27 11.11 -13.47
CA ASP E 11 8.22 12.12 -13.03
C ASP E 11 9.44 11.47 -12.38
N GLU E 12 10.59 12.15 -12.49
CA GLU E 12 11.84 11.64 -11.94
C GLU E 12 11.74 11.37 -10.43
N LEU E 13 10.81 12.04 -9.76
CA LEU E 13 10.63 11.85 -8.32
C LEU E 13 9.87 10.57 -8.01
N GLY E 14 9.54 9.81 -9.06
CA GLY E 14 8.84 8.55 -8.88
C GLY E 14 7.35 8.74 -8.67
N ARG E 15 6.79 9.79 -9.26
CA ARG E 15 5.37 10.08 -9.15
C ARG E 15 4.86 10.65 -10.46
N VAL E 16 3.58 10.98 -10.53
CA VAL E 16 3.04 11.53 -11.78
C VAL E 16 2.43 12.91 -11.57
N VAL E 17 2.96 13.91 -12.27
CA VAL E 17 2.44 15.27 -12.15
C VAL E 17 1.07 15.38 -12.80
N ILE E 18 0.08 15.78 -12.02
CA ILE E 18 -1.28 15.93 -12.53
C ILE E 18 -1.42 17.26 -13.25
N PRO E 19 -1.95 17.24 -14.49
CA PRO E 19 -2.16 18.45 -15.29
C PRO E 19 -2.86 19.56 -14.51
N ILE E 20 -2.38 20.79 -14.67
CA ILE E 20 -2.94 21.95 -13.97
C ILE E 20 -4.42 22.13 -14.29
N GLU E 21 -4.79 21.86 -15.54
CA GLU E 21 -6.18 22.01 -15.96
C GLU E 21 -7.10 21.09 -15.15
N LEU E 22 -6.68 19.85 -14.96
CA LEU E 22 -7.47 18.88 -14.21
C LEU E 22 -7.64 19.33 -12.77
N ARG E 23 -6.57 19.83 -12.18
CA ARG E 23 -6.61 20.31 -10.80
C ARG E 23 -7.58 21.48 -10.67
N ARG E 24 -7.64 22.30 -11.72
CA ARG E 24 -8.53 23.45 -11.73
C ARG E 24 -9.99 23.02 -11.89
N THR E 25 -10.23 22.04 -12.75
CA THR E 25 -11.57 21.53 -12.99
C THR E 25 -12.12 20.76 -11.79
N LEU E 26 -11.24 20.03 -11.11
CA LEU E 26 -11.65 19.25 -9.95
C LEU E 26 -11.91 20.13 -8.73
N GLY E 27 -11.35 21.33 -8.75
CA GLY E 27 -11.53 22.24 -7.63
C GLY E 27 -10.89 21.71 -6.37
N ILE E 28 -9.72 21.11 -6.54
CA ILE E 28 -9.00 20.54 -5.41
C ILE E 28 -7.85 21.45 -5.00
N ALA E 29 -7.22 21.12 -3.88
CA ALA E 29 -6.10 21.89 -3.39
C ALA E 29 -4.78 21.25 -3.78
N GLU E 30 -3.68 21.80 -3.31
CA GLU E 30 -2.36 21.29 -3.62
C GLU E 30 -2.11 19.99 -2.87
N LYS E 31 -2.49 19.96 -1.60
CA LYS E 31 -2.33 18.77 -0.78
C LYS E 31 -3.69 18.17 -0.45
N ASP E 32 -4.52 18.04 -1.48
CA ASP E 32 -5.87 17.49 -1.32
C ASP E 32 -5.82 15.97 -1.28
N ALA E 33 -6.97 15.34 -1.48
CA ALA E 33 -7.06 13.89 -1.47
C ALA E 33 -7.85 13.37 -2.65
N LEU E 34 -7.32 12.34 -3.30
CA LEU E 34 -7.96 11.72 -4.45
C LEU E 34 -8.14 10.23 -4.19
N GLU E 35 -9.37 9.74 -4.31
CA GLU E 35 -9.67 8.34 -4.05
C GLU E 35 -9.22 7.44 -5.20
N ILE E 36 -8.49 6.38 -4.86
CA ILE E 36 -7.99 5.44 -5.85
C ILE E 36 -8.64 4.06 -5.66
N TYR E 37 -8.99 3.42 -6.78
CA TYR E 37 -9.62 2.12 -6.78
C TYR E 37 -9.16 1.28 -7.98
N VAL E 38 -9.19 -0.04 -7.84
CA VAL E 38 -8.79 -0.93 -8.93
C VAL E 38 -9.96 -1.15 -9.89
N ASP E 39 -9.69 -1.07 -11.19
CA ASP E 39 -10.73 -1.27 -12.19
C ASP E 39 -10.29 -2.29 -13.23
N ASP E 40 -10.64 -3.55 -12.98
CA ASP E 40 -10.32 -4.67 -13.89
C ASP E 40 -8.81 -4.91 -13.98
N GLU E 41 -8.12 -4.12 -14.79
CA GLU E 41 -6.69 -4.26 -14.95
C GLU E 41 -6.01 -2.89 -14.93
N LYS E 42 -6.79 -1.86 -14.65
CA LYS E 42 -6.29 -0.50 -14.60
C LYS E 42 -6.69 0.15 -13.28
N ILE E 43 -6.19 1.34 -13.03
CA ILE E 43 -6.51 2.04 -11.79
C ILE E 43 -7.38 3.26 -12.08
N ILE E 44 -8.38 3.50 -11.25
CA ILE E 44 -9.25 4.65 -11.43
C ILE E 44 -9.13 5.61 -10.25
N LEU E 45 -8.82 6.85 -10.56
CA LEU E 45 -8.65 7.89 -9.55
C LEU E 45 -9.80 8.87 -9.66
N LYS E 46 -10.11 9.54 -8.57
CA LYS E 46 -11.19 10.52 -8.55
C LYS E 46 -11.02 11.44 -7.37
N LYS E 47 -11.94 12.38 -7.19
CA LYS E 47 -11.87 13.32 -6.08
C LYS E 47 -12.05 12.58 -4.76
N TYR E 48 -11.82 13.27 -3.64
CA TYR E 48 -11.97 12.65 -2.33
C TYR E 48 -13.39 12.15 -2.13
N LYS E 49 -13.52 10.84 -2.00
CA LYS E 49 -14.82 10.21 -1.82
C LYS E 49 -15.11 10.03 -0.34
N PRO E 50 -16.37 10.30 0.07
CA PRO E 50 -16.80 10.15 1.47
C PRO E 50 -16.69 8.70 1.93
N ASN E 51 -16.02 8.48 3.05
CA ASN E 51 -15.83 7.14 3.58
C ASN E 51 -15.59 7.17 5.08
N MET E 52 -16.51 6.58 5.85
CA MET E 52 -16.39 6.53 7.29
C MET E 52 -16.66 5.11 7.79
N THR E 53 -16.91 4.97 9.08
CA THR E 53 -17.16 3.67 9.67
C THR E 53 -18.64 3.29 9.59
N CYS E 54 -19.44 3.86 10.47
CA CYS E 54 -20.88 3.56 10.52
C CYS E 54 -21.63 4.33 9.45
N GLN E 55 -21.34 5.61 9.33
CA GLN E 55 -22.00 6.46 8.35
C GLN E 55 -21.31 6.33 6.99
N MET F 1 -0.59 3.06 0.22
CA MET F 1 -2.02 3.27 0.05
C MET F 1 -2.57 2.33 -1.02
N LYS F 2 -3.37 1.36 -0.59
CA LYS F 2 -3.94 0.39 -1.50
C LYS F 2 -5.04 1.03 -2.34
N SER F 3 -5.28 0.46 -3.51
CA SER F 3 -6.29 0.98 -4.41
C SER F 3 -7.65 0.31 -4.15
N THR F 4 -7.96 0.07 -2.89
CA THR F 4 -9.22 -0.54 -2.52
C THR F 4 -10.23 0.53 -2.13
N GLY F 5 -10.19 1.65 -2.84
CA GLY F 5 -11.10 2.75 -2.56
C GLY F 5 -10.58 3.60 -1.44
N ILE F 6 -9.31 4.00 -1.54
CA ILE F 6 -8.68 4.80 -0.50
C ILE F 6 -8.31 6.19 -1.01
N VAL F 7 -8.51 7.19 -0.15
CA VAL F 7 -8.19 8.57 -0.48
C VAL F 7 -6.69 8.82 -0.38
N ARG F 8 -6.08 9.09 -1.52
CA ARG F 8 -4.65 9.32 -1.59
C ARG F 8 -4.34 10.82 -1.63
N LYS F 9 -3.44 11.26 -0.77
CA LYS F 9 -3.04 12.66 -0.70
C LYS F 9 -2.29 13.09 -1.97
N VAL F 10 -2.48 14.35 -2.36
CA VAL F 10 -1.80 14.91 -3.53
C VAL F 10 -0.40 15.41 -3.14
N ASP F 11 0.47 15.51 -4.14
CA ASP F 11 1.85 15.95 -3.93
C ASP F 11 1.98 17.47 -3.94
N GLU F 12 3.13 17.96 -3.50
CA GLU F 12 3.43 19.38 -3.45
C GLU F 12 3.40 20.03 -4.84
N LEU F 13 3.87 19.30 -5.84
CA LEU F 13 3.89 19.80 -7.21
C LEU F 13 2.57 19.49 -7.90
N GLY F 14 1.59 19.05 -7.12
CA GLY F 14 0.31 18.69 -7.69
C GLY F 14 0.41 17.38 -8.44
N ARG F 15 1.26 16.51 -7.93
CA ARG F 15 1.48 15.21 -8.54
C ARG F 15 0.75 14.13 -7.74
N VAL F 16 0.58 12.97 -8.35
CA VAL F 16 -0.02 11.87 -7.66
C VAL F 16 1.09 11.02 -7.07
N VAL F 17 1.17 11.01 -5.75
CA VAL F 17 2.20 10.25 -5.06
C VAL F 17 1.85 8.78 -5.07
N ILE F 18 2.25 8.10 -6.12
CA ILE F 18 2.00 6.68 -6.24
C ILE F 18 2.77 5.95 -5.16
N PRO F 19 2.04 5.22 -4.28
CA PRO F 19 2.63 4.45 -3.18
C PRO F 19 3.86 3.67 -3.61
N ILE F 20 4.89 3.68 -2.75
CA ILE F 20 6.14 2.99 -3.04
C ILE F 20 5.91 1.50 -3.32
N GLU F 21 4.92 0.92 -2.66
CA GLU F 21 4.63 -0.49 -2.85
C GLU F 21 3.91 -0.72 -4.19
N LEU F 22 3.04 0.22 -4.56
CA LEU F 22 2.30 0.11 -5.80
C LEU F 22 3.25 0.24 -6.98
N ARG F 23 4.22 1.13 -6.87
CA ARG F 23 5.21 1.34 -7.92
C ARG F 23 6.01 0.06 -8.14
N ARG F 24 6.37 -0.59 -7.04
CA ARG F 24 7.14 -1.83 -7.09
C ARG F 24 6.28 -2.97 -7.66
N THR F 25 4.98 -2.89 -7.40
CA THR F 25 4.04 -3.91 -7.87
C THR F 25 3.87 -3.83 -9.39
N LEU F 26 3.66 -2.63 -9.91
CA LEU F 26 3.47 -2.43 -11.34
C LEU F 26 4.81 -2.49 -12.07
N GLY F 27 5.90 -2.25 -11.34
CA GLY F 27 7.21 -2.28 -11.93
C GLY F 27 7.45 -1.08 -12.83
N ILE F 28 6.91 0.06 -12.44
CA ILE F 28 7.06 1.28 -13.21
C ILE F 28 8.22 2.11 -12.68
N ALA F 29 9.08 2.54 -13.59
CA ALA F 29 10.22 3.35 -13.23
C ALA F 29 9.84 4.82 -13.29
N GLU F 30 10.70 5.68 -12.76
CA GLU F 30 10.45 7.11 -12.74
C GLU F 30 10.71 7.73 -14.12
N LYS F 31 10.87 6.88 -15.13
CA LYS F 31 11.13 7.33 -16.49
C LYS F 31 10.19 6.64 -17.47
N ASP F 32 9.22 5.89 -16.95
CA ASP F 32 8.26 5.19 -17.78
C ASP F 32 7.08 6.10 -18.10
N ALA F 33 5.98 5.51 -18.58
CA ALA F 33 4.80 6.28 -18.92
C ALA F 33 3.52 5.51 -18.59
N LEU F 34 2.43 6.24 -18.43
CA LEU F 34 1.14 5.64 -18.13
C LEU F 34 0.06 6.26 -19.01
N GLU F 35 -0.76 5.43 -19.63
CA GLU F 35 -1.83 5.92 -20.49
C GLU F 35 -2.97 6.48 -19.64
N ILE F 36 -3.12 7.80 -19.66
CA ILE F 36 -4.14 8.45 -18.87
C ILE F 36 -5.37 8.82 -19.71
N TYR F 37 -6.49 8.24 -19.33
CA TYR F 37 -7.77 8.49 -19.97
C TYR F 37 -8.74 9.01 -18.91
N VAL F 38 -9.95 9.38 -19.29
CA VAL F 38 -10.92 9.89 -18.32
C VAL F 38 -12.29 9.25 -18.54
N ASP F 39 -12.93 8.86 -17.46
CA ASP F 39 -14.24 8.24 -17.52
C ASP F 39 -15.23 8.98 -16.61
N ASP F 40 -16.03 9.83 -17.24
CA ASP F 40 -17.04 10.63 -16.54
C ASP F 40 -16.40 11.65 -15.60
N GLU F 41 -16.07 11.22 -14.39
CA GLU F 41 -15.47 12.11 -13.39
C GLU F 41 -14.23 11.47 -12.78
N LYS F 42 -13.85 10.30 -13.25
CA LYS F 42 -12.69 9.62 -12.72
C LYS F 42 -11.59 9.50 -13.76
N ILE F 43 -10.36 9.49 -13.28
CA ILE F 43 -9.18 9.39 -14.14
C ILE F 43 -8.81 7.92 -14.32
N ILE F 44 -8.57 7.54 -15.57
CA ILE F 44 -8.20 6.18 -15.90
C ILE F 44 -6.69 6.07 -16.04
N LEU F 45 -6.06 5.36 -15.12
CA LEU F 45 -4.62 5.19 -15.14
C LEU F 45 -4.25 3.79 -15.62
N LYS F 46 -3.83 3.69 -16.87
CA LYS F 46 -3.43 2.43 -17.44
C LYS F 46 -1.91 2.33 -17.50
N LYS F 47 -1.37 1.23 -17.02
CA LYS F 47 0.08 1.05 -17.01
C LYS F 47 0.59 0.88 -18.44
N TYR F 48 1.84 1.26 -18.65
CA TYR F 48 2.47 1.13 -19.97
C TYR F 48 2.44 -0.31 -20.43
N LYS F 49 2.42 -0.52 -21.74
CA LYS F 49 2.37 -1.86 -22.29
C LYS F 49 3.64 -2.19 -23.06
N PRO F 50 4.67 -2.72 -22.36
CA PRO F 50 5.94 -3.09 -22.98
C PRO F 50 5.87 -4.48 -23.60
N ASN F 51 4.72 -5.13 -23.42
CA ASN F 51 4.47 -6.46 -23.95
C ASN F 51 5.51 -7.44 -23.41
N MET F 52 5.54 -7.56 -22.09
CA MET F 52 6.48 -8.46 -21.42
C MET F 52 5.76 -9.34 -20.41
N THR F 53 6.45 -10.38 -19.96
CA THR F 53 5.88 -11.31 -18.98
C THR F 53 6.89 -11.60 -17.87
N CYS F 54 6.61 -12.60 -17.04
CA CYS F 54 7.51 -12.96 -15.95
C CYS F 54 8.82 -13.54 -16.49
N GLN F 55 9.75 -13.83 -15.60
CA GLN F 55 11.04 -14.39 -15.98
C GLN F 55 10.87 -15.77 -16.61
N MET C 1 3.49 -3.49 -1.96
CA MET C 1 3.32 -4.95 -2.11
C MET C 1 1.86 -5.32 -1.97
N LYS C 2 1.47 -6.44 -2.56
CA LYS C 2 0.09 -6.90 -2.52
C LYS C 2 -0.07 -8.08 -1.59
N SER C 3 -1.33 -8.40 -1.29
CA SER C 3 -1.69 -9.49 -0.40
C SER C 3 -1.40 -10.86 -1.02
N THR C 4 -0.83 -10.86 -2.21
CA THR C 4 -0.49 -12.08 -2.92
C THR C 4 0.63 -12.83 -2.22
N GLY C 5 1.38 -12.12 -1.39
CA GLY C 5 2.47 -12.72 -0.66
C GLY C 5 3.83 -12.34 -1.23
N ILE C 6 4.78 -12.08 -0.34
CA ILE C 6 6.12 -11.71 -0.77
C ILE C 6 7.15 -12.25 0.21
N VAL C 7 8.18 -12.91 -0.32
CA VAL C 7 9.23 -13.46 0.51
C VAL C 7 10.24 -12.35 0.85
N ARG C 8 10.35 -12.08 2.14
CA ARG C 8 11.26 -11.04 2.62
C ARG C 8 12.43 -11.68 3.37
N LYS C 9 13.64 -11.28 3.01
CA LYS C 9 14.83 -11.81 3.64
C LYS C 9 15.15 -11.05 4.93
N VAL C 10 15.26 -11.78 6.02
CA VAL C 10 15.59 -11.17 7.30
C VAL C 10 17.04 -11.49 7.63
N ASP C 11 17.87 -10.45 7.68
CA ASP C 11 19.29 -10.61 7.98
C ASP C 11 19.49 -10.84 9.48
N GLU C 12 20.73 -10.68 9.95
CA GLU C 12 21.05 -10.85 11.37
C GLU C 12 20.53 -9.66 12.17
N LEU C 13 19.27 -9.34 11.94
CA LEU C 13 18.59 -8.24 12.57
C LEU C 13 17.49 -8.74 13.50
N GLY C 14 16.86 -9.84 13.11
CA GLY C 14 15.78 -10.40 13.90
C GLY C 14 14.52 -9.56 13.80
N ARG C 15 14.54 -8.54 12.96
CA ARG C 15 13.41 -7.65 12.77
C ARG C 15 12.72 -7.94 11.46
N VAL C 16 11.40 -8.12 11.50
CA VAL C 16 10.67 -8.40 10.29
C VAL C 16 10.09 -7.13 9.70
N VAL C 17 10.63 -6.72 8.56
CA VAL C 17 10.16 -5.51 7.89
C VAL C 17 8.85 -5.78 7.16
N ILE C 18 7.78 -5.21 7.68
CA ILE C 18 6.45 -5.38 7.10
C ILE C 18 6.20 -4.35 5.99
N PRO C 19 5.64 -4.79 4.85
CA PRO C 19 5.32 -3.90 3.73
C PRO C 19 4.45 -2.74 4.18
N ILE C 20 4.90 -1.52 3.90
CA ILE C 20 4.18 -0.33 4.31
C ILE C 20 2.84 -0.19 3.59
N GLU C 21 2.77 -0.67 2.36
CA GLU C 21 1.53 -0.59 1.59
C GLU C 21 0.44 -1.40 2.27
N LEU C 22 0.75 -2.65 2.55
CA LEU C 22 -0.19 -3.56 3.20
C LEU C 22 -0.50 -3.11 4.62
N ARG C 23 0.55 -2.72 5.36
CA ARG C 23 0.40 -2.28 6.74
C ARG C 23 -0.59 -1.13 6.86
N ARG C 24 -0.48 -0.14 5.98
CA ARG C 24 -1.37 1.01 6.01
C ARG C 24 -2.78 0.64 5.56
N THR C 25 -2.89 -0.34 4.68
CA THR C 25 -4.19 -0.78 4.19
C THR C 25 -4.94 -1.58 5.26
N LEU C 26 -4.19 -2.27 6.11
CA LEU C 26 -4.77 -3.08 7.18
C LEU C 26 -5.37 -2.19 8.27
N GLY C 27 -4.95 -0.94 8.31
CA GLY C 27 -5.45 -0.01 9.29
C GLY C 27 -4.59 0.07 10.53
N ILE C 28 -3.29 -0.10 10.36
CA ILE C 28 -2.36 -0.04 11.48
C ILE C 28 -1.34 1.09 11.29
N ALA C 29 -1.01 1.76 12.38
CA ALA C 29 -0.06 2.86 12.33
C ALA C 29 1.34 2.41 12.75
N GLU C 30 2.21 3.36 13.06
CA GLU C 30 3.58 3.07 13.46
C GLU C 30 3.63 2.36 14.81
N LYS C 31 3.16 3.04 15.84
CA LYS C 31 3.16 2.48 17.18
C LYS C 31 1.90 1.67 17.44
N ASP C 32 2.00 0.37 17.29
CA ASP C 32 0.87 -0.52 17.49
C ASP C 32 1.33 -1.84 18.11
N ALA C 33 0.46 -2.84 18.10
CA ALA C 33 0.78 -4.15 18.65
C ALA C 33 0.15 -5.24 17.80
N LEU C 34 0.88 -6.33 17.60
CA LEU C 34 0.39 -7.44 16.78
C LEU C 34 0.40 -8.74 17.58
N GLU C 35 -0.55 -9.61 17.28
CA GLU C 35 -0.65 -10.90 17.97
C GLU C 35 0.03 -11.99 17.15
N ILE C 36 1.18 -12.42 17.62
CA ILE C 36 1.96 -13.45 16.94
C ILE C 36 1.62 -14.85 17.44
N TYR C 37 1.07 -15.67 16.54
CA TYR C 37 0.71 -17.03 16.85
C TYR C 37 1.50 -18.00 15.97
N VAL C 38 2.36 -18.78 16.59
CA VAL C 38 3.19 -19.74 15.84
C VAL C 38 2.46 -21.06 15.64
N ASP C 39 2.18 -21.38 14.40
CA ASP C 39 1.52 -22.63 14.03
C ASP C 39 2.52 -23.53 13.32
N ASP C 40 3.27 -24.30 14.10
CA ASP C 40 4.29 -25.22 13.59
C ASP C 40 5.43 -24.45 12.93
N GLU C 41 5.29 -24.16 11.64
CA GLU C 41 6.31 -23.43 10.89
C GLU C 41 5.73 -22.14 10.31
N LYS C 42 4.45 -21.89 10.59
CA LYS C 42 3.78 -20.70 10.09
C LYS C 42 3.57 -19.69 11.21
N ILE C 43 4.03 -18.47 10.99
CA ILE C 43 3.87 -17.41 11.97
C ILE C 43 2.65 -16.56 11.62
N ILE C 44 1.53 -16.85 12.25
CA ILE C 44 0.29 -16.13 12.00
C ILE C 44 0.22 -14.87 12.84
N LEU C 45 0.22 -13.72 12.17
CA LEU C 45 0.15 -12.44 12.83
C LEU C 45 -1.26 -11.86 12.76
N LYS C 46 -1.94 -11.86 13.88
CA LYS C 46 -3.28 -11.31 13.96
C LYS C 46 -3.19 -9.85 14.37
N LYS C 47 -4.14 -9.05 13.93
CA LYS C 47 -4.12 -7.63 14.24
C LYS C 47 -5.53 -7.06 14.25
N TYR C 48 -5.69 -5.94 14.93
CA TYR C 48 -6.96 -5.26 15.02
C TYR C 48 -7.09 -4.30 13.84
N LYS C 49 -8.32 -3.99 13.45
CA LYS C 49 -8.55 -3.10 12.32
C LYS C 49 -9.44 -1.91 12.73
N PRO C 50 -8.86 -0.92 13.43
CA PRO C 50 -9.61 0.25 13.88
C PRO C 50 -10.05 1.14 12.72
N ASN C 51 -9.35 1.03 11.60
CA ASN C 51 -9.66 1.81 10.41
C ASN C 51 -10.92 1.28 9.73
N MET C 52 -11.32 0.07 10.09
CA MET C 52 -12.50 -0.55 9.51
C MET C 52 -13.67 -0.49 10.48
N THR C 53 -13.54 0.37 11.49
CA THR C 53 -14.59 0.54 12.49
C THR C 53 -15.03 2.00 12.58
N CYS C 54 -15.18 2.64 11.42
CA CYS C 54 -15.59 4.03 11.38
C CYS C 54 -17.10 4.14 11.62
N GLN C 55 -17.48 4.46 12.85
CA GLN C 55 -18.88 4.58 13.23
C GLN C 55 -19.58 5.68 12.44
N MET D 1 8.54 -21.12 26.48
CA MET D 1 9.44 -20.60 25.46
C MET D 1 8.73 -20.52 24.11
N LYS D 2 7.45 -20.83 24.11
CA LYS D 2 6.66 -20.80 22.89
C LYS D 2 5.47 -19.87 23.04
N SER D 3 5.63 -18.64 22.59
CA SER D 3 4.58 -17.64 22.67
C SER D 3 3.52 -17.86 21.60
N THR D 4 2.52 -18.66 21.91
CA THR D 4 1.44 -18.94 20.97
C THR D 4 0.31 -17.92 21.14
N GLY D 5 0.34 -16.88 20.32
CA GLY D 5 -0.68 -15.84 20.39
C GLY D 5 -0.27 -14.74 21.35
N ILE D 6 0.94 -14.23 21.16
CA ILE D 6 1.47 -13.18 22.01
C ILE D 6 1.35 -11.82 21.34
N VAL D 7 0.89 -10.84 22.10
CA VAL D 7 0.74 -9.49 21.59
C VAL D 7 2.02 -8.70 21.86
N ARG D 8 2.82 -8.51 20.82
CA ARG D 8 4.06 -7.78 20.94
C ARG D 8 3.93 -6.36 20.39
N LYS D 9 4.61 -5.43 21.05
CA LYS D 9 4.59 -4.04 20.64
C LYS D 9 5.49 -3.80 19.43
N VAL D 10 5.40 -2.62 18.84
CA VAL D 10 6.21 -2.29 17.68
C VAL D 10 7.68 -2.10 18.06
N ASP D 11 8.56 -2.27 17.08
CA ASP D 11 10.00 -2.12 17.28
C ASP D 11 10.35 -0.65 17.46
N GLU D 12 9.75 0.18 16.61
CA GLU D 12 9.97 1.62 16.62
C GLU D 12 9.11 2.27 15.55
N LEU D 13 9.38 1.93 14.30
CA LEU D 13 8.62 2.47 13.17
C LEU D 13 7.89 1.33 12.45
N GLY D 14 8.35 0.98 11.25
CA GLY D 14 7.71 -0.09 10.50
C GLY D 14 8.49 -1.38 10.61
N ARG D 15 8.51 -1.96 11.81
CA ARG D 15 9.24 -3.21 12.05
C ARG D 15 8.46 -4.10 13.01
N VAL D 16 8.31 -5.37 12.64
CA VAL D 16 7.61 -6.33 13.46
C VAL D 16 8.55 -6.96 14.48
N VAL D 17 8.10 -7.01 15.73
CA VAL D 17 8.88 -7.55 16.83
C VAL D 17 8.50 -8.99 17.13
N ILE D 18 9.42 -9.91 16.87
CA ILE D 18 9.20 -11.32 17.15
C ILE D 18 9.83 -11.68 18.50
N PRO D 19 9.10 -12.39 19.38
CA PRO D 19 9.58 -12.81 20.69
C PRO D 19 10.94 -13.51 20.65
N ILE D 20 11.81 -13.13 21.59
CA ILE D 20 13.16 -13.69 21.68
C ILE D 20 13.13 -15.20 21.93
N GLU D 21 12.20 -15.63 22.77
CA GLU D 21 12.08 -17.04 23.12
C GLU D 21 11.80 -17.90 21.89
N LEU D 22 11.00 -17.36 20.97
CA LEU D 22 10.67 -18.08 19.75
C LEU D 22 11.89 -18.22 18.85
N ARG D 23 12.78 -17.23 18.87
CA ARG D 23 13.98 -17.27 18.04
C ARG D 23 15.07 -18.09 18.72
N ARG D 24 14.85 -18.41 19.99
CA ARG D 24 15.80 -19.21 20.75
C ARG D 24 15.50 -20.70 20.58
N THR D 25 14.28 -20.99 20.17
CA THR D 25 13.85 -22.37 19.95
C THR D 25 13.66 -22.66 18.46
N LEU D 26 12.80 -21.88 17.83
CA LEU D 26 12.50 -22.05 16.42
C LEU D 26 13.48 -21.25 15.57
N GLY D 27 13.66 -21.66 14.33
CA GLY D 27 14.57 -20.96 13.44
C GLY D 27 15.37 -21.91 12.58
N ILE D 28 15.82 -21.42 11.43
CA ILE D 28 16.61 -22.23 10.52
C ILE D 28 18.05 -21.76 10.55
N ALA D 29 18.24 -20.47 10.34
CA ALA D 29 19.55 -19.85 10.35
C ALA D 29 19.45 -18.48 11.03
N GLU D 30 20.49 -17.68 10.90
CA GLU D 30 20.48 -16.34 11.48
C GLU D 30 19.86 -15.38 10.49
N LYS D 31 19.90 -15.77 9.22
CA LYS D 31 19.33 -14.98 8.14
C LYS D 31 18.10 -15.70 7.59
N ASP D 32 17.09 -15.86 8.43
CA ASP D 32 15.87 -16.56 8.03
C ASP D 32 14.98 -15.69 7.16
N ALA D 33 14.58 -16.24 6.02
CA ALA D 33 13.70 -15.54 5.10
C ALA D 33 12.27 -15.97 5.38
N LEU D 34 11.34 -15.02 5.40
CA LEU D 34 9.95 -15.33 5.68
C LEU D 34 9.03 -14.82 4.57
N GLU D 35 7.95 -15.56 4.35
CA GLU D 35 6.98 -15.21 3.33
C GLU D 35 5.81 -14.47 3.97
N ILE D 36 5.62 -13.23 3.57
CA ILE D 36 4.56 -12.40 4.11
C ILE D 36 3.31 -12.50 3.25
N TYR D 37 2.34 -13.30 3.71
CA TYR D 37 1.09 -13.49 2.99
C TYR D 37 -0.09 -12.92 3.78
N VAL D 38 -0.77 -11.96 3.20
CA VAL D 38 -1.92 -11.34 3.85
C VAL D 38 -3.20 -12.04 3.40
N ASP D 39 -3.85 -12.71 4.34
CA ASP D 39 -5.09 -13.44 4.05
C ASP D 39 -6.24 -12.78 4.78
N ASP D 40 -7.24 -12.30 4.01
CA ASP D 40 -8.42 -11.63 4.57
C ASP D 40 -8.00 -10.32 5.24
N GLU D 41 -7.43 -10.40 6.43
CA GLU D 41 -6.97 -9.22 7.14
C GLU D 41 -5.86 -9.59 8.12
N LYS D 42 -5.38 -10.83 8.03
CA LYS D 42 -4.31 -11.30 8.89
C LYS D 42 -3.03 -11.51 8.09
N ILE D 43 -1.90 -11.50 8.76
CA ILE D 43 -0.62 -11.67 8.09
C ILE D 43 0.01 -13.01 8.45
N ILE D 44 -0.03 -13.95 7.52
CA ILE D 44 0.55 -15.26 7.75
C ILE D 44 1.96 -15.31 7.20
N LEU D 45 2.93 -15.43 8.08
CA LEU D 45 4.32 -15.47 7.68
C LEU D 45 4.82 -16.91 7.56
N LYS D 46 5.08 -17.33 6.34
CA LYS D 46 5.59 -18.67 6.09
C LYS D 46 7.08 -18.58 5.81
N LYS D 47 7.65 -19.57 5.13
CA LYS D 47 9.07 -19.54 4.84
C LYS D 47 9.35 -18.91 3.48
N TYR D 48 8.74 -19.45 2.43
CA TYR D 48 8.93 -18.91 1.07
C TYR D 48 7.85 -19.43 0.13
N LYS D 49 7.90 -18.95 -1.11
CA LYS D 49 6.94 -19.35 -2.13
C LYS D 49 7.56 -19.14 -3.51
N PRO D 50 7.01 -19.78 -4.57
CA PRO D 50 7.49 -19.64 -5.93
C PRO D 50 7.81 -18.19 -6.29
N ASN D 51 6.89 -17.28 -5.95
CA ASN D 51 7.09 -15.87 -6.21
C ASN D 51 8.02 -15.27 -5.15
N MET D 52 9.31 -15.31 -5.46
CA MET D 52 10.31 -14.77 -4.55
C MET D 52 10.49 -13.28 -4.77
N THR D 53 11.44 -12.68 -4.06
CA THR D 53 11.71 -11.26 -4.17
C THR D 53 12.13 -10.87 -5.58
N CYS D 54 11.68 -9.71 -6.03
CA CYS D 54 12.00 -9.22 -7.35
C CYS D 54 13.32 -8.45 -7.34
N GLN D 55 13.91 -8.26 -8.50
CA GLN D 55 15.18 -7.54 -8.60
C GLN D 55 15.32 -6.86 -9.95
N MET E 1 -6.27 19.11 -28.77
CA MET E 1 -5.03 18.40 -29.04
C MET E 1 -4.95 17.12 -28.21
N LYS E 2 -5.15 17.28 -26.92
CA LYS E 2 -5.11 16.16 -25.98
C LYS E 2 -6.32 16.23 -25.07
N SER E 3 -7.40 16.79 -25.57
CA SER E 3 -8.64 16.95 -24.82
C SER E 3 -9.24 15.59 -24.45
N THR E 4 -8.91 14.56 -25.22
CA THR E 4 -9.42 13.23 -24.97
C THR E 4 -8.42 12.39 -24.18
N GLY E 5 -7.45 13.05 -23.56
CA GLY E 5 -6.45 12.36 -22.78
C GLY E 5 -5.24 13.22 -22.52
N ILE E 6 -5.29 13.98 -21.44
CA ILE E 6 -4.21 14.88 -21.08
C ILE E 6 -3.09 14.10 -20.41
N VAL E 7 -2.05 13.82 -21.17
CA VAL E 7 -0.91 13.09 -20.65
C VAL E 7 0.01 14.02 -19.85
N ARG E 8 -0.11 13.94 -18.53
CA ARG E 8 0.71 14.77 -17.65
C ARG E 8 1.85 13.95 -17.08
N LYS E 9 3.01 14.57 -16.98
CA LYS E 9 4.21 13.90 -16.48
C LYS E 9 4.21 13.79 -14.96
N VAL E 10 4.89 12.78 -14.47
CA VAL E 10 5.02 12.54 -13.04
C VAL E 10 6.39 13.01 -12.60
N ASP E 11 6.44 13.73 -11.48
CA ASP E 11 7.70 14.24 -10.97
C ASP E 11 8.42 13.19 -10.14
N GLU E 12 9.73 13.35 -9.98
CA GLU E 12 10.54 12.42 -9.19
C GLU E 12 10.16 12.48 -7.72
N LEU E 13 9.25 13.38 -7.38
CA LEU E 13 8.79 13.54 -6.02
C LEU E 13 7.57 12.65 -5.77
N GLY E 14 7.22 11.86 -6.78
CA GLY E 14 6.08 10.95 -6.66
C GLY E 14 4.75 11.68 -6.73
N ARG E 15 4.77 12.89 -7.26
CA ARG E 15 3.57 13.69 -7.38
C ARG E 15 3.21 13.93 -8.83
N VAL E 16 1.99 13.60 -9.19
CA VAL E 16 1.51 13.78 -10.55
C VAL E 16 0.80 15.12 -10.68
N VAL E 17 1.11 15.85 -11.73
CA VAL E 17 0.49 17.15 -11.96
C VAL E 17 -0.90 16.97 -12.57
N ILE E 18 -1.93 17.08 -11.74
CA ILE E 18 -3.30 16.94 -12.21
C ILE E 18 -3.65 18.13 -13.11
N PRO E 19 -4.48 17.91 -14.15
CA PRO E 19 -4.90 18.99 -15.05
C PRO E 19 -5.81 19.96 -14.32
N ILE E 20 -5.21 21.00 -13.74
CA ILE E 20 -5.94 22.00 -13.00
C ILE E 20 -6.69 22.93 -13.96
N GLU E 21 -6.45 22.75 -15.25
CA GLU E 21 -7.08 23.55 -16.30
C GLU E 21 -8.60 23.50 -16.21
N LEU E 22 -9.15 22.32 -15.97
CA LEU E 22 -10.60 22.17 -15.85
C LEU E 22 -11.13 22.94 -14.65
N ARG E 23 -10.37 22.93 -13.57
CA ARG E 23 -10.75 23.63 -12.34
C ARG E 23 -10.60 25.14 -12.54
N ARG E 24 -9.55 25.50 -13.27
CA ARG E 24 -9.24 26.89 -13.59
C ARG E 24 -10.37 27.53 -14.39
N THR E 25 -10.86 26.79 -15.37
CA THR E 25 -11.94 27.27 -16.23
C THR E 25 -13.25 27.40 -15.44
N LEU E 26 -13.45 26.52 -14.47
CA LEU E 26 -14.67 26.54 -13.66
C LEU E 26 -14.59 27.63 -12.59
N GLY E 27 -13.44 27.75 -11.95
CA GLY E 27 -13.26 28.74 -10.91
C GLY E 27 -13.65 28.20 -9.55
N ILE E 28 -13.35 26.94 -9.29
CA ILE E 28 -13.68 26.31 -8.02
C ILE E 28 -12.58 26.56 -6.99
N ALA E 29 -12.70 25.90 -5.84
CA ALA E 29 -11.73 26.05 -4.78
C ALA E 29 -10.37 25.48 -5.17
N GLU E 30 -9.34 25.90 -4.46
CA GLU E 30 -7.98 25.43 -4.75
C GLU E 30 -7.62 24.27 -3.84
N LYS E 31 -8.28 24.20 -2.69
CA LYS E 31 -8.03 23.13 -1.73
C LYS E 31 -9.29 22.30 -1.50
N ASP E 32 -9.21 21.01 -1.80
CA ASP E 32 -10.31 20.08 -1.63
C ASP E 32 -9.78 18.65 -1.62
N ALA E 33 -10.64 17.69 -1.92
CA ALA E 33 -10.24 16.29 -1.92
C ALA E 33 -10.93 15.52 -3.04
N LEU E 34 -10.39 14.36 -3.37
CA LEU E 34 -10.95 13.51 -4.41
C LEU E 34 -11.05 12.06 -3.93
N GLU E 35 -12.04 11.34 -4.42
CA GLU E 35 -12.24 9.94 -4.05
C GLU E 35 -11.54 9.04 -5.06
N ILE E 36 -10.48 8.38 -4.62
CA ILE E 36 -9.71 7.50 -5.49
C ILE E 36 -10.23 6.07 -5.47
N TYR E 37 -10.64 5.58 -6.64
CA TYR E 37 -11.14 4.21 -6.78
C TYR E 37 -10.73 3.65 -8.15
N VAL E 38 -10.32 2.38 -8.18
CA VAL E 38 -9.91 1.75 -9.43
C VAL E 38 -11.07 1.05 -10.12
N ASP E 39 -11.16 1.24 -11.43
CA ASP E 39 -12.20 0.62 -12.24
C ASP E 39 -11.55 -0.30 -13.27
N ASP E 40 -11.35 -1.55 -12.89
CA ASP E 40 -10.72 -2.58 -13.74
C ASP E 40 -9.22 -2.35 -13.85
N GLU E 41 -8.85 -1.16 -14.31
CA GLU E 41 -7.46 -0.78 -14.47
C GLU E 41 -7.31 0.72 -14.34
N LYS E 42 -8.22 1.45 -14.97
CA LYS E 42 -8.19 2.91 -14.92
C LYS E 42 -8.65 3.40 -13.55
N ILE E 43 -8.04 4.45 -13.06
CA ILE E 43 -8.39 5.00 -11.76
C ILE E 43 -9.39 6.12 -11.91
N ILE E 44 -10.44 6.08 -11.11
CA ILE E 44 -11.47 7.10 -11.14
C ILE E 44 -11.38 7.97 -9.90
N LEU E 45 -11.14 9.26 -10.12
CA LEU E 45 -11.04 10.22 -9.03
C LEU E 45 -12.30 11.08 -9.00
N LYS E 46 -13.28 10.65 -8.24
CA LYS E 46 -14.53 11.38 -8.12
C LYS E 46 -14.36 12.55 -7.17
N LYS E 47 -15.21 13.56 -7.28
CA LYS E 47 -15.14 14.69 -6.39
C LYS E 47 -15.59 14.28 -5.00
N TYR E 48 -14.97 14.82 -3.98
CA TYR E 48 -15.30 14.49 -2.60
C TYR E 48 -16.75 14.85 -2.27
N LYS E 49 -17.33 14.10 -1.34
CA LYS E 49 -18.69 14.33 -0.92
C LYS E 49 -18.69 15.35 0.23
N PRO E 50 -19.80 16.07 0.43
CA PRO E 50 -19.91 17.07 1.50
C PRO E 50 -19.96 16.45 2.90
N ASN E 51 -18.91 15.74 3.28
CA ASN E 51 -18.81 15.11 4.58
C ASN E 51 -17.34 15.03 5.00
N MET E 52 -17.10 14.77 6.28
CA MET E 52 -15.73 14.67 6.78
C MET E 52 -15.50 13.34 7.47
N THR E 53 -16.45 12.93 8.30
CA THR E 53 -16.34 11.67 9.01
C THR E 53 -17.48 10.73 8.60
N CYS E 54 -17.59 9.59 9.27
CA CYS E 54 -18.61 8.61 8.94
C CYS E 54 -19.87 8.77 9.80
N GLN E 55 -19.93 9.83 10.59
CA GLN E 55 -21.10 10.07 11.44
C GLN E 55 -22.19 10.81 10.69
N MET F 1 -3.54 5.53 0.97
CA MET F 1 -4.02 6.16 -0.26
C MET F 1 -4.28 5.08 -1.31
N LYS F 2 -5.15 4.15 -0.97
CA LYS F 2 -5.48 3.06 -1.88
C LYS F 2 -6.69 3.44 -2.73
N SER F 3 -6.80 2.84 -3.90
CA SER F 3 -7.90 3.11 -4.81
C SER F 3 -9.14 2.28 -4.48
N THR F 4 -9.41 2.13 -3.20
CA THR F 4 -10.57 1.37 -2.74
C THR F 4 -11.70 2.32 -2.36
N GLY F 5 -11.73 3.47 -3.01
CA GLY F 5 -12.75 4.46 -2.72
C GLY F 5 -12.37 5.26 -1.49
N ILE F 6 -11.16 5.81 -1.50
CA ILE F 6 -10.67 6.59 -0.39
C ILE F 6 -10.51 8.05 -0.77
N VAL F 7 -10.93 8.94 0.13
CA VAL F 7 -10.82 10.38 -0.11
C VAL F 7 -9.41 10.86 0.18
N ARG F 8 -8.79 11.45 -0.81
CA ARG F 8 -7.44 11.99 -0.67
C ARG F 8 -7.46 13.47 -1.00
N LYS F 9 -6.97 14.28 -0.06
CA LYS F 9 -6.92 15.72 -0.25
C LYS F 9 -5.98 16.08 -1.38
N VAL F 10 -6.23 17.19 -2.05
CA VAL F 10 -5.36 17.61 -3.13
C VAL F 10 -4.13 18.28 -2.53
N ASP F 11 -3.00 18.16 -3.20
CA ASP F 11 -1.75 18.74 -2.71
C ASP F 11 -1.75 20.26 -2.89
N GLU F 12 -0.60 20.87 -2.67
CA GLU F 12 -0.43 22.32 -2.77
C GLU F 12 -1.03 22.89 -4.06
N LEU F 13 -0.60 22.35 -5.19
CA LEU F 13 -1.09 22.83 -6.49
C LEU F 13 -2.12 21.86 -7.08
N GLY F 14 -2.84 21.16 -6.21
CA GLY F 14 -3.84 20.23 -6.66
C GLY F 14 -3.26 18.93 -7.18
N ARG F 15 -1.98 18.70 -6.89
CA ARG F 15 -1.30 17.49 -7.35
C ARG F 15 -1.86 16.25 -6.66
N VAL F 16 -1.78 15.11 -7.36
CA VAL F 16 -2.25 13.85 -6.82
C VAL F 16 -1.06 12.95 -6.49
N VAL F 17 -1.21 12.13 -5.46
CA VAL F 17 -0.12 11.25 -5.03
C VAL F 17 -0.63 9.84 -4.79
N ILE F 18 0.28 8.87 -4.90
CA ILE F 18 -0.04 7.47 -4.70
C ILE F 18 1.05 6.83 -3.83
N PRO F 19 0.73 5.73 -3.14
CA PRO F 19 1.69 5.03 -2.28
C PRO F 19 2.98 4.62 -3.00
N ILE F 20 4.09 4.71 -2.27
CA ILE F 20 5.41 4.35 -2.79
C ILE F 20 5.43 2.89 -3.26
N GLU F 21 5.11 2.00 -2.33
CA GLU F 21 5.11 0.57 -2.60
C GLU F 21 4.14 0.19 -3.71
N LEU F 22 3.07 0.97 -3.88
CA LEU F 22 2.08 0.70 -4.91
C LEU F 22 2.74 0.66 -6.29
N ARG F 23 3.43 1.74 -6.64
CA ARG F 23 4.11 1.83 -7.93
C ARG F 23 5.19 0.75 -8.03
N ARG F 24 5.87 0.52 -6.92
CA ARG F 24 6.93 -0.46 -6.84
C ARG F 24 6.42 -1.88 -7.15
N THR F 25 5.14 -2.11 -6.92
CA THR F 25 4.55 -3.42 -7.16
C THR F 25 3.62 -3.40 -8.38
N LEU F 26 3.45 -2.23 -8.98
CA LEU F 26 2.59 -2.10 -10.16
C LEU F 26 3.42 -2.16 -11.42
N GLY F 27 4.66 -1.69 -11.35
CA GLY F 27 5.51 -1.71 -12.51
C GLY F 27 5.59 -0.36 -13.19
N ILE F 28 5.33 0.70 -12.43
CA ILE F 28 5.36 2.04 -12.96
C ILE F 28 6.36 2.89 -12.19
N ALA F 29 7.18 3.63 -12.90
CA ALA F 29 8.19 4.47 -12.28
C ALA F 29 7.62 5.86 -11.96
N GLU F 30 8.31 6.57 -11.07
CA GLU F 30 7.89 7.91 -10.69
C GLU F 30 8.23 8.93 -11.78
N LYS F 31 8.90 8.46 -12.82
CA LYS F 31 9.29 9.32 -13.93
C LYS F 31 8.59 8.87 -15.21
N ASP F 32 7.27 8.85 -15.16
CA ASP F 32 6.46 8.43 -16.30
C ASP F 32 5.39 9.49 -16.59
N ALA F 33 4.32 9.10 -17.26
CA ALA F 33 3.24 10.00 -17.57
C ALA F 33 1.91 9.28 -17.46
N LEU F 34 0.84 10.01 -17.17
CA LEU F 34 -0.49 9.41 -17.03
C LEU F 34 -1.48 10.07 -17.97
N GLU F 35 -2.33 9.24 -18.59
CA GLU F 35 -3.35 9.74 -19.49
C GLU F 35 -4.58 10.12 -18.67
N ILE F 36 -4.66 11.38 -18.32
CA ILE F 36 -5.75 11.88 -17.49
C ILE F 36 -6.88 12.45 -18.34
N TYR F 37 -8.08 11.97 -18.10
CA TYR F 37 -9.26 12.41 -18.83
C TYR F 37 -10.36 12.79 -17.83
N VAL F 38 -11.39 13.46 -18.31
CA VAL F 38 -12.50 13.84 -17.46
C VAL F 38 -13.78 13.14 -17.89
N ASP F 39 -14.47 12.54 -16.94
CA ASP F 39 -15.71 11.83 -17.21
C ASP F 39 -16.86 12.49 -16.48
N ASP F 40 -17.47 13.46 -17.14
CA ASP F 40 -18.60 14.22 -16.60
C ASP F 40 -18.17 15.10 -15.43
N GLU F 41 -18.06 14.52 -14.24
CA GLU F 41 -17.67 15.28 -13.05
C GLU F 41 -16.58 14.56 -12.27
N LYS F 42 -16.01 13.52 -12.85
CA LYS F 42 -14.95 12.75 -12.20
C LYS F 42 -13.71 12.70 -13.08
N ILE F 43 -12.55 12.56 -12.44
CA ILE F 43 -11.29 12.51 -13.17
C ILE F 43 -10.89 11.06 -13.42
N ILE F 44 -10.40 10.79 -14.62
CA ILE F 44 -9.98 9.44 -15.00
C ILE F 44 -8.48 9.39 -15.22
N LEU F 45 -7.80 8.52 -14.47
CA LEU F 45 -6.36 8.36 -14.58
C LEU F 45 -6.04 7.01 -15.23
N LYS F 46 -5.70 7.05 -16.51
CA LYS F 46 -5.37 5.83 -17.25
C LYS F 46 -3.87 5.61 -17.31
N LYS F 47 -3.44 4.44 -16.85
CA LYS F 47 -2.02 4.07 -16.84
C LYS F 47 -1.75 3.04 -17.92
N TYR F 48 -0.50 2.88 -18.30
CA TYR F 48 -0.11 1.90 -19.31
C TYR F 48 -0.03 0.51 -18.70
N LYS F 49 -0.08 -0.51 -19.55
CA LYS F 49 -0.01 -1.89 -19.09
C LYS F 49 1.45 -2.32 -18.99
N PRO F 50 1.95 -2.53 -17.76
CA PRO F 50 3.34 -2.94 -17.51
C PRO F 50 3.62 -4.36 -17.97
N ASN F 51 2.64 -5.24 -17.82
CA ASN F 51 2.77 -6.65 -18.21
C ASN F 51 3.87 -7.33 -17.40
N MET F 52 4.11 -6.82 -16.20
CA MET F 52 5.13 -7.36 -15.32
C MET F 52 4.74 -7.15 -13.85
N THR F 53 5.22 -8.02 -12.98
CA THR F 53 4.94 -7.93 -11.57
C THR F 53 5.73 -6.80 -10.93
N CYS F 54 7.06 -6.88 -11.05
CA CYS F 54 7.94 -5.88 -10.48
C CYS F 54 8.80 -5.26 -11.59
N GLN F 55 8.65 -3.95 -11.77
CA GLN F 55 9.41 -3.20 -12.78
C GLN F 55 9.09 -3.70 -14.18
N MET C 1 -1.29 -3.73 -6.29
CA MET C 1 -0.37 -4.62 -5.56
C MET C 1 -0.99 -6.01 -5.39
N LYS C 2 -0.73 -6.90 -6.34
CA LYS C 2 -1.29 -8.25 -6.28
C LYS C 2 -0.34 -9.21 -5.58
N SER C 3 0.88 -8.75 -5.32
CA SER C 3 1.89 -9.56 -4.65
C SER C 3 1.47 -9.81 -3.20
N THR C 4 1.14 -11.05 -2.89
CA THR C 4 0.71 -11.43 -1.56
C THR C 4 1.89 -11.93 -0.71
N GLY C 5 2.81 -12.64 -1.36
CA GLY C 5 3.96 -13.16 -0.66
C GLY C 5 5.18 -12.31 -0.92
N ILE C 6 5.59 -11.54 0.07
CA ILE C 6 6.75 -10.67 -0.07
C ILE C 6 7.95 -11.21 0.69
N VAL C 7 8.97 -11.62 -0.03
CA VAL C 7 10.18 -12.14 0.59
C VAL C 7 11.15 -11.01 0.90
N ARG C 8 11.64 -10.97 2.13
CA ARG C 8 12.58 -9.95 2.56
C ARG C 8 13.71 -10.55 3.39
N LYS C 9 14.94 -10.19 3.05
CA LYS C 9 16.11 -10.67 3.76
C LYS C 9 16.11 -10.12 5.19
N VAL C 10 16.39 -10.98 6.15
CA VAL C 10 16.43 -10.56 7.54
C VAL C 10 17.82 -10.08 7.90
N ASP C 11 18.05 -9.78 9.16
CA ASP C 11 19.34 -9.32 9.62
C ASP C 11 20.13 -10.48 10.21
N GLU C 12 21.39 -10.24 10.52
CA GLU C 12 22.25 -11.28 11.09
C GLU C 12 21.98 -11.46 12.58
N LEU C 13 20.80 -11.09 13.02
CA LEU C 13 20.44 -11.21 14.43
C LEU C 13 19.14 -12.00 14.58
N GLY C 14 18.20 -11.78 13.68
CA GLY C 14 16.94 -12.50 13.74
C GLY C 14 15.73 -11.61 14.00
N ARG C 15 15.66 -10.48 13.31
CA ARG C 15 14.54 -9.57 13.47
C ARG C 15 13.86 -9.28 12.14
N VAL C 16 12.58 -8.97 12.20
CA VAL C 16 11.80 -8.66 11.00
C VAL C 16 10.91 -7.44 11.25
N VAL C 17 10.51 -6.78 10.17
CA VAL C 17 9.67 -5.60 10.25
C VAL C 17 8.64 -5.60 9.12
N ILE C 18 7.40 -5.23 9.44
CA ILE C 18 6.34 -5.18 8.45
C ILE C 18 6.13 -3.74 8.00
N PRO C 19 5.78 -3.53 6.72
CA PRO C 19 5.57 -2.18 6.16
C PRO C 19 4.53 -1.39 6.94
N ILE C 20 4.86 -0.14 7.26
CA ILE C 20 3.95 0.72 8.01
C ILE C 20 2.85 1.22 7.09
N GLU C 21 3.16 1.34 5.81
CA GLU C 21 2.21 1.77 4.82
C GLU C 21 1.09 0.76 4.73
N LEU C 22 1.45 -0.52 4.88
CA LEU C 22 0.48 -1.60 4.85
C LEU C 22 -0.41 -1.51 6.08
N ARG C 23 0.20 -1.20 7.21
CA ARG C 23 -0.52 -1.06 8.48
C ARG C 23 -1.57 0.04 8.37
N ARG C 24 -1.18 1.15 7.76
CA ARG C 24 -2.06 2.29 7.58
C ARG C 24 -3.18 1.97 6.59
N THR C 25 -2.96 0.98 5.73
CA THR C 25 -3.95 0.58 4.75
C THR C 25 -4.89 -0.47 5.35
N LEU C 26 -4.36 -1.25 6.28
CA LEU C 26 -5.14 -2.29 6.94
C LEU C 26 -6.11 -1.68 7.94
N GLY C 27 -5.83 -0.45 8.35
CA GLY C 27 -6.67 0.24 9.30
C GLY C 27 -6.34 -0.14 10.73
N ILE C 28 -5.06 -0.41 10.98
CA ILE C 28 -4.61 -0.80 12.30
C ILE C 28 -3.59 0.20 12.84
N ALA C 29 -3.28 0.09 14.13
CA ALA C 29 -2.33 1.00 14.75
C ALA C 29 -1.19 0.23 15.39
N GLU C 30 -0.28 0.97 16.03
CA GLU C 30 0.88 0.36 16.69
C GLU C 30 0.55 0.00 18.14
N LYS C 31 -0.73 -0.29 18.40
CA LYS C 31 -1.17 -0.67 19.73
C LYS C 31 -1.99 -1.94 19.65
N ASP C 32 -1.63 -2.79 18.71
CA ASP C 32 -2.33 -4.05 18.50
C ASP C 32 -1.60 -5.18 19.22
N ALA C 33 -2.12 -6.39 19.08
CA ALA C 33 -1.51 -7.54 19.72
C ALA C 33 -1.13 -8.59 18.68
N LEU C 34 0.16 -8.68 18.41
CA LEU C 34 0.66 -9.63 17.41
C LEU C 34 1.00 -10.97 18.04
N GLU C 35 0.23 -11.97 17.71
CA GLU C 35 0.45 -13.32 18.23
C GLU C 35 1.39 -14.05 17.28
N ILE C 36 2.67 -14.06 17.64
CA ILE C 36 3.69 -14.71 16.83
C ILE C 36 3.64 -16.22 17.03
N TYR C 37 2.87 -16.89 16.18
CA TYR C 37 2.71 -18.34 16.26
C TYR C 37 3.83 -19.06 15.52
N VAL C 38 4.59 -19.88 16.23
CA VAL C 38 5.68 -20.63 15.62
C VAL C 38 5.33 -22.10 15.59
N ASP C 39 4.81 -22.58 14.47
CA ASP C 39 4.41 -23.98 14.36
C ASP C 39 4.74 -24.55 12.99
N ASP C 40 4.89 -25.88 12.94
CA ASP C 40 5.19 -26.61 11.71
C ASP C 40 6.52 -26.17 11.10
N GLU C 41 6.47 -25.18 10.22
CA GLU C 41 7.66 -24.68 9.55
C GLU C 41 7.46 -23.24 9.08
N LYS C 42 6.56 -22.53 9.76
CA LYS C 42 6.27 -21.14 9.41
C LYS C 42 5.82 -20.37 10.64
N ILE C 43 5.85 -19.05 10.54
CA ILE C 43 5.44 -18.20 11.64
C ILE C 43 4.14 -17.49 11.31
N ILE C 44 3.08 -17.84 12.01
CA ILE C 44 1.78 -17.24 11.78
C ILE C 44 1.60 -15.99 12.63
N LEU C 45 1.83 -14.83 12.03
CA LEU C 45 1.68 -13.56 12.74
C LEU C 45 0.22 -13.13 12.69
N LYS C 46 -0.56 -13.63 13.62
CA LYS C 46 -1.99 -13.32 13.68
C LYS C 46 -2.29 -12.29 14.74
N LYS C 47 -3.49 -11.74 14.70
CA LYS C 47 -3.92 -10.74 15.67
C LYS C 47 -5.43 -10.59 15.62
N TYR C 48 -5.97 -9.74 16.49
CA TYR C 48 -7.41 -9.52 16.55
C TYR C 48 -7.78 -8.31 15.69
N LYS C 49 -9.08 -8.05 15.58
CA LYS C 49 -9.55 -6.91 14.78
C LYS C 49 -9.88 -5.71 15.68
N PRO C 50 -9.08 -4.64 15.57
CA PRO C 50 -9.29 -3.42 16.34
C PRO C 50 -10.32 -2.50 15.69
N ASN C 51 -10.71 -2.86 14.47
CA ASN C 51 -11.69 -2.10 13.73
C ASN C 51 -13.06 -2.74 13.87
N MET C 52 -14.04 -1.95 14.26
CA MET C 52 -15.39 -2.43 14.44
C MET C 52 -16.37 -1.28 14.35
N THR C 53 -17.04 -1.17 13.20
CA THR C 53 -18.02 -0.12 12.93
C THR C 53 -17.39 1.27 13.09
N CYS C 54 -18.24 2.29 13.19
CA CYS C 54 -17.76 3.66 13.36
C CYS C 54 -18.22 4.20 14.71
N GLN C 55 -18.70 3.30 15.56
CA GLN C 55 -19.18 3.67 16.89
C GLN C 55 -18.51 2.81 17.95
N MET D 1 -5.99 -24.78 22.70
CA MET D 1 -5.49 -25.01 24.04
C MET D 1 -3.97 -24.99 24.06
N LYS D 2 -3.37 -25.52 23.00
CA LYS D 2 -1.93 -25.58 22.88
C LYS D 2 -1.44 -24.39 22.05
N SER D 3 -1.69 -23.20 22.55
CA SER D 3 -1.28 -21.97 21.88
C SER D 3 0.24 -21.86 21.84
N THR D 4 0.82 -22.19 20.68
CA THR D 4 2.25 -22.15 20.49
C THR D 4 2.69 -20.83 19.86
N GLY D 5 2.34 -19.73 20.51
CA GLY D 5 2.70 -18.43 19.99
C GLY D 5 2.92 -17.42 21.10
N ILE D 6 3.63 -16.35 20.78
CA ILE D 6 3.90 -15.30 21.75
C ILE D 6 3.18 -14.02 21.36
N VAL D 7 2.26 -13.59 22.20
CA VAL D 7 1.50 -12.38 21.95
C VAL D 7 2.31 -11.16 22.37
N ARG D 8 2.84 -10.46 21.38
CA ARG D 8 3.65 -9.28 21.62
C ARG D 8 2.97 -8.03 21.08
N LYS D 9 3.08 -6.93 21.82
CA LYS D 9 2.51 -5.67 21.40
C LYS D 9 3.23 -5.15 20.16
N VAL D 10 2.51 -4.40 19.33
CA VAL D 10 3.11 -3.84 18.13
C VAL D 10 4.12 -2.77 18.51
N ASP D 11 5.30 -2.85 17.91
CA ASP D 11 6.35 -1.88 18.17
C ASP D 11 5.93 -0.50 17.66
N GLU D 12 6.39 0.55 18.32
CA GLU D 12 6.05 1.92 17.94
C GLU D 12 6.46 2.21 16.50
N LEU D 13 7.53 1.57 16.05
CA LEU D 13 8.02 1.78 14.71
C LEU D 13 7.99 0.47 13.92
N GLY D 14 8.41 -0.61 14.56
CA GLY D 14 8.42 -1.90 13.90
C GLY D 14 9.69 -2.67 14.19
N ARG D 15 9.67 -3.51 15.22
CA ARG D 15 10.82 -4.31 15.61
C ARG D 15 10.37 -5.61 16.25
N VAL D 16 10.15 -6.64 15.45
CA VAL D 16 9.73 -7.93 16.00
C VAL D 16 10.80 -8.99 15.71
N VAL D 17 11.23 -9.69 16.75
CA VAL D 17 12.26 -10.72 16.60
C VAL D 17 11.70 -12.11 16.85
N ILE D 18 12.44 -13.11 16.37
CA ILE D 18 12.05 -14.50 16.54
C ILE D 18 13.14 -15.24 17.32
N PRO D 19 12.73 -16.19 18.20
CA PRO D 19 13.66 -16.97 19.02
C PRO D 19 14.75 -17.64 18.19
N ILE D 20 16.00 -17.47 18.62
CA ILE D 20 17.17 -18.02 17.93
C ILE D 20 17.07 -19.52 17.69
N GLU D 21 16.82 -20.27 18.75
CA GLU D 21 16.74 -21.72 18.66
C GLU D 21 15.65 -22.17 17.67
N LEU D 22 14.43 -21.69 17.87
CA LEU D 22 13.33 -22.06 16.99
C LEU D 22 13.58 -21.60 15.55
N ARG D 23 14.18 -20.43 15.42
CA ARG D 23 14.50 -19.86 14.11
C ARG D 23 15.41 -20.79 13.31
N ARG D 24 16.55 -21.12 13.90
CA ARG D 24 17.52 -21.99 13.25
C ARG D 24 16.94 -23.39 13.03
N THR D 25 16.15 -23.85 13.98
CA THR D 25 15.53 -25.17 13.88
C THR D 25 14.49 -25.19 12.75
N LEU D 26 13.89 -24.04 12.47
CA LEU D 26 12.88 -23.92 11.42
C LEU D 26 13.52 -23.84 10.04
N GLY D 27 14.85 -23.73 10.02
CA GLY D 27 15.56 -23.65 8.76
C GLY D 27 15.89 -22.23 8.37
N ILE D 28 15.75 -21.32 9.32
CA ILE D 28 16.04 -19.92 9.08
C ILE D 28 17.38 -19.53 9.70
N ALA D 29 18.32 -19.13 8.85
CA ALA D 29 19.64 -18.75 9.31
C ALA D 29 19.70 -17.24 9.57
N GLU D 30 20.82 -16.77 10.11
CA GLU D 30 20.99 -15.35 10.40
C GLU D 30 21.34 -14.56 9.13
N LYS D 31 21.17 -15.19 7.99
CA LYS D 31 21.45 -14.57 6.70
C LYS D 31 20.43 -15.01 5.67
N ASP D 32 19.26 -15.42 6.14
CA ASP D 32 18.20 -15.89 5.24
C ASP D 32 17.18 -14.79 4.99
N ALA D 33 16.02 -15.17 4.49
CA ALA D 33 14.97 -14.23 4.19
C ALA D 33 13.62 -14.80 4.58
N LEU D 34 12.75 -13.95 5.12
CA LEU D 34 11.43 -14.37 5.53
C LEU D 34 10.39 -13.89 4.52
N GLU D 35 9.42 -14.74 4.24
CA GLU D 35 8.37 -14.42 3.29
C GLU D 35 7.09 -14.05 4.03
N ILE D 36 6.74 -12.77 4.00
CA ILE D 36 5.54 -12.30 4.66
C ILE D 36 4.32 -12.49 3.75
N TYR D 37 3.55 -13.51 4.03
CA TYR D 37 2.36 -13.82 3.26
C TYR D 37 1.12 -13.41 4.04
N VAL D 38 0.57 -12.25 3.70
CA VAL D 38 -0.62 -11.75 4.38
C VAL D 38 -1.87 -12.51 3.92
N ASP D 39 -2.49 -13.21 4.85
CA ASP D 39 -3.69 -14.00 4.55
C ASP D 39 -4.78 -13.69 5.56
N ASP D 40 -5.92 -13.23 5.06
CA ASP D 40 -7.08 -12.91 5.89
C ASP D 40 -6.74 -11.83 6.92
N GLU D 41 -6.41 -12.25 8.14
CA GLU D 41 -6.09 -11.32 9.20
C GLU D 41 -4.75 -11.68 9.86
N LYS D 42 -3.94 -12.45 9.17
CA LYS D 42 -2.65 -12.83 9.72
C LYS D 42 -1.58 -12.86 8.64
N ILE D 43 -0.36 -12.52 9.01
CA ILE D 43 0.76 -12.52 8.09
C ILE D 43 1.62 -13.74 8.36
N ILE D 44 1.55 -14.71 7.47
CA ILE D 44 2.31 -15.93 7.63
C ILE D 44 3.72 -15.77 7.09
N LEU D 45 4.69 -15.75 7.98
CA LEU D 45 6.08 -15.62 7.58
C LEU D 45 6.64 -17.00 7.31
N LYS D 46 6.77 -17.33 6.03
CA LYS D 46 7.29 -18.63 5.64
C LYS D 46 8.77 -18.55 5.33
N LYS D 47 9.42 -19.71 5.29
CA LYS D 47 10.84 -19.79 4.99
C LYS D 47 11.10 -19.39 3.53
N TYR D 48 10.23 -19.85 2.64
CA TYR D 48 10.31 -19.55 1.22
C TYR D 48 9.22 -20.30 0.47
N LYS D 49 8.98 -19.90 -0.76
CA LYS D 49 7.98 -20.55 -1.62
C LYS D 49 8.44 -20.45 -3.07
N PRO D 50 8.05 -21.41 -3.92
CA PRO D 50 8.43 -21.40 -5.33
C PRO D 50 7.91 -20.16 -6.05
N ASN D 51 6.59 -19.93 -5.95
CA ASN D 51 5.94 -18.77 -6.57
C ASN D 51 6.32 -18.68 -8.03
N MET D 52 6.11 -19.76 -8.76
CA MET D 52 6.45 -19.81 -10.18
C MET D 52 5.39 -19.12 -11.02
N THR D 53 5.14 -17.86 -10.71
CA THR D 53 4.14 -17.08 -11.42
C THR D 53 4.60 -16.76 -12.84
N CYS D 54 5.89 -16.48 -12.98
CA CYS D 54 6.46 -16.16 -14.28
C CYS D 54 7.98 -16.31 -14.25
N GLN D 55 8.44 -17.56 -14.26
CA GLN D 55 9.86 -17.85 -14.25
C GLN D 55 10.15 -19.17 -14.95
N MET E 1 2.56 12.64 -29.62
CA MET E 1 2.83 11.41 -30.37
C MET E 1 1.72 10.40 -30.14
N LYS E 2 1.46 10.11 -28.87
CA LYS E 2 0.43 9.15 -28.52
C LYS E 2 -0.76 9.84 -27.88
N SER E 3 -1.87 9.86 -28.59
CA SER E 3 -3.08 10.49 -28.11
C SER E 3 -3.94 9.49 -27.34
N THR E 4 -3.38 8.31 -27.08
CA THR E 4 -4.08 7.26 -26.34
C THR E 4 -4.09 7.59 -24.84
N GLY E 5 -4.74 8.69 -24.50
CA GLY E 5 -4.81 9.13 -23.12
C GLY E 5 -3.76 10.18 -22.83
N ILE E 6 -3.96 10.94 -21.77
CA ILE E 6 -3.01 11.96 -21.39
C ILE E 6 -1.96 11.36 -20.47
N VAL E 7 -0.98 10.73 -21.09
CA VAL E 7 0.09 10.08 -20.35
C VAL E 7 1.10 11.08 -19.81
N ARG E 8 1.16 11.18 -18.49
CA ARG E 8 2.09 12.08 -17.83
C ARG E 8 3.08 11.29 -17.02
N LYS E 9 4.27 11.84 -16.82
CA LYS E 9 5.32 11.15 -16.08
C LYS E 9 5.22 11.46 -14.58
N VAL E 10 5.47 10.45 -13.77
CA VAL E 10 5.45 10.60 -12.32
C VAL E 10 6.76 11.25 -11.87
N ASP E 11 6.66 12.29 -11.06
CA ASP E 11 7.85 12.99 -10.58
C ASP E 11 8.12 12.67 -9.11
N GLU E 12 9.06 13.38 -8.51
CA GLU E 12 9.43 13.16 -7.11
C GLU E 12 8.38 13.78 -6.19
N LEU E 13 7.39 14.42 -6.80
CA LEU E 13 6.31 15.06 -6.06
C LEU E 13 5.50 14.04 -5.27
N GLY E 14 5.41 12.82 -5.79
CA GLY E 14 4.64 11.79 -5.13
C GLY E 14 3.15 12.05 -5.30
N ARG E 15 2.86 12.98 -6.21
CA ARG E 15 1.50 13.38 -6.51
C ARG E 15 1.27 13.28 -8.00
N VAL E 16 0.05 13.60 -8.42
CA VAL E 16 -0.30 13.57 -9.82
C VAL E 16 -0.80 14.95 -10.23
N VAL E 17 -0.74 15.26 -11.52
CA VAL E 17 -1.18 16.55 -12.00
C VAL E 17 -2.38 16.41 -12.91
N ILE E 18 -3.19 17.45 -12.99
CA ILE E 18 -4.35 17.44 -13.85
C ILE E 18 -4.00 18.06 -15.20
N PRO E 19 -4.65 17.60 -16.28
CA PRO E 19 -4.40 18.13 -17.62
C PRO E 19 -4.60 19.64 -17.68
N ILE E 20 -3.61 20.35 -18.22
CA ILE E 20 -3.66 21.80 -18.34
C ILE E 20 -4.95 22.25 -19.04
N GLU E 21 -5.42 21.42 -19.96
CA GLU E 21 -6.63 21.71 -20.70
C GLU E 21 -7.84 21.85 -19.78
N LEU E 22 -7.90 21.02 -18.76
CA LEU E 22 -9.00 21.05 -17.81
C LEU E 22 -8.94 22.28 -16.92
N ARG E 23 -7.77 22.55 -16.36
CA ARG E 23 -7.60 23.70 -15.47
C ARG E 23 -7.73 25.02 -16.23
N ARG E 24 -7.34 25.01 -17.50
CA ARG E 24 -7.40 26.22 -18.34
C ARG E 24 -8.83 26.51 -18.78
N THR E 25 -9.62 25.48 -19.00
CA THR E 25 -11.01 25.65 -19.43
C THR E 25 -11.94 25.87 -18.25
N LEU E 26 -11.74 25.10 -17.18
CA LEU E 26 -12.58 25.22 -16.00
C LEU E 26 -11.88 26.02 -14.91
N GLY E 27 -11.01 25.35 -14.18
CA GLY E 27 -10.30 26.00 -13.10
C GLY E 27 -10.60 25.34 -11.77
N ILE E 28 -9.62 25.35 -10.86
CA ILE E 28 -9.80 24.75 -9.54
C ILE E 28 -9.35 25.69 -8.45
N ALA E 29 -9.85 25.47 -7.25
CA ALA E 29 -9.48 26.27 -6.10
C ALA E 29 -8.33 25.61 -5.36
N GLU E 30 -7.56 26.39 -4.62
CA GLU E 30 -6.42 25.85 -3.87
C GLU E 30 -6.88 25.24 -2.54
N LYS E 31 -8.16 25.40 -2.22
CA LYS E 31 -8.72 24.86 -0.98
C LYS E 31 -9.78 23.81 -1.30
N ASP E 32 -9.78 23.36 -2.54
CA ASP E 32 -10.75 22.37 -2.99
C ASP E 32 -10.33 20.98 -2.54
N ALA E 33 -11.16 19.99 -2.84
CA ALA E 33 -10.90 18.62 -2.46
C ALA E 33 -11.40 17.65 -3.53
N LEU E 34 -10.61 16.63 -3.79
CA LEU E 34 -10.96 15.63 -4.79
C LEU E 34 -11.24 14.29 -4.13
N GLU E 35 -12.39 13.71 -4.46
CA GLU E 35 -12.77 12.42 -3.92
C GLU E 35 -12.03 11.32 -4.65
N ILE E 36 -11.06 10.72 -3.98
CA ILE E 36 -10.27 9.67 -4.57
C ILE E 36 -10.90 8.31 -4.29
N TYR E 37 -11.31 7.64 -5.36
CA TYR E 37 -11.91 6.33 -5.31
C TYR E 37 -11.17 5.37 -6.24
N VAL E 38 -10.75 4.22 -5.72
CA VAL E 38 -10.03 3.26 -6.53
C VAL E 38 -10.91 2.08 -6.93
N ASP E 39 -10.89 1.74 -8.21
CA ASP E 39 -11.66 0.62 -8.72
C ASP E 39 -10.72 -0.38 -9.39
N ASP E 40 -10.08 -1.20 -8.57
CA ASP E 40 -9.12 -2.21 -9.02
C ASP E 40 -7.85 -1.57 -9.56
N GLU E 41 -7.79 -1.35 -10.86
CA GLU E 41 -6.61 -0.75 -11.48
C GLU E 41 -6.93 0.62 -12.06
N LYS E 42 -8.20 0.99 -12.06
CA LYS E 42 -8.63 2.28 -12.57
C LYS E 42 -9.03 3.16 -11.40
N ILE E 43 -8.62 4.42 -11.43
CA ILE E 43 -8.94 5.33 -10.34
C ILE E 43 -9.88 6.44 -10.80
N ILE E 44 -10.80 6.79 -9.91
CA ILE E 44 -11.77 7.84 -10.17
C ILE E 44 -11.65 8.94 -9.14
N LEU E 45 -11.35 10.15 -9.59
CA LEU E 45 -11.21 11.29 -8.70
C LEU E 45 -12.33 12.30 -8.98
N LYS E 46 -13.28 12.38 -8.06
CA LYS E 46 -14.41 13.29 -8.21
C LYS E 46 -14.15 14.57 -7.44
N LYS E 47 -15.11 15.48 -7.44
CA LYS E 47 -14.98 16.74 -6.72
C LYS E 47 -15.45 16.60 -5.28
N TYR E 48 -16.56 17.25 -4.94
CA TYR E 48 -17.10 17.19 -3.60
C TYR E 48 -17.94 15.92 -3.41
N LYS E 49 -17.98 15.40 -2.20
CA LYS E 49 -18.74 14.21 -1.91
C LYS E 49 -19.75 14.46 -0.79
N PRO E 50 -21.04 14.28 -1.08
CA PRO E 50 -22.10 14.49 -0.10
C PRO E 50 -22.25 13.28 0.84
N ASN E 51 -21.18 12.99 1.56
CA ASN E 51 -21.17 11.87 2.49
C ASN E 51 -20.69 12.32 3.86
N MET E 52 -21.54 12.17 4.86
CA MET E 52 -21.19 12.57 6.22
C MET E 52 -20.44 11.45 6.93
N THR E 53 -19.99 11.71 8.14
CA THR E 53 -19.26 10.71 8.91
C THR E 53 -20.20 9.59 9.34
N CYS E 54 -19.69 8.37 9.34
CA CYS E 54 -20.48 7.21 9.74
C CYS E 54 -20.84 7.29 11.22
N GLN E 55 -22.06 7.74 11.49
CA GLN E 55 -22.52 7.88 12.86
C GLN E 55 -24.04 7.77 12.91
N MET F 1 -7.10 9.74 5.51
CA MET F 1 -7.40 9.88 4.09
C MET F 1 -7.02 8.60 3.35
N LYS F 2 -8.02 7.88 2.87
CA LYS F 2 -7.80 6.64 2.14
C LYS F 2 -8.29 6.79 0.71
N SER F 3 -8.28 5.67 -0.03
CA SER F 3 -8.72 5.67 -1.42
C SER F 3 -10.11 5.05 -1.57
N THR F 4 -10.82 4.92 -0.46
CA THR F 4 -12.15 4.34 -0.47
C THR F 4 -13.22 5.40 -0.75
N GLY F 5 -12.93 6.28 -1.70
CA GLY F 5 -13.85 7.35 -2.04
C GLY F 5 -13.84 8.44 -0.99
N ILE F 6 -12.68 9.04 -0.80
CA ILE F 6 -12.52 10.09 0.20
C ILE F 6 -11.92 11.36 -0.42
N VAL F 7 -12.46 12.51 -0.04
CA VAL F 7 -12.00 13.79 -0.55
C VAL F 7 -10.67 14.21 0.08
N ARG F 8 -9.69 14.46 -0.76
CA ARG F 8 -8.37 14.88 -0.32
C ARG F 8 -8.13 16.32 -0.76
N LYS F 9 -7.63 17.14 0.15
CA LYS F 9 -7.35 18.55 -0.15
C LYS F 9 -6.35 18.67 -1.28
N VAL F 10 -6.61 19.61 -2.18
CA VAL F 10 -5.73 19.85 -3.31
C VAL F 10 -4.56 20.72 -2.88
N ASP F 11 -3.62 20.96 -3.78
CA ASP F 11 -2.45 21.77 -3.48
C ASP F 11 -2.61 23.19 -4.03
N GLU F 12 -1.95 24.14 -3.37
CA GLU F 12 -2.00 25.55 -3.77
C GLU F 12 -1.50 25.78 -5.19
N LEU F 13 -0.56 24.95 -5.64
CA LEU F 13 0.01 25.07 -6.98
C LEU F 13 -0.89 24.39 -8.01
N GLY F 14 -1.98 23.79 -7.52
CA GLY F 14 -2.90 23.10 -8.40
C GLY F 14 -2.50 21.67 -8.62
N ARG F 15 -1.64 21.17 -7.74
CA ARG F 15 -1.19 19.79 -7.83
C ARG F 15 -2.14 18.87 -7.08
N VAL F 16 -2.40 17.69 -7.62
CA VAL F 16 -3.30 16.75 -6.99
C VAL F 16 -2.54 15.89 -5.99
N VAL F 17 -2.81 16.11 -4.72
CA VAL F 17 -2.16 15.36 -3.67
C VAL F 17 -2.94 14.11 -3.33
N ILE F 18 -2.39 12.97 -3.70
CA ILE F 18 -3.01 11.69 -3.43
C ILE F 18 -2.36 11.05 -2.21
N PRO F 19 -3.04 10.11 -1.53
CA PRO F 19 -2.48 9.42 -0.36
C PRO F 19 -1.19 8.69 -0.68
N ILE F 20 -0.23 8.79 0.23
CA ILE F 20 1.07 8.15 0.06
C ILE F 20 0.94 6.63 -0.06
N GLU F 21 -0.06 6.08 0.63
CA GLU F 21 -0.29 4.64 0.60
C GLU F 21 -0.69 4.20 -0.80
N LEU F 22 -1.41 5.06 -1.51
CA LEU F 22 -1.86 4.76 -2.85
C LEU F 22 -0.67 4.54 -3.78
N ARG F 23 0.30 5.43 -3.70
CA ARG F 23 1.50 5.35 -4.55
C ARG F 23 2.26 4.05 -4.26
N ARG F 24 2.37 3.70 -2.99
CA ARG F 24 3.08 2.49 -2.59
C ARG F 24 2.34 1.23 -3.06
N THR F 25 1.01 1.26 -2.95
CA THR F 25 0.19 0.12 -3.34
C THR F 25 0.08 0.01 -4.87
N LEU F 26 0.11 1.15 -5.55
CA LEU F 26 0.03 1.17 -7.00
C LEU F 26 1.28 0.59 -7.64
N GLY F 27 2.37 0.58 -6.89
CA GLY F 27 3.61 0.05 -7.39
C GLY F 27 4.17 0.90 -8.51
N ILE F 28 4.06 2.21 -8.35
CA ILE F 28 4.56 3.14 -9.34
C ILE F 28 5.75 3.92 -8.79
N ALA F 29 6.83 3.92 -9.54
CA ALA F 29 8.02 4.63 -9.12
C ALA F 29 8.02 6.06 -9.64
N GLU F 30 8.95 6.84 -9.16
CA GLU F 30 9.08 8.25 -9.56
C GLU F 30 9.65 8.35 -10.98
N LYS F 31 9.62 7.24 -11.70
CA LYS F 31 10.12 7.19 -13.07
C LYS F 31 9.07 6.52 -13.96
N ASP F 32 7.88 6.33 -13.39
CA ASP F 32 6.80 5.68 -14.12
C ASP F 32 5.91 6.71 -14.80
N ALA F 33 4.87 6.24 -15.48
CA ALA F 33 3.95 7.11 -16.17
C ALA F 33 2.51 6.75 -15.83
N LEU F 34 1.63 7.73 -15.92
CA LEU F 34 0.22 7.52 -15.63
C LEU F 34 -0.65 8.11 -16.73
N GLU F 35 -1.72 7.42 -17.07
CA GLU F 35 -2.62 7.89 -18.11
C GLU F 35 -3.79 8.64 -17.48
N ILE F 36 -3.81 9.94 -17.68
CA ILE F 36 -4.85 10.79 -17.13
C ILE F 36 -5.92 11.07 -18.18
N TYR F 37 -7.16 11.22 -17.72
CA TYR F 37 -8.27 11.52 -18.58
C TYR F 37 -9.41 12.11 -17.76
N VAL F 38 -10.42 12.63 -18.41
CA VAL F 38 -11.56 13.22 -17.70
C VAL F 38 -12.86 12.55 -18.11
N ASP F 39 -13.74 12.35 -17.15
CA ASP F 39 -15.03 11.72 -17.40
C ASP F 39 -16.13 12.54 -16.76
N ASP F 40 -16.92 13.22 -17.58
CA ASP F 40 -18.02 14.06 -17.11
C ASP F 40 -17.51 15.24 -16.28
N GLU F 41 -17.34 15.02 -14.98
CA GLU F 41 -16.86 16.06 -14.08
C GLU F 41 -15.81 15.50 -13.13
N LYS F 42 -15.35 14.29 -13.42
CA LYS F 42 -14.36 13.65 -12.57
C LYS F 42 -13.11 13.28 -13.36
N ILE F 43 -11.99 13.18 -12.66
CA ILE F 43 -10.72 12.85 -13.28
C ILE F 43 -10.46 11.35 -13.19
N ILE F 44 -10.13 10.75 -14.32
CA ILE F 44 -9.85 9.33 -14.37
C ILE F 44 -8.35 9.11 -14.48
N LEU F 45 -7.81 8.34 -13.54
CA LEU F 45 -6.39 8.06 -13.53
C LEU F 45 -6.15 6.59 -13.79
N LYS F 46 -5.52 6.29 -14.90
CA LYS F 46 -5.21 4.93 -15.28
C LYS F 46 -3.72 4.70 -15.21
N LYS F 47 -3.31 3.48 -14.92
CA LYS F 47 -1.90 3.16 -14.84
C LYS F 47 -1.29 3.07 -16.23
N TYR F 48 0.03 3.12 -16.31
CA TYR F 48 0.74 3.04 -17.57
C TYR F 48 0.45 1.73 -18.28
N LYS F 49 0.81 1.64 -19.57
CA LYS F 49 0.60 0.43 -20.33
C LYS F 49 1.49 -0.68 -19.77
N PRO F 50 0.88 -1.73 -19.22
CA PRO F 50 1.62 -2.85 -18.62
C PRO F 50 2.58 -3.50 -19.60
N ASN F 51 2.04 -4.32 -20.51
CA ASN F 51 2.86 -5.03 -21.49
C ASN F 51 3.97 -5.81 -20.80
N MET F 52 3.68 -6.27 -19.59
CA MET F 52 4.64 -7.01 -18.79
C MET F 52 4.33 -8.49 -18.80
N THR F 53 5.03 -9.21 -19.66
CA THR F 53 4.85 -10.65 -19.78
C THR F 53 5.49 -11.36 -18.58
N CYS F 54 6.35 -10.63 -17.87
CA CYS F 54 7.06 -11.14 -16.70
C CYS F 54 8.09 -12.19 -17.08
N GLN F 55 9.30 -12.06 -16.56
CA GLN F 55 10.37 -13.00 -16.87
C GLN F 55 11.29 -13.17 -15.67
N MET C 1 -7.82 -4.95 1.37
CA MET C 1 -8.12 -5.95 0.33
C MET C 1 -7.73 -7.34 0.81
N LYS C 2 -7.96 -8.35 -0.02
CA LYS C 2 -7.64 -9.71 0.33
C LYS C 2 -6.32 -10.15 -0.29
N SER C 3 -5.30 -10.20 0.53
CA SER C 3 -3.97 -10.61 0.10
C SER C 3 -3.63 -11.94 0.75
N THR C 4 -2.86 -12.77 0.08
CA THR C 4 -2.48 -14.07 0.62
C THR C 4 -1.16 -14.00 1.39
N GLY C 5 -0.07 -14.37 0.73
CA GLY C 5 1.22 -14.37 1.39
C GLY C 5 2.26 -13.56 0.64
N ILE C 6 2.77 -12.52 1.27
CA ILE C 6 3.77 -11.67 0.65
C ILE C 6 5.16 -12.07 1.11
N VAL C 7 5.95 -12.61 0.20
CA VAL C 7 7.30 -13.03 0.52
C VAL C 7 8.25 -11.83 0.51
N ARG C 8 8.64 -11.37 1.69
CA ARG C 8 9.51 -10.21 1.80
C ARG C 8 10.74 -10.52 2.63
N LYS C 9 11.81 -9.77 2.40
CA LYS C 9 13.06 -9.94 3.13
C LYS C 9 12.92 -9.49 4.58
N VAL C 10 13.57 -10.21 5.48
CA VAL C 10 13.53 -9.88 6.90
C VAL C 10 14.89 -9.32 7.32
N ASP C 11 15.09 -9.17 8.63
CA ASP C 11 16.37 -8.66 9.13
C ASP C 11 17.47 -9.69 8.90
N GLU C 12 18.70 -9.22 8.74
CA GLU C 12 19.83 -10.10 8.49
C GLU C 12 20.17 -10.96 9.70
N LEU C 13 19.67 -10.59 10.87
CA LEU C 13 19.95 -11.36 12.07
C LEU C 13 18.66 -11.83 12.76
N GLY C 14 17.60 -11.98 11.96
CA GLY C 14 16.34 -12.47 12.48
C GLY C 14 15.48 -11.43 13.18
N ARG C 15 14.56 -10.83 12.42
CA ARG C 15 13.61 -9.83 12.94
C ARG C 15 12.69 -9.39 11.81
N VAL C 16 11.52 -8.87 12.15
CA VAL C 16 10.57 -8.43 11.13
C VAL C 16 10.01 -7.05 11.47
N VAL C 17 9.95 -6.20 10.45
CA VAL C 17 9.43 -4.84 10.59
C VAL C 17 8.37 -4.58 9.55
N ILE C 18 7.26 -3.99 9.98
CA ILE C 18 6.15 -3.68 9.07
C ILE C 18 6.38 -2.33 8.39
N PRO C 19 6.31 -2.28 7.05
CA PRO C 19 6.49 -1.05 6.29
C PRO C 19 5.30 -0.10 6.45
N ILE C 20 5.57 1.19 6.43
CA ILE C 20 4.52 2.19 6.60
C ILE C 20 3.58 2.21 5.40
N GLU C 21 4.13 1.96 4.22
CA GLU C 21 3.36 1.95 2.98
C GLU C 21 2.29 0.87 3.04
N LEU C 22 2.68 -0.34 3.45
CA LEU C 22 1.75 -1.45 3.55
C LEU C 22 0.78 -1.22 4.70
N ARG C 23 1.30 -0.68 5.81
CA ARG C 23 0.48 -0.41 6.99
C ARG C 23 -0.65 0.55 6.66
N ARG C 24 -0.33 1.65 6.01
CA ARG C 24 -1.34 2.65 5.65
C ARG C 24 -2.27 2.14 4.57
N THR C 25 -1.81 1.15 3.80
CA THR C 25 -2.63 0.57 2.75
C THR C 25 -3.68 -0.36 3.35
N LEU C 26 -3.31 -1.03 4.44
CA LEU C 26 -4.21 -1.93 5.12
C LEU C 26 -5.10 -1.17 6.10
N GLY C 27 -4.54 -0.14 6.73
CA GLY C 27 -5.28 0.64 7.69
C GLY C 27 -5.36 -0.05 9.03
N ILE C 28 -4.29 -0.76 9.38
CA ILE C 28 -4.23 -1.47 10.65
C ILE C 28 -3.56 -0.62 11.72
N ALA C 29 -3.30 -1.23 12.86
CA ALA C 29 -2.66 -0.54 13.97
C ALA C 29 -1.15 -0.45 13.78
N GLU C 30 -0.51 0.38 14.60
CA GLU C 30 0.93 0.56 14.54
C GLU C 30 1.55 0.47 15.92
N LYS C 31 1.14 1.37 16.80
CA LYS C 31 1.66 1.40 18.15
C LYS C 31 0.75 0.60 19.08
N ASP C 32 0.87 -0.72 19.01
CA ASP C 32 0.07 -1.61 19.83
C ASP C 32 0.87 -2.84 20.25
N ALA C 33 0.20 -3.80 20.88
CA ALA C 33 0.86 -5.03 21.33
C ALA C 33 0.43 -6.21 20.48
N LEU C 34 1.40 -7.04 20.12
CA LEU C 34 1.13 -8.22 19.29
C LEU C 34 1.28 -9.50 20.10
N GLU C 35 0.51 -10.51 19.72
CA GLU C 35 0.54 -11.81 20.38
C GLU C 35 1.25 -12.82 19.49
N ILE C 36 2.50 -13.09 19.80
CA ILE C 36 3.31 -14.02 19.02
C ILE C 36 3.03 -15.47 19.39
N TYR C 37 2.47 -16.21 18.45
CA TYR C 37 2.17 -17.62 18.65
C TYR C 37 2.76 -18.44 17.52
N VAL C 38 3.75 -19.26 17.83
CA VAL C 38 4.40 -20.10 16.83
C VAL C 38 3.68 -21.42 16.67
N ASP C 39 3.27 -21.71 15.45
CA ASP C 39 2.56 -22.95 15.13
C ASP C 39 3.27 -23.68 13.99
N ASP C 40 3.95 -24.77 14.33
CA ASP C 40 4.68 -25.59 13.35
C ASP C 40 5.86 -24.83 12.76
N GLU C 41 5.61 -24.04 11.73
CA GLU C 41 6.64 -23.22 11.10
C GLU C 41 6.04 -21.89 10.68
N LYS C 42 4.94 -21.54 11.33
CA LYS C 42 4.24 -20.29 11.06
C LYS C 42 4.18 -19.44 12.31
N ILE C 43 4.71 -18.24 12.25
CA ILE C 43 4.67 -17.33 13.38
C ILE C 43 3.42 -16.48 13.29
N ILE C 44 2.35 -16.97 13.91
CA ILE C 44 1.07 -16.28 13.89
C ILE C 44 1.07 -15.10 14.85
N LEU C 45 1.22 -13.90 14.29
CA LEU C 45 1.20 -12.68 15.09
C LEU C 45 -0.22 -12.16 15.20
N LYS C 46 -0.88 -12.53 16.28
CA LYS C 46 -2.25 -12.12 16.52
C LYS C 46 -2.27 -10.90 17.44
N LYS C 47 -3.45 -10.54 17.91
CA LYS C 47 -3.63 -9.40 18.82
C LYS C 47 -5.11 -9.19 19.09
N TYR C 48 -5.42 -8.09 19.75
CA TYR C 48 -6.81 -7.73 20.04
C TYR C 48 -7.40 -7.03 18.83
N LYS C 49 -8.59 -6.48 18.98
CA LYS C 49 -9.25 -5.77 17.89
C LYS C 49 -9.24 -4.26 18.14
N PRO C 50 -8.26 -3.56 17.55
CA PRO C 50 -8.11 -2.11 17.70
C PRO C 50 -9.09 -1.31 16.84
N ASN C 51 -9.27 -1.76 15.60
CA ASN C 51 -10.17 -1.08 14.67
C ASN C 51 -11.62 -1.27 15.07
N MET C 52 -12.21 -0.25 15.68
CA MET C 52 -13.59 -0.30 16.12
C MET C 52 -14.45 0.64 15.28
N THR C 53 -13.81 1.31 14.34
CA THR C 53 -14.51 2.24 13.47
C THR C 53 -15.28 1.49 12.40
N CYS C 54 -14.57 0.96 11.42
CA CYS C 54 -15.20 0.20 10.33
C CYS C 54 -15.35 -1.25 10.74
N GLN C 55 -16.53 -1.59 11.24
CA GLN C 55 -16.84 -2.95 11.67
C GLN C 55 -17.68 -3.67 10.64
N MET D 1 13.09 -18.12 29.98
CA MET D 1 12.73 -19.29 29.18
C MET D 1 11.24 -19.57 29.27
N LYS D 2 10.56 -19.51 28.14
CA LYS D 2 9.13 -19.76 28.08
C LYS D 2 8.74 -20.24 26.69
N SER D 3 7.67 -21.02 26.62
CA SER D 3 7.18 -21.52 25.35
C SER D 3 5.75 -21.07 25.11
N THR D 4 5.33 -20.07 25.88
CA THR D 4 3.99 -19.53 25.78
C THR D 4 3.93 -18.43 24.73
N GLY D 5 2.75 -17.84 24.56
CA GLY D 5 2.59 -16.76 23.61
C GLY D 5 3.30 -15.50 24.07
N ILE D 6 4.15 -14.96 23.22
CA ILE D 6 4.91 -13.77 23.55
C ILE D 6 4.16 -12.52 23.14
N VAL D 7 3.68 -11.76 24.11
CA VAL D 7 2.94 -10.53 23.81
C VAL D 7 3.90 -9.35 23.66
N ARG D 8 4.60 -9.34 22.53
CA ARG D 8 5.56 -8.28 22.25
C ARG D 8 4.85 -6.94 22.07
N LYS D 9 5.15 -6.01 22.96
CA LYS D 9 4.55 -4.69 22.92
C LYS D 9 5.40 -3.73 22.09
N VAL D 10 4.76 -2.69 21.56
CA VAL D 10 5.46 -1.70 20.77
C VAL D 10 6.34 -0.85 21.69
N ASP D 11 7.46 -0.39 21.16
CA ASP D 11 8.39 0.42 21.95
C ASP D 11 8.79 1.67 21.17
N GLU D 12 9.80 2.37 21.66
CA GLU D 12 10.30 3.58 21.02
C GLU D 12 11.18 3.21 19.82
N LEU D 13 10.66 2.32 19.00
CA LEU D 13 11.37 1.84 17.83
C LEU D 13 10.40 1.12 16.89
N GLY D 14 9.56 0.26 17.47
CA GLY D 14 8.59 -0.49 16.69
C GLY D 14 9.24 -1.60 15.88
N ARG D 15 9.23 -2.80 16.43
CA ARG D 15 9.83 -3.94 15.75
C ARG D 15 9.35 -5.25 16.37
N VAL D 16 9.21 -6.27 15.54
CA VAL D 16 8.77 -7.58 16.00
C VAL D 16 9.92 -8.57 15.85
N VAL D 17 10.04 -9.51 16.76
CA VAL D 17 11.12 -10.47 16.71
C VAL D 17 10.60 -11.90 16.91
N ILE D 18 11.35 -12.85 16.38
CA ILE D 18 11.02 -14.26 16.49
C ILE D 18 11.26 -14.71 17.94
N PRO D 19 10.39 -15.57 18.50
CA PRO D 19 10.51 -16.09 19.85
C PRO D 19 11.96 -16.34 20.28
N ILE D 20 12.36 -15.65 21.35
CA ILE D 20 13.71 -15.71 21.89
C ILE D 20 14.20 -17.14 22.10
N GLU D 21 13.47 -17.88 22.94
CA GLU D 21 13.83 -19.25 23.26
C GLU D 21 13.91 -20.13 22.02
N LEU D 22 12.98 -19.92 21.09
CA LEU D 22 12.92 -20.70 19.85
C LEU D 22 14.23 -20.56 19.06
N ARG D 23 14.78 -19.35 19.05
CA ARG D 23 16.02 -19.11 18.32
C ARG D 23 17.24 -19.44 19.17
N ARG D 24 17.13 -19.22 20.48
CA ARG D 24 18.22 -19.50 21.39
C ARG D 24 18.55 -20.99 21.43
N THR D 25 17.52 -21.83 21.32
CA THR D 25 17.72 -23.26 21.35
C THR D 25 17.88 -23.83 19.94
N LEU D 26 16.86 -23.66 19.11
CA LEU D 26 16.88 -24.19 17.76
C LEU D 26 17.54 -23.22 16.78
N GLY D 27 16.90 -22.09 16.55
CA GLY D 27 17.43 -21.11 15.61
C GLY D 27 16.89 -21.35 14.22
N ILE D 28 15.70 -20.83 13.96
CA ILE D 28 15.05 -20.99 12.66
C ILE D 28 15.62 -20.00 11.63
N ALA D 29 14.88 -19.82 10.54
CA ALA D 29 15.27 -18.92 9.45
C ALA D 29 15.73 -17.56 9.96
N GLU D 30 16.78 -17.05 9.35
CA GLU D 30 17.34 -15.77 9.75
C GLU D 30 17.61 -14.89 8.53
N LYS D 31 18.47 -15.36 7.64
CA LYS D 31 18.83 -14.59 6.46
C LYS D 31 18.11 -15.11 5.22
N ASP D 32 16.93 -14.57 4.95
CA ASP D 32 16.14 -14.98 3.79
C ASP D 32 14.84 -14.17 3.72
N ALA D 33 14.00 -14.49 2.74
CA ALA D 33 12.71 -13.84 2.57
C ALA D 33 11.61 -14.76 3.06
N LEU D 34 10.83 -14.28 4.02
CA LEU D 34 9.76 -15.07 4.59
C LEU D 34 8.41 -14.70 3.99
N GLU D 35 7.44 -15.59 4.12
CA GLU D 35 6.11 -15.37 3.58
C GLU D 35 5.18 -14.77 4.63
N ILE D 36 4.82 -13.52 4.43
CA ILE D 36 3.93 -12.82 5.32
C ILE D 36 2.48 -13.06 4.91
N TYR D 37 1.86 -14.05 5.53
CA TYR D 37 0.47 -14.38 5.23
C TYR D 37 -0.46 -13.61 6.14
N VAL D 38 -1.08 -12.58 5.60
CA VAL D 38 -1.99 -11.75 6.37
C VAL D 38 -3.38 -12.39 6.42
N ASP D 39 -3.86 -12.63 7.62
CA ASP D 39 -5.18 -13.23 7.81
C ASP D 39 -6.05 -12.27 8.60
N ASP D 40 -6.87 -11.51 7.87
CA ASP D 40 -7.78 -10.52 8.45
C ASP D 40 -6.99 -9.39 9.11
N GLU D 41 -6.59 -9.60 10.36
CA GLU D 41 -5.82 -8.62 11.09
C GLU D 41 -4.64 -9.28 11.80
N LYS D 42 -4.40 -10.54 11.46
CA LYS D 42 -3.29 -11.29 12.04
C LYS D 42 -2.19 -11.46 11.00
N ILE D 43 -0.94 -11.38 11.44
CA ILE D 43 0.18 -11.51 10.54
C ILE D 43 0.86 -12.86 10.75
N ILE D 44 0.63 -13.77 9.82
CA ILE D 44 1.24 -15.10 9.90
C ILE D 44 2.58 -15.12 9.17
N LEU D 45 3.65 -15.00 9.93
CA LEU D 45 4.99 -15.01 9.37
C LEU D 45 5.45 -16.45 9.17
N LYS D 46 5.31 -16.93 7.95
CA LYS D 46 5.69 -18.30 7.63
C LYS D 46 7.15 -18.34 7.17
N LYS D 47 7.79 -19.50 7.33
CA LYS D 47 9.18 -19.69 6.94
C LYS D 47 9.39 -19.37 5.46
N TYR D 48 10.66 -19.30 5.07
CA TYR D 48 11.00 -19.00 3.68
C TYR D 48 10.55 -20.09 2.74
N LYS D 49 10.11 -19.68 1.56
CA LYS D 49 9.64 -20.60 0.54
C LYS D 49 10.30 -20.27 -0.79
N PRO D 50 10.62 -21.30 -1.60
CA PRO D 50 11.25 -21.09 -2.91
C PRO D 50 10.47 -20.10 -3.77
N ASN D 51 9.23 -20.46 -4.09
CA ASN D 51 8.35 -19.60 -4.91
C ASN D 51 9.02 -19.21 -6.23
N MET D 52 8.55 -18.12 -6.83
CA MET D 52 9.12 -17.63 -8.09
C MET D 52 9.02 -16.12 -8.17
N THR D 53 10.13 -15.46 -8.43
CA THR D 53 10.14 -14.01 -8.52
C THR D 53 10.68 -13.55 -9.88
N CYS D 54 10.26 -12.37 -10.30
CA CYS D 54 10.70 -11.82 -11.57
C CYS D 54 12.13 -11.30 -11.49
N GLN D 55 12.88 -11.44 -12.57
CA GLN D 55 14.27 -10.99 -12.62
C GLN D 55 14.33 -9.50 -12.99
N MET E 1 -7.60 22.97 -30.11
CA MET E 1 -6.58 22.13 -29.48
C MET E 1 -7.20 20.86 -28.95
N LYS E 2 -6.94 19.76 -29.63
CA LYS E 2 -7.46 18.47 -29.23
C LYS E 2 -6.81 18.04 -27.92
N SER E 3 -7.59 17.40 -27.07
CA SER E 3 -7.11 16.93 -25.78
C SER E 3 -7.47 15.47 -25.57
N THR E 4 -7.36 14.71 -26.65
CA THR E 4 -7.69 13.29 -26.63
C THR E 4 -6.54 12.46 -26.08
N GLY E 5 -6.42 12.44 -24.77
CA GLY E 5 -5.38 11.68 -24.12
C GLY E 5 -4.03 12.38 -24.13
N ILE E 6 -3.84 13.29 -23.18
CA ILE E 6 -2.59 14.04 -23.07
C ILE E 6 -1.55 13.21 -22.33
N VAL E 7 -0.65 12.59 -23.07
CA VAL E 7 0.40 11.78 -22.47
C VAL E 7 1.66 12.61 -22.24
N ARG E 8 1.87 13.02 -21.01
CA ARG E 8 3.03 13.82 -20.67
C ARG E 8 3.60 13.39 -19.32
N LYS E 9 4.79 13.89 -19.01
CA LYS E 9 5.46 13.60 -17.76
C LYS E 9 4.72 14.27 -16.61
N VAL E 10 4.52 13.53 -15.53
CA VAL E 10 3.82 14.06 -14.36
C VAL E 10 4.80 14.71 -13.38
N ASP E 11 4.38 14.88 -12.14
CA ASP E 11 5.23 15.48 -11.13
C ASP E 11 6.22 14.44 -10.62
N GLU E 12 7.38 14.89 -10.17
CA GLU E 12 8.42 13.99 -9.69
C GLU E 12 8.01 13.32 -8.37
N LEU E 13 7.23 14.03 -7.56
CA LEU E 13 6.80 13.48 -6.29
C LEU E 13 5.35 13.02 -6.34
N GLY E 14 4.51 13.80 -7.03
CA GLY E 14 3.11 13.44 -7.15
C GLY E 14 2.19 14.64 -7.14
N ARG E 15 2.74 15.81 -6.83
CA ARG E 15 1.93 17.03 -6.77
C ARG E 15 1.70 17.56 -8.19
N VAL E 16 0.74 16.97 -8.88
CA VAL E 16 0.46 17.37 -10.25
C VAL E 16 -0.96 17.91 -10.35
N VAL E 17 -1.28 18.54 -11.47
CA VAL E 17 -2.61 19.09 -11.71
C VAL E 17 -2.95 18.96 -13.18
N ILE E 18 -4.25 18.99 -13.49
CA ILE E 18 -4.71 18.89 -14.86
C ILE E 18 -4.15 20.06 -15.68
N PRO E 19 -3.64 19.76 -16.90
CA PRO E 19 -3.06 20.77 -17.80
C PRO E 19 -3.80 22.11 -17.80
N ILE E 20 -3.06 23.19 -17.90
CA ILE E 20 -3.62 24.55 -17.87
C ILE E 20 -4.75 24.69 -18.89
N GLU E 21 -4.48 24.31 -20.13
CA GLU E 21 -5.45 24.39 -21.21
C GLU E 21 -6.69 23.56 -20.92
N LEU E 22 -6.50 22.31 -20.53
CA LEU E 22 -7.61 21.40 -20.24
C LEU E 22 -8.41 21.86 -19.03
N ARG E 23 -7.71 22.19 -17.95
CA ARG E 23 -8.35 22.62 -16.71
C ARG E 23 -9.17 23.88 -16.94
N ARG E 24 -8.69 24.74 -17.84
CA ARG E 24 -9.37 25.99 -18.17
C ARG E 24 -10.75 25.71 -18.75
N THR E 25 -10.81 24.76 -19.68
CA THR E 25 -12.07 24.40 -20.31
C THR E 25 -12.98 23.66 -19.35
N LEU E 26 -12.40 23.05 -18.32
CA LEU E 26 -13.17 22.31 -17.32
C LEU E 26 -13.77 23.26 -16.29
N GLY E 27 -12.94 24.13 -15.76
CA GLY E 27 -13.41 25.09 -14.77
C GLY E 27 -13.67 24.44 -13.43
N ILE E 28 -12.72 23.63 -12.96
CA ILE E 28 -12.86 22.96 -11.68
C ILE E 28 -12.40 23.86 -10.54
N ALA E 29 -12.75 23.48 -9.32
CA ALA E 29 -12.36 24.24 -8.15
C ALA E 29 -10.99 23.82 -7.67
N GLU E 30 -10.38 24.64 -6.83
CA GLU E 30 -9.06 24.34 -6.29
C GLU E 30 -9.15 23.96 -4.82
N LYS E 31 -9.84 24.78 -4.04
CA LYS E 31 -10.00 24.54 -2.61
C LYS E 31 -11.11 23.51 -2.37
N ASP E 32 -10.91 22.31 -2.88
CA ASP E 32 -11.91 21.25 -2.72
C ASP E 32 -11.20 19.89 -2.60
N ALA E 33 -11.89 18.83 -2.98
CA ALA E 33 -11.33 17.49 -2.91
C ALA E 33 -11.71 16.69 -4.15
N LEU E 34 -11.03 15.56 -4.35
CA LEU E 34 -11.28 14.69 -5.49
C LEU E 34 -11.39 13.24 -5.04
N GLU E 35 -12.25 12.48 -5.69
CA GLU E 35 -12.43 11.07 -5.36
C GLU E 35 -11.58 10.19 -6.27
N ILE E 36 -10.91 9.21 -5.69
CA ILE E 36 -10.06 8.33 -6.44
C ILE E 36 -10.72 6.96 -6.65
N TYR E 37 -10.98 6.65 -7.92
CA TYR E 37 -11.58 5.37 -8.31
C TYR E 37 -10.85 4.84 -9.55
N VAL E 38 -10.92 3.53 -9.80
CA VAL E 38 -10.25 2.96 -10.96
C VAL E 38 -11.17 2.12 -11.82
N ASP E 39 -10.87 2.08 -13.10
CA ASP E 39 -11.62 1.31 -14.08
C ASP E 39 -10.63 0.63 -15.02
N ASP E 40 -10.18 -0.55 -14.62
CA ASP E 40 -9.20 -1.33 -15.39
C ASP E 40 -7.84 -0.63 -15.38
N GLU E 41 -7.47 -0.01 -16.50
CA GLU E 41 -6.20 0.69 -16.60
C GLU E 41 -6.41 2.20 -16.53
N LYS E 42 -7.65 2.62 -16.32
CA LYS E 42 -7.96 4.04 -16.23
C LYS E 42 -8.31 4.43 -14.80
N ILE E 43 -8.00 5.66 -14.44
CA ILE E 43 -8.32 6.17 -13.13
C ILE E 43 -9.39 7.24 -13.25
N ILE E 44 -10.40 7.16 -12.42
CA ILE E 44 -11.49 8.11 -12.43
C ILE E 44 -11.48 8.97 -11.18
N LEU E 45 -11.21 10.25 -11.34
CA LEU E 45 -11.19 11.18 -10.22
C LEU E 45 -12.41 12.09 -10.26
N LYS E 46 -13.37 11.82 -9.39
CA LYS E 46 -14.59 12.64 -9.32
C LYS E 46 -14.40 13.80 -8.36
N LYS E 47 -15.41 14.65 -8.27
CA LYS E 47 -15.35 15.81 -7.39
C LYS E 47 -15.96 15.50 -6.03
N TYR E 48 -17.18 14.99 -6.05
CA TYR E 48 -17.88 14.68 -4.81
C TYR E 48 -18.35 13.22 -4.79
N LYS E 49 -18.25 12.60 -3.63
CA LYS E 49 -18.66 11.21 -3.43
C LYS E 49 -18.70 10.91 -1.94
N PRO E 50 -19.86 10.50 -1.43
CA PRO E 50 -20.03 10.19 -0.02
C PRO E 50 -19.43 8.83 0.38
N ASN E 51 -18.15 8.84 0.75
CA ASN E 51 -17.48 7.63 1.19
C ASN E 51 -16.34 7.97 2.15
N MET E 52 -16.72 8.36 3.35
CA MET E 52 -15.75 8.72 4.38
C MET E 52 -16.33 8.44 5.76
N THR E 53 -17.31 7.56 5.80
CA THR E 53 -17.97 7.19 7.04
C THR E 53 -17.48 5.83 7.52
N CYS E 54 -16.43 5.82 8.33
CA CYS E 54 -15.86 4.59 8.83
C CYS E 54 -16.64 4.10 10.06
N GLN E 55 -17.86 3.65 9.83
CA GLN E 55 -18.73 3.14 10.89
C GLN E 55 -20.07 2.71 10.30
N MET F 1 -4.74 7.54 -0.08
CA MET F 1 -6.10 7.11 -0.43
C MET F 1 -6.08 6.17 -1.63
N LYS F 2 -6.68 5.01 -1.46
CA LYS F 2 -6.75 4.01 -2.53
C LYS F 2 -7.81 4.40 -3.55
N SER F 3 -7.74 3.78 -4.72
CA SER F 3 -8.68 4.06 -5.80
C SER F 3 -9.96 3.23 -5.66
N THR F 4 -10.37 2.99 -4.43
CA THR F 4 -11.58 2.24 -4.16
C THR F 4 -12.77 3.17 -3.94
N GLY F 5 -12.69 4.35 -4.56
CA GLY F 5 -13.74 5.34 -4.43
C GLY F 5 -13.55 6.15 -3.17
N ILE F 6 -12.32 6.57 -2.93
CA ILE F 6 -11.99 7.34 -1.73
C ILE F 6 -11.62 8.78 -2.09
N VAL F 7 -12.17 9.71 -1.33
CA VAL F 7 -11.93 11.14 -1.56
C VAL F 7 -10.66 11.62 -0.84
N ARG F 8 -9.94 12.52 -1.50
CA ARG F 8 -8.71 13.10 -0.95
C ARG F 8 -8.71 14.60 -1.20
N LYS F 9 -8.30 15.39 -0.21
CA LYS F 9 -8.24 16.83 -0.35
C LYS F 9 -7.23 17.18 -1.43
N VAL F 10 -7.54 18.19 -2.26
CA VAL F 10 -6.63 18.59 -3.31
C VAL F 10 -5.50 19.45 -2.73
N ASP F 11 -5.68 20.77 -2.75
CA ASP F 11 -4.67 21.69 -2.24
C ASP F 11 -5.25 23.10 -2.18
N GLU F 12 -4.56 23.99 -1.48
CA GLU F 12 -5.00 25.38 -1.34
C GLU F 12 -5.15 26.05 -2.71
N LEU F 13 -4.26 25.72 -3.63
CA LEU F 13 -4.31 26.30 -4.97
C LEU F 13 -4.71 25.26 -6.02
N GLY F 14 -5.18 24.12 -5.56
CA GLY F 14 -5.60 23.07 -6.47
C GLY F 14 -4.44 22.28 -7.06
N ARG F 15 -3.87 21.40 -6.25
CA ARG F 15 -2.77 20.55 -6.68
C ARG F 15 -3.03 19.14 -6.16
N VAL F 16 -3.35 18.22 -7.05
CA VAL F 16 -3.64 16.87 -6.62
C VAL F 16 -2.36 16.06 -6.46
N VAL F 17 -2.00 15.82 -5.20
CA VAL F 17 -0.83 15.04 -4.90
C VAL F 17 -1.17 13.57 -5.01
N ILE F 18 -1.01 13.02 -6.22
CA ILE F 18 -1.31 11.62 -6.47
C ILE F 18 -0.55 10.74 -5.49
N PRO F 19 -1.26 9.98 -4.65
CA PRO F 19 -0.67 9.11 -3.64
C PRO F 19 0.45 8.23 -4.20
N ILE F 20 1.58 8.21 -3.51
CA ILE F 20 2.72 7.40 -3.92
C ILE F 20 2.38 5.92 -3.85
N GLU F 21 1.47 5.58 -2.95
CA GLU F 21 1.03 4.22 -2.78
C GLU F 21 0.33 3.78 -4.06
N LEU F 22 -0.29 4.74 -4.72
CA LEU F 22 -0.98 4.51 -5.98
C LEU F 22 0.05 4.33 -7.08
N ARG F 23 1.13 5.11 -7.01
CA ARG F 23 2.21 5.04 -7.99
C ARG F 23 2.82 3.64 -8.01
N ARG F 24 3.13 3.13 -6.82
CA ARG F 24 3.72 1.80 -6.68
C ARG F 24 2.75 0.73 -7.15
N THR F 25 1.46 0.96 -6.93
CA THR F 25 0.43 0.02 -7.33
C THR F 25 0.25 0.03 -8.85
N LEU F 26 0.26 1.22 -9.44
CA LEU F 26 0.11 1.37 -10.89
C LEU F 26 1.32 0.79 -11.61
N GLY F 27 2.50 1.10 -11.10
CA GLY F 27 3.72 0.62 -11.71
C GLY F 27 4.57 1.74 -12.26
N ILE F 28 4.50 2.90 -11.62
CA ILE F 28 5.27 4.06 -12.05
C ILE F 28 6.15 4.56 -10.90
N ALA F 29 7.10 5.42 -11.22
CA ALA F 29 8.00 5.95 -10.21
C ALA F 29 7.97 7.48 -10.19
N GLU F 30 9.03 8.11 -10.68
CA GLU F 30 9.13 9.56 -10.69
C GLU F 30 8.97 10.14 -12.09
N LYS F 31 10.01 9.97 -12.91
CA LYS F 31 10.00 10.49 -14.28
C LYS F 31 9.18 9.60 -15.20
N ASP F 32 7.88 9.57 -14.97
CA ASP F 32 6.97 8.76 -15.76
C ASP F 32 5.93 9.63 -16.46
N ALA F 33 5.35 9.09 -17.53
CA ALA F 33 4.34 9.79 -18.30
C ALA F 33 2.99 9.10 -18.17
N LEU F 34 1.92 9.88 -18.07
CA LEU F 34 0.59 9.31 -17.95
C LEU F 34 -0.34 9.92 -18.99
N GLU F 35 -1.44 9.24 -19.27
CA GLU F 35 -2.41 9.72 -20.24
C GLU F 35 -3.55 10.44 -19.53
N ILE F 36 -3.54 11.75 -19.62
CA ILE F 36 -4.57 12.56 -18.97
C ILE F 36 -5.74 12.82 -19.91
N TYR F 37 -6.93 12.45 -19.46
CA TYR F 37 -8.14 12.65 -20.23
C TYR F 37 -9.27 13.09 -19.31
N VAL F 38 -10.45 13.32 -19.86
CA VAL F 38 -11.58 13.76 -19.07
C VAL F 38 -12.86 13.07 -19.51
N ASP F 39 -13.75 12.80 -18.56
CA ASP F 39 -15.02 12.15 -18.85
C ASP F 39 -16.14 12.89 -18.14
N ASP F 40 -16.89 13.68 -18.90
CA ASP F 40 -18.01 14.45 -18.35
C ASP F 40 -17.50 15.55 -17.41
N GLU F 41 -17.23 15.18 -16.16
CA GLU F 41 -16.76 16.12 -15.16
C GLU F 41 -15.79 15.45 -14.18
N LYS F 42 -15.00 14.51 -14.68
CA LYS F 42 -14.05 13.79 -13.83
C LYS F 42 -12.69 13.66 -14.52
N ILE F 43 -11.63 13.61 -13.72
CA ILE F 43 -10.27 13.49 -14.25
C ILE F 43 -9.94 12.03 -14.54
N ILE F 44 -9.64 11.75 -15.80
CA ILE F 44 -9.31 10.40 -16.21
C ILE F 44 -7.80 10.24 -16.36
N LEU F 45 -7.21 9.48 -15.45
CA LEU F 45 -5.78 9.25 -15.48
C LEU F 45 -5.50 7.83 -15.96
N LYS F 46 -5.18 7.69 -17.23
CA LYS F 46 -4.90 6.38 -17.80
C LYS F 46 -3.43 6.04 -17.72
N LYS F 47 -3.13 4.90 -17.12
CA LYS F 47 -1.76 4.46 -16.99
C LYS F 47 -1.28 3.88 -18.32
N TYR F 48 -0.01 4.06 -18.62
CA TYR F 48 0.54 3.55 -19.87
C TYR F 48 0.79 2.06 -19.76
N LYS F 49 0.98 1.43 -20.90
CA LYS F 49 1.26 -0.01 -20.93
C LYS F 49 2.75 -0.21 -21.10
N PRO F 50 3.42 -0.75 -20.07
CA PRO F 50 4.87 -0.99 -20.09
C PRO F 50 5.31 -1.81 -21.30
N ASN F 51 4.58 -2.89 -21.58
CA ASN F 51 4.88 -3.77 -22.71
C ASN F 51 6.36 -4.14 -22.73
N MET F 52 6.86 -4.62 -21.60
CA MET F 52 8.25 -4.98 -21.47
C MET F 52 8.37 -6.37 -20.86
N THR F 53 9.27 -7.18 -21.39
CA THR F 53 9.47 -8.51 -20.89
C THR F 53 10.35 -8.50 -19.64
N CYS F 54 10.12 -9.46 -18.75
CA CYS F 54 10.89 -9.56 -17.52
C CYS F 54 12.29 -10.11 -17.83
N GLN F 55 13.12 -9.25 -18.40
CA GLN F 55 14.48 -9.63 -18.76
C GLN F 55 15.42 -9.27 -17.61
N MET C 1 7.81 -0.06 1.47
CA MET C 1 8.17 -1.50 1.50
C MET C 1 7.00 -2.35 1.03
N LYS C 2 7.14 -2.94 -0.14
CA LYS C 2 6.09 -3.78 -0.69
C LYS C 2 6.17 -5.18 -0.08
N SER C 3 5.61 -5.32 1.11
CA SER C 3 5.61 -6.59 1.81
C SER C 3 4.31 -7.36 1.59
N THR C 4 3.77 -7.25 0.38
CA THR C 4 2.54 -7.94 0.02
C THR C 4 2.87 -9.32 -0.54
N GLY C 5 3.69 -10.05 0.19
CA GLY C 5 4.11 -11.36 -0.25
C GLY C 5 5.51 -11.30 -0.80
N ILE C 6 6.43 -10.82 0.02
CA ILE C 6 7.82 -10.67 -0.38
C ILE C 6 8.75 -11.30 0.65
N VAL C 7 9.93 -11.69 0.22
CA VAL C 7 10.91 -12.30 1.12
C VAL C 7 11.82 -11.25 1.71
N ARG C 8 11.98 -11.28 3.03
CA ARG C 8 12.84 -10.33 3.72
C ARG C 8 14.11 -11.03 4.18
N LYS C 9 15.26 -10.57 3.66
CA LYS C 9 16.55 -11.16 4.03
C LYS C 9 16.75 -11.11 5.54
N VAL C 10 17.12 -12.24 6.11
CA VAL C 10 17.36 -12.33 7.54
C VAL C 10 18.52 -11.41 7.94
N ASP C 11 18.27 -10.52 8.89
CA ASP C 11 19.30 -9.60 9.35
C ASP C 11 20.24 -10.32 10.30
N GLU C 12 19.66 -11.10 11.19
CA GLU C 12 20.42 -11.88 12.15
C GLU C 12 19.52 -12.94 12.79
N LEU C 13 18.23 -12.66 12.81
CA LEU C 13 17.26 -13.58 13.39
C LEU C 13 15.88 -13.38 12.76
N GLY C 14 14.87 -13.99 13.35
CA GLY C 14 13.51 -13.87 12.86
C GLY C 14 12.88 -12.54 13.26
N ARG C 15 13.44 -11.46 12.75
CA ARG C 15 12.95 -10.13 13.04
C ARG C 15 12.46 -9.47 11.76
N VAL C 16 11.47 -8.60 11.90
CA VAL C 16 10.91 -7.90 10.75
C VAL C 16 10.31 -6.56 11.20
N VAL C 17 9.65 -5.87 10.27
CA VAL C 17 9.03 -4.58 10.56
C VAL C 17 7.70 -4.46 9.83
N ILE C 18 7.07 -3.28 9.95
CA ILE C 18 5.80 -3.02 9.31
C ILE C 18 5.95 -1.91 8.27
N PRO C 19 5.51 -2.17 7.02
CA PRO C 19 5.60 -1.21 5.90
C PRO C 19 5.02 0.17 6.23
N ILE C 20 5.36 1.16 5.40
CA ILE C 20 4.88 2.52 5.60
C ILE C 20 3.59 2.78 4.82
N GLU C 21 3.52 2.27 3.60
CA GLU C 21 2.36 2.45 2.75
C GLU C 21 1.11 1.85 3.38
N LEU C 22 1.17 0.58 3.71
CA LEU C 22 0.07 -0.13 4.33
C LEU C 22 -0.29 0.49 5.68
N ARG C 23 0.75 0.93 6.40
CA ARG C 23 0.55 1.54 7.72
C ARG C 23 -0.24 2.84 7.58
N ARG C 24 0.14 3.64 6.58
CA ARG C 24 -0.52 4.91 6.33
C ARG C 24 -1.94 4.68 5.80
N THR C 25 -2.11 3.57 5.09
CA THR C 25 -3.40 3.19 4.52
C THR C 25 -4.40 2.83 5.62
N LEU C 26 -3.88 2.34 6.74
CA LEU C 26 -4.73 1.96 7.87
C LEU C 26 -5.09 3.17 8.72
N GLY C 27 -4.36 4.27 8.52
CA GLY C 27 -4.60 5.48 9.29
C GLY C 27 -3.81 5.48 10.57
N ILE C 28 -3.94 4.40 11.33
CA ILE C 28 -3.24 4.24 12.59
C ILE C 28 -1.79 3.79 12.33
N ALA C 29 -0.95 4.76 11.99
CA ALA C 29 0.44 4.48 11.69
C ALA C 29 1.35 4.70 12.89
N GLU C 30 0.78 5.22 13.97
CA GLU C 30 1.54 5.47 15.19
C GLU C 30 1.72 4.18 16.00
N LYS C 31 2.06 4.33 17.28
CA LYS C 31 2.26 3.17 18.15
C LYS C 31 0.99 2.33 18.27
N ASP C 32 1.15 1.03 18.38
CA ASP C 32 0.02 0.11 18.48
C ASP C 32 0.42 -1.16 19.23
N ALA C 33 -0.35 -2.21 19.05
CA ALA C 33 -0.07 -3.50 19.69
C ALA C 33 0.21 -4.56 18.63
N LEU C 34 0.98 -5.58 19.00
CA LEU C 34 1.33 -6.65 18.09
C LEU C 34 0.60 -7.94 18.46
N GLU C 35 -0.43 -8.26 17.69
CA GLU C 35 -1.21 -9.47 17.93
C GLU C 35 -0.60 -10.64 17.16
N ILE C 36 0.04 -11.54 17.89
CA ILE C 36 0.65 -12.71 17.28
C ILE C 36 -0.34 -13.86 17.22
N TYR C 37 -0.95 -14.03 16.05
CA TYR C 37 -1.92 -15.08 15.83
C TYR C 37 -1.34 -16.16 14.91
N VAL C 38 -1.11 -17.34 15.47
CA VAL C 38 -0.57 -18.45 14.70
C VAL C 38 -1.70 -19.23 14.02
N ASP C 39 -1.75 -19.13 12.71
CA ASP C 39 -2.78 -19.82 11.93
C ASP C 39 -2.16 -21.01 11.22
N ASP C 40 -2.42 -22.22 11.74
CA ASP C 40 -1.89 -23.46 11.18
C ASP C 40 -0.38 -23.55 11.41
N GLU C 41 0.38 -22.84 10.60
CA GLU C 41 1.83 -22.81 10.73
C GLU C 41 2.35 -21.46 10.22
N LYS C 42 1.43 -20.52 10.07
CA LYS C 42 1.76 -19.18 9.61
C LYS C 42 1.59 -18.21 10.77
N ILE C 43 2.55 -17.31 10.92
CA ILE C 43 2.50 -16.34 12.00
C ILE C 43 1.86 -15.05 11.52
N ILE C 44 0.57 -14.88 11.81
CA ILE C 44 -0.15 -13.70 11.40
C ILE C 44 -0.06 -12.63 12.49
N LEU C 45 0.72 -11.61 12.22
CA LEU C 45 0.89 -10.51 13.15
C LEU C 45 -0.10 -9.40 12.81
N LYS C 46 -1.00 -9.11 13.73
CA LYS C 46 -1.99 -8.07 13.52
C LYS C 46 -1.86 -7.00 14.58
N LYS C 47 -2.81 -6.08 14.60
CA LYS C 47 -2.81 -5.00 15.58
C LYS C 47 -4.22 -4.82 16.13
N TYR C 48 -5.19 -4.78 15.22
CA TYR C 48 -6.59 -4.62 15.61
C TYR C 48 -7.47 -5.51 14.76
N LYS C 49 -8.77 -5.46 14.98
CA LYS C 49 -9.71 -6.26 14.21
C LYS C 49 -10.84 -5.40 13.67
N PRO C 50 -10.87 -5.20 12.35
CA PRO C 50 -11.89 -4.39 11.68
C PRO C 50 -13.32 -4.83 12.00
N ASN C 51 -13.60 -6.12 11.85
CA ASN C 51 -14.94 -6.66 12.12
C ASN C 51 -15.29 -6.56 13.61
N MET C 52 -14.28 -6.56 14.46
CA MET C 52 -14.49 -6.48 15.89
C MET C 52 -14.86 -5.06 16.32
N THR C 53 -14.08 -4.08 15.88
CA THR C 53 -14.34 -2.70 16.24
C THR C 53 -14.00 -1.74 15.10
N CYS C 54 -12.87 -2.00 14.42
CA CYS C 54 -12.39 -1.16 13.31
C CYS C 54 -12.03 0.24 13.80
N GLN C 55 -12.98 1.16 13.76
CA GLN C 55 -12.73 2.54 14.19
C GLN C 55 -13.30 2.77 15.59
N MET D 1 -2.18 -24.68 25.75
CA MET D 1 -2.91 -23.82 26.67
C MET D 1 -2.76 -22.36 26.26
N LYS D 2 -1.77 -22.11 25.41
CA LYS D 2 -1.51 -20.77 24.91
C LYS D 2 -2.57 -20.38 23.90
N SER D 3 -3.29 -19.31 24.19
CA SER D 3 -4.36 -18.84 23.32
C SER D 3 -3.81 -18.43 21.94
N THR D 4 -4.57 -18.74 20.90
CA THR D 4 -4.18 -18.41 19.54
C THR D 4 -4.43 -16.93 19.24
N GLY D 5 -3.57 -16.08 19.76
CA GLY D 5 -3.69 -14.65 19.56
C GLY D 5 -3.13 -13.89 20.73
N ILE D 6 -1.82 -13.94 20.89
CA ILE D 6 -1.17 -13.24 22.00
C ILE D 6 -0.82 -11.81 21.57
N VAL D 7 -1.41 -10.84 22.24
CA VAL D 7 -1.19 -9.44 21.92
C VAL D 7 -0.08 -8.83 22.77
N ARG D 8 1.06 -8.57 22.14
CA ARG D 8 2.19 -7.97 22.82
C ARG D 8 2.25 -6.49 22.43
N LYS D 9 2.13 -5.62 23.41
CA LYS D 9 2.17 -4.19 23.15
C LYS D 9 3.54 -3.79 22.60
N VAL D 10 3.53 -3.11 21.47
CA VAL D 10 4.77 -2.65 20.87
C VAL D 10 4.85 -1.14 20.89
N ASP D 11 5.85 -0.58 20.25
CA ASP D 11 6.01 0.86 20.20
C ASP D 11 5.93 1.36 18.76
N GLU D 12 6.49 2.53 18.51
CA GLU D 12 6.49 3.11 17.19
C GLU D 12 7.80 2.78 16.47
N LEU D 13 8.64 2.03 17.14
CA LEU D 13 9.94 1.65 16.62
C LEU D 13 9.82 0.38 15.80
N GLY D 14 10.79 0.15 14.91
CA GLY D 14 10.77 -1.03 14.08
C GLY D 14 11.32 -2.25 14.81
N ARG D 15 10.52 -2.84 15.67
CA ARG D 15 10.91 -4.01 16.43
C ARG D 15 9.84 -5.09 16.41
N VAL D 16 9.62 -5.69 15.24
CA VAL D 16 8.62 -6.75 15.13
C VAL D 16 9.34 -8.09 15.07
N VAL D 17 9.29 -8.83 16.17
CA VAL D 17 9.95 -10.12 16.25
C VAL D 17 8.94 -11.25 16.46
N ILE D 18 9.23 -12.40 15.88
CA ILE D 18 8.36 -13.57 16.02
C ILE D 18 8.92 -14.50 17.09
N PRO D 19 8.12 -15.47 17.56
CA PRO D 19 8.57 -16.42 18.60
C PRO D 19 9.70 -17.32 18.11
N ILE D 20 10.93 -16.84 18.27
CA ILE D 20 12.11 -17.59 17.85
C ILE D 20 12.67 -18.43 19.00
N GLU D 21 11.80 -18.76 19.95
CA GLU D 21 12.19 -19.56 21.10
C GLU D 21 12.72 -20.92 20.63
N LEU D 22 12.27 -21.34 19.46
CA LEU D 22 12.71 -22.59 18.87
C LEU D 22 14.21 -22.56 18.60
N ARG D 23 14.72 -21.40 18.19
CA ARG D 23 16.13 -21.26 17.93
C ARG D 23 16.92 -21.20 19.24
N ARG D 24 16.27 -20.66 20.27
CA ARG D 24 16.89 -20.55 21.58
C ARG D 24 16.91 -21.90 22.29
N THR D 25 16.07 -22.82 21.84
CA THR D 25 16.01 -24.14 22.45
C THR D 25 16.69 -25.19 21.57
N LEU D 26 16.70 -24.95 20.27
CA LEU D 26 17.32 -25.88 19.32
C LEU D 26 18.10 -25.11 18.26
N GLY D 27 17.39 -24.50 17.33
CA GLY D 27 18.03 -23.76 16.27
C GLY D 27 17.06 -23.41 15.16
N ILE D 28 17.58 -22.90 14.06
CA ILE D 28 16.75 -22.53 12.93
C ILE D 28 17.56 -22.61 11.64
N ALA D 29 16.91 -23.01 10.55
CA ALA D 29 17.57 -23.12 9.26
C ALA D 29 17.19 -21.95 8.36
N GLU D 30 16.16 -21.22 8.76
CA GLU D 30 15.70 -20.07 8.00
C GLU D 30 16.63 -18.88 8.22
N LYS D 31 17.73 -18.86 7.49
CA LYS D 31 18.70 -17.78 7.61
C LYS D 31 18.86 -17.04 6.29
N ASP D 32 18.00 -17.36 5.33
CA ASP D 32 18.05 -16.71 4.03
C ASP D 32 17.07 -15.54 3.98
N ALA D 33 15.78 -15.85 4.03
CA ALA D 33 14.75 -14.84 3.98
C ALA D 33 13.41 -15.39 4.45
N LEU D 34 12.65 -14.56 5.13
CA LEU D 34 11.34 -14.95 5.63
C LEU D 34 10.25 -14.39 4.72
N GLU D 35 9.17 -15.14 4.56
CA GLU D 35 8.06 -14.71 3.71
C GLU D 35 7.14 -13.77 4.48
N ILE D 36 6.99 -12.56 3.98
CA ILE D 36 6.14 -11.57 4.61
C ILE D 36 4.97 -11.18 3.71
N TYR D 37 3.78 -11.62 4.06
CA TYR D 37 2.59 -11.28 3.30
C TYR D 37 1.65 -10.43 4.14
N VAL D 38 1.77 -9.12 4.01
CA VAL D 38 0.93 -8.21 4.77
C VAL D 38 -0.33 -7.85 4.01
N ASP D 39 -1.47 -8.37 4.48
CA ASP D 39 -2.75 -8.09 3.85
C ASP D 39 -3.49 -7.04 4.68
N ASP D 40 -3.31 -5.77 4.29
CA ASP D 40 -3.93 -4.63 4.98
C ASP D 40 -3.35 -4.47 6.38
N GLU D 41 -3.91 -5.20 7.33
CA GLU D 41 -3.44 -5.14 8.71
C GLU D 41 -3.04 -6.53 9.20
N LYS D 42 -3.21 -7.53 8.35
CA LYS D 42 -2.87 -8.90 8.70
C LYS D 42 -1.52 -9.29 8.12
N ILE D 43 -0.49 -9.26 8.96
CA ILE D 43 0.84 -9.62 8.52
C ILE D 43 1.03 -11.12 8.59
N ILE D 44 0.77 -11.81 7.49
CA ILE D 44 0.90 -13.25 7.45
C ILE D 44 2.35 -13.64 7.12
N LEU D 45 3.10 -13.99 8.16
CA LEU D 45 4.49 -14.41 7.99
C LEU D 45 4.52 -15.91 7.71
N LYS D 46 5.23 -16.29 6.66
CA LYS D 46 5.31 -17.69 6.27
C LYS D 46 6.76 -18.16 6.22
N LYS D 47 6.93 -19.48 6.17
CA LYS D 47 8.25 -20.08 6.12
C LYS D 47 8.53 -20.66 4.73
N TYR D 48 7.54 -20.64 3.85
CA TYR D 48 7.69 -21.17 2.51
C TYR D 48 7.32 -20.13 1.47
N LYS D 49 7.93 -20.25 0.29
CA LYS D 49 7.67 -19.34 -0.82
C LYS D 49 8.22 -19.91 -2.13
N PRO D 50 7.36 -20.59 -2.90
CA PRO D 50 7.77 -21.17 -4.18
C PRO D 50 8.14 -20.10 -5.20
N ASN D 51 7.25 -19.12 -5.38
CA ASN D 51 7.49 -18.03 -6.30
C ASN D 51 8.43 -17.01 -5.68
N MET D 52 9.68 -17.03 -6.11
CA MET D 52 10.67 -16.10 -5.58
C MET D 52 10.57 -14.77 -6.30
N THR D 53 11.02 -13.72 -5.64
CA THR D 53 10.99 -12.38 -6.21
C THR D 53 11.94 -12.25 -7.40
N CYS D 54 11.40 -11.80 -8.51
CA CYS D 54 12.19 -11.60 -9.71
C CYS D 54 13.13 -10.42 -9.52
N GLN D 55 14.43 -10.68 -9.59
CA GLN D 55 15.42 -9.64 -9.39
C GLN D 55 16.26 -9.44 -10.65
N MET E 1 -14.14 25.40 -21.43
CA MET E 1 -12.94 24.79 -22.00
C MET E 1 -13.16 23.31 -22.29
N LYS E 2 -12.50 22.81 -23.32
CA LYS E 2 -12.63 21.40 -23.69
C LYS E 2 -11.31 20.86 -24.21
N SER E 3 -10.81 19.82 -23.57
CA SER E 3 -9.55 19.19 -23.96
C SER E 3 -9.74 17.68 -24.09
N THR E 4 -9.63 17.17 -25.31
CA THR E 4 -9.79 15.74 -25.55
C THR E 4 -8.53 14.97 -25.20
N GLY E 5 -8.26 14.85 -23.91
CA GLY E 5 -7.09 14.12 -23.46
C GLY E 5 -5.89 15.01 -23.24
N ILE E 6 -5.35 14.96 -22.03
CA ILE E 6 -4.18 15.73 -21.68
C ILE E 6 -3.04 14.79 -21.32
N VAL E 7 -2.06 14.69 -22.20
CA VAL E 7 -0.92 13.81 -21.98
C VAL E 7 0.24 14.61 -21.39
N ARG E 8 0.31 14.63 -20.06
CA ARG E 8 1.35 15.36 -19.36
C ARG E 8 2.28 14.38 -18.65
N LYS E 9 3.53 14.78 -18.46
CA LYS E 9 4.50 13.93 -17.79
C LYS E 9 4.23 13.92 -16.28
N VAL E 10 4.66 12.86 -15.63
CA VAL E 10 4.49 12.74 -14.19
C VAL E 10 5.32 13.77 -13.45
N ASP E 11 4.78 14.31 -12.37
CA ASP E 11 5.48 15.29 -11.56
C ASP E 11 6.62 14.60 -10.83
N GLU E 12 7.71 15.33 -10.60
CA GLU E 12 8.89 14.80 -9.92
C GLU E 12 8.54 14.10 -8.60
N LEU E 13 7.61 14.70 -7.85
CA LEU E 13 7.21 14.15 -6.57
C LEU E 13 5.88 13.41 -6.66
N GLY E 14 5.35 13.30 -7.87
CA GLY E 14 4.10 12.60 -8.07
C GLY E 14 2.90 13.51 -7.97
N ARG E 15 3.14 14.82 -7.89
CA ARG E 15 2.07 15.80 -7.80
C ARG E 15 1.40 15.97 -9.16
N VAL E 16 0.55 15.01 -9.52
CA VAL E 16 -0.14 15.03 -10.80
C VAL E 16 -1.05 16.26 -10.92
N VAL E 17 -0.80 17.04 -11.94
CA VAL E 17 -1.56 18.25 -12.20
C VAL E 17 -2.86 17.92 -12.91
N ILE E 18 -3.94 17.85 -12.16
CA ILE E 18 -5.24 17.60 -12.74
C ILE E 18 -5.56 18.72 -13.72
N PRO E 19 -5.84 18.37 -14.99
CA PRO E 19 -6.14 19.36 -16.03
C PRO E 19 -7.00 20.51 -15.52
N ILE E 20 -6.39 21.69 -15.50
CA ILE E 20 -7.04 22.90 -15.03
C ILE E 20 -8.35 23.16 -15.79
N GLU E 21 -8.38 22.76 -17.04
CA GLU E 21 -9.57 22.93 -17.87
C GLU E 21 -10.69 22.02 -17.39
N LEU E 22 -10.33 20.82 -16.97
CA LEU E 22 -11.29 19.84 -16.48
C LEU E 22 -11.78 20.25 -15.10
N ARG E 23 -10.90 20.86 -14.33
CA ARG E 23 -11.24 21.33 -12.99
C ARG E 23 -12.38 22.34 -13.06
N ARG E 24 -12.34 23.18 -14.10
CA ARG E 24 -13.37 24.19 -14.28
C ARG E 24 -14.67 23.59 -14.80
N THR E 25 -14.56 22.63 -15.71
CA THR E 25 -15.73 21.99 -16.30
C THR E 25 -16.40 21.02 -15.33
N LEU E 26 -15.61 20.42 -14.45
CA LEU E 26 -16.15 19.49 -13.46
C LEU E 26 -16.63 20.25 -12.23
N GLY E 27 -16.30 21.54 -12.18
CA GLY E 27 -16.71 22.37 -11.06
C GLY E 27 -16.24 21.84 -9.72
N ILE E 28 -14.94 21.54 -9.63
CA ILE E 28 -14.38 21.00 -8.40
C ILE E 28 -13.37 21.97 -7.79
N ALA E 29 -13.23 21.91 -6.48
CA ALA E 29 -12.29 22.76 -5.78
C ALA E 29 -10.86 22.29 -5.98
N GLU E 30 -9.94 23.24 -6.10
CA GLU E 30 -8.54 22.90 -6.31
C GLU E 30 -7.82 22.77 -4.97
N LYS E 31 -8.49 23.16 -3.90
CA LYS E 31 -7.93 23.08 -2.56
C LYS E 31 -8.80 22.22 -1.66
N ASP E 32 -8.70 20.90 -1.83
CA ASP E 32 -9.48 19.97 -1.01
C ASP E 32 -8.96 18.55 -1.22
N ALA E 33 -9.80 17.57 -0.93
CA ALA E 33 -9.45 16.17 -1.10
C ALA E 33 -10.20 15.57 -2.29
N LEU E 34 -9.64 14.52 -2.89
CA LEU E 34 -10.26 13.88 -4.03
C LEU E 34 -10.34 12.38 -3.81
N GLU E 35 -11.31 11.74 -4.43
CA GLU E 35 -11.49 10.29 -4.29
C GLU E 35 -10.66 9.54 -5.31
N ILE E 36 -9.82 8.64 -4.83
CA ILE E 36 -8.98 7.84 -5.70
C ILE E 36 -9.59 6.45 -5.92
N TYR E 37 -9.76 6.10 -7.19
CA TYR E 37 -10.32 4.82 -7.58
C TYR E 37 -9.63 4.35 -8.86
N VAL E 38 -9.74 3.06 -9.19
CA VAL E 38 -9.13 2.52 -10.40
C VAL E 38 -10.07 1.54 -11.08
N ASP E 39 -9.97 1.47 -12.40
CA ASP E 39 -10.79 0.54 -13.17
C ASP E 39 -9.92 -0.20 -14.16
N ASP E 40 -9.67 -1.48 -13.86
CA ASP E 40 -8.84 -2.35 -14.69
C ASP E 40 -7.35 -1.97 -14.60
N GLU E 41 -7.03 -0.77 -15.07
CA GLU E 41 -5.65 -0.30 -15.03
C GLU E 41 -5.60 1.22 -14.91
N LYS E 42 -6.54 1.89 -15.56
CA LYS E 42 -6.62 3.34 -15.52
C LYS E 42 -7.09 3.82 -14.15
N ILE E 43 -6.55 4.96 -13.74
CA ILE E 43 -6.92 5.54 -12.45
C ILE E 43 -8.08 6.50 -12.64
N ILE E 44 -9.08 6.37 -11.80
CA ILE E 44 -10.24 7.23 -11.86
C ILE E 44 -10.30 8.16 -10.67
N LEU E 45 -10.17 9.45 -10.95
CA LEU E 45 -10.21 10.45 -9.90
C LEU E 45 -11.50 11.24 -10.01
N LYS E 46 -12.18 11.43 -8.89
CA LYS E 46 -13.44 12.18 -8.89
C LYS E 46 -13.59 12.96 -7.60
N LYS E 47 -14.55 13.89 -7.61
CA LYS E 47 -14.83 14.72 -6.45
C LYS E 47 -15.20 13.83 -5.27
N TYR E 48 -14.82 14.27 -4.07
CA TYR E 48 -15.11 13.50 -2.86
C TYR E 48 -16.62 13.43 -2.65
N LYS E 49 -17.06 12.33 -2.07
CA LYS E 49 -18.48 12.11 -1.82
C LYS E 49 -18.67 11.59 -0.40
N PRO E 50 -19.92 11.51 0.09
CA PRO E 50 -20.22 11.01 1.44
C PRO E 50 -19.89 9.52 1.59
N ASN E 51 -18.61 9.23 1.64
CA ASN E 51 -18.12 7.87 1.79
C ASN E 51 -16.78 7.87 2.50
N MET E 52 -16.67 7.02 3.50
CA MET E 52 -15.44 6.91 4.26
C MET E 52 -14.99 5.46 4.30
N THR E 53 -13.77 5.21 4.73
CA THR E 53 -13.25 3.88 4.80
C THR E 53 -13.76 3.19 6.07
N CYS E 54 -14.29 1.98 5.91
CA CYS E 54 -14.82 1.18 7.02
C CYS E 54 -16.16 1.73 7.51
N GLN E 55 -16.19 3.01 7.88
CA GLN E 55 -17.42 3.63 8.37
C GLN E 55 -18.00 4.59 7.33
N MET F 1 -5.16 4.64 1.66
CA MET F 1 -5.16 5.50 0.48
C MET F 1 -5.20 4.67 -0.79
N LYS F 2 -5.83 3.50 -0.70
CA LYS F 2 -5.95 2.61 -1.84
C LYS F 2 -6.90 3.18 -2.88
N SER F 3 -6.63 2.86 -4.14
CA SER F 3 -7.46 3.34 -5.23
C SER F 3 -8.74 2.52 -5.38
N THR F 4 -9.35 2.17 -4.25
CA THR F 4 -10.58 1.40 -4.25
C THR F 4 -11.76 2.28 -3.84
N GLY F 5 -11.57 3.59 -3.94
CA GLY F 5 -12.60 4.52 -3.56
C GLY F 5 -12.30 5.18 -2.24
N ILE F 6 -11.13 5.80 -2.14
CA ILE F 6 -10.72 6.48 -0.91
C ILE F 6 -10.22 7.88 -1.22
N VAL F 7 -10.68 8.86 -0.45
CA VAL F 7 -10.28 10.25 -0.66
C VAL F 7 -8.89 10.50 -0.07
N ARG F 8 -8.12 11.34 -0.77
CA ARG F 8 -6.78 11.67 -0.36
C ARG F 8 -6.51 13.16 -0.60
N LYS F 9 -5.56 13.72 0.15
CA LYS F 9 -5.20 15.13 0.02
C LYS F 9 -4.67 15.42 -1.37
N VAL F 10 -5.18 16.48 -1.98
CA VAL F 10 -4.74 16.88 -3.31
C VAL F 10 -3.64 17.94 -3.19
N ASP F 11 -4.05 19.20 -3.10
CA ASP F 11 -3.14 20.33 -3.00
C ASP F 11 -3.97 21.61 -2.93
N GLU F 12 -3.38 22.74 -3.30
CA GLU F 12 -4.08 24.01 -3.30
C GLU F 12 -4.27 24.49 -4.74
N LEU F 13 -3.67 23.77 -5.68
CA LEU F 13 -3.77 24.10 -7.09
C LEU F 13 -4.31 22.92 -7.90
N GLY F 14 -4.99 21.99 -7.22
CA GLY F 14 -5.55 20.84 -7.89
C GLY F 14 -4.48 19.90 -8.44
N ARG F 15 -3.46 19.67 -7.64
CA ARG F 15 -2.35 18.80 -8.02
C ARG F 15 -2.19 17.70 -6.98
N VAL F 16 -2.72 16.53 -7.28
CA VAL F 16 -2.69 15.42 -6.36
C VAL F 16 -1.31 14.78 -6.24
N VAL F 17 -0.78 14.81 -5.02
CA VAL F 17 0.53 14.22 -4.75
C VAL F 17 0.40 12.72 -4.58
N ILE F 18 0.61 12.00 -5.66
CA ILE F 18 0.53 10.54 -5.64
C ILE F 18 1.90 9.96 -5.28
N PRO F 19 1.96 9.25 -4.14
CA PRO F 19 3.19 8.63 -3.63
C PRO F 19 4.05 8.00 -4.71
N ILE F 20 5.32 8.39 -4.76
CA ILE F 20 6.25 7.85 -5.76
C ILE F 20 6.47 6.37 -5.54
N GLU F 21 6.15 5.89 -4.34
CA GLU F 21 6.29 4.49 -4.02
C GLU F 21 5.35 3.66 -4.90
N LEU F 22 4.24 4.28 -5.29
CA LEU F 22 3.27 3.63 -6.16
C LEU F 22 3.86 3.52 -7.55
N ARG F 23 4.59 4.55 -7.96
CA ARG F 23 5.24 4.58 -9.26
C ARG F 23 6.28 3.48 -9.32
N ARG F 24 6.98 3.30 -8.21
CA ARG F 24 8.01 2.27 -8.09
C ARG F 24 7.37 0.88 -8.20
N THR F 25 6.13 0.79 -7.76
CA THR F 25 5.39 -0.47 -7.80
C THR F 25 4.92 -0.76 -9.24
N LEU F 26 4.70 0.30 -10.00
CA LEU F 26 4.26 0.17 -11.38
C LEU F 26 5.46 0.03 -12.32
N GLY F 27 6.56 0.64 -11.94
CA GLY F 27 7.77 0.59 -12.74
C GLY F 27 8.02 1.89 -13.47
N ILE F 28 7.04 2.77 -13.44
CA ILE F 28 7.14 4.06 -14.13
C ILE F 28 7.93 5.07 -13.31
N ALA F 29 8.36 6.13 -13.98
CA ALA F 29 9.14 7.18 -13.32
C ALA F 29 8.46 8.53 -13.53
N GLU F 30 9.17 9.61 -13.21
CA GLU F 30 8.61 10.95 -13.35
C GLU F 30 8.74 11.46 -14.79
N LYS F 31 9.37 10.67 -15.64
CA LYS F 31 9.56 11.06 -17.04
C LYS F 31 8.49 10.45 -17.93
N ASP F 32 7.65 9.61 -17.33
CA ASP F 32 6.59 8.94 -18.05
C ASP F 32 5.41 9.89 -18.27
N ALA F 33 4.66 9.66 -19.34
CA ALA F 33 3.52 10.49 -19.66
C ALA F 33 2.20 9.82 -19.29
N LEU F 34 1.33 10.57 -18.65
CA LEU F 34 0.03 10.05 -18.25
C LEU F 34 -1.07 10.60 -19.17
N GLU F 35 -1.87 9.72 -19.72
CA GLU F 35 -2.95 10.11 -20.62
C GLU F 35 -4.20 10.41 -19.80
N ILE F 36 -4.40 11.68 -19.47
CA ILE F 36 -5.55 12.09 -18.68
C ILE F 36 -6.75 12.41 -19.57
N TYR F 37 -7.79 11.59 -19.43
CA TYR F 37 -9.01 11.76 -20.20
C TYR F 37 -10.16 12.17 -19.26
N VAL F 38 -11.37 12.20 -19.78
CA VAL F 38 -12.52 12.59 -18.99
C VAL F 38 -13.73 11.71 -19.33
N ASP F 39 -14.53 11.41 -18.32
CA ASP F 39 -15.72 10.58 -18.51
C ASP F 39 -16.81 11.01 -17.53
N ASP F 40 -17.92 11.48 -18.08
CA ASP F 40 -19.06 11.93 -17.28
C ASP F 40 -18.68 13.09 -16.37
N GLU F 41 -18.32 12.79 -15.13
CA GLU F 41 -17.93 13.80 -14.16
C GLU F 41 -16.72 13.33 -13.35
N LYS F 42 -15.87 12.55 -14.01
CA LYS F 42 -14.66 12.04 -13.36
C LYS F 42 -13.45 12.20 -14.28
N ILE F 43 -12.27 12.20 -13.68
CA ILE F 43 -11.02 12.36 -14.40
C ILE F 43 -10.38 10.99 -14.61
N ILE F 44 -10.02 10.69 -15.86
CA ILE F 44 -9.41 9.42 -16.18
C ILE F 44 -7.90 9.56 -16.32
N LEU F 45 -7.17 9.01 -15.36
CA LEU F 45 -5.72 9.07 -15.37
C LEU F 45 -5.13 7.76 -15.86
N LYS F 46 -4.87 7.68 -17.16
CA LYS F 46 -4.29 6.48 -17.74
C LYS F 46 -2.77 6.54 -17.66
N LYS F 47 -2.16 5.41 -17.36
CA LYS F 47 -0.71 5.33 -17.25
C LYS F 47 -0.14 4.51 -18.40
N TYR F 48 1.15 4.71 -18.66
CA TYR F 48 1.84 3.98 -19.70
C TYR F 48 1.98 2.51 -19.28
N LYS F 49 1.86 1.59 -20.23
CA LYS F 49 1.96 0.16 -19.96
C LYS F 49 3.18 -0.15 -19.09
N PRO F 50 2.95 -0.62 -17.85
CA PRO F 50 4.02 -0.93 -16.90
C PRO F 50 5.13 -1.78 -17.51
N ASN F 51 4.82 -3.06 -17.77
CA ASN F 51 5.78 -3.99 -18.37
C ASN F 51 7.10 -3.98 -17.58
N MET F 52 8.22 -4.15 -18.29
CA MET F 52 9.57 -4.15 -17.69
C MET F 52 9.84 -5.42 -16.89
N THR F 53 8.83 -5.88 -16.14
CA THR F 53 8.94 -7.08 -15.30
C THR F 53 9.81 -6.80 -14.07
N CYS F 54 9.55 -7.52 -12.98
CA CYS F 54 10.29 -7.36 -11.75
C CYS F 54 11.78 -7.62 -11.98
N GLN F 55 12.60 -6.61 -11.75
CA GLN F 55 14.04 -6.72 -11.94
C GLN F 55 14.76 -5.85 -10.94
N MET C 1 5.53 0.46 0.51
CA MET C 1 5.66 -0.87 -0.13
C MET C 1 4.31 -1.57 -0.10
N LYS C 2 3.90 -2.10 -1.25
CA LYS C 2 2.62 -2.81 -1.36
C LYS C 2 2.66 -4.06 -0.50
N SER C 3 1.63 -4.27 0.30
CA SER C 3 1.61 -5.43 1.18
C SER C 3 0.93 -6.64 0.53
N THR C 4 0.91 -6.67 -0.79
CA THR C 4 0.26 -7.76 -1.50
C THR C 4 1.28 -8.76 -2.05
N GLY C 5 1.98 -9.43 -1.15
CA GLY C 5 2.96 -10.43 -1.55
C GLY C 5 4.28 -9.83 -1.98
N ILE C 6 5.00 -9.27 -1.03
CA ILE C 6 6.30 -8.68 -1.32
C ILE C 6 7.41 -9.47 -0.64
N VAL C 7 8.45 -9.78 -1.40
CA VAL C 7 9.58 -10.51 -0.86
C VAL C 7 10.54 -9.54 -0.19
N ARG C 8 10.54 -9.53 1.13
CA ARG C 8 11.40 -8.65 1.90
C ARG C 8 12.45 -9.47 2.64
N LYS C 9 13.69 -9.05 2.56
CA LYS C 9 14.77 -9.76 3.22
C LYS C 9 14.93 -9.28 4.66
N VAL C 10 15.16 -10.20 5.56
CA VAL C 10 15.37 -9.85 6.96
C VAL C 10 16.83 -9.51 7.15
N ASP C 11 17.18 -8.94 8.29
CA ASP C 11 18.56 -8.55 8.53
C ASP C 11 19.25 -9.46 9.53
N GLU C 12 20.43 -9.03 9.98
CA GLU C 12 21.25 -9.77 10.93
C GLU C 12 20.48 -10.21 12.18
N LEU C 13 19.52 -9.40 12.60
CA LEU C 13 18.74 -9.70 13.80
C LEU C 13 17.61 -10.69 13.51
N GLY C 14 17.50 -11.12 12.26
CA GLY C 14 16.46 -12.06 11.88
C GLY C 14 15.06 -11.50 12.10
N ARG C 15 14.91 -10.20 11.91
CA ARG C 15 13.63 -9.54 12.10
C ARG C 15 13.15 -8.93 10.79
N VAL C 16 11.87 -8.59 10.72
CA VAL C 16 11.31 -8.00 9.51
C VAL C 16 10.67 -6.65 9.83
N VAL C 17 10.04 -6.04 8.85
CA VAL C 17 9.39 -4.75 9.04
C VAL C 17 8.02 -4.73 8.36
N ILE C 18 7.13 -3.90 8.89
CA ILE C 18 5.78 -3.79 8.35
C ILE C 18 5.73 -2.75 7.22
N PRO C 19 4.97 -3.02 6.16
CA PRO C 19 4.84 -2.11 5.02
C PRO C 19 4.09 -0.83 5.36
N ILE C 20 4.16 0.15 4.44
CA ILE C 20 3.51 1.44 4.63
C ILE C 20 1.99 1.27 4.73
N GLU C 21 1.42 0.48 3.80
CA GLU C 21 -0.01 0.21 3.78
C GLU C 21 -0.48 -0.25 5.16
N LEU C 22 0.27 -1.17 5.74
CA LEU C 22 -0.04 -1.71 7.04
C LEU C 22 0.03 -0.63 8.12
N ARG C 23 1.07 0.18 8.09
CA ARG C 23 1.25 1.26 9.06
C ARG C 23 0.09 2.25 9.02
N ARG C 24 -0.53 2.37 7.86
CA ARG C 24 -1.65 3.29 7.67
C ARG C 24 -2.99 2.61 7.94
N THR C 25 -3.02 1.28 7.88
CA THR C 25 -4.24 0.54 8.10
C THR C 25 -4.03 -0.58 9.13
N LEU C 26 -3.22 -0.31 10.14
CA LEU C 26 -2.94 -1.27 11.19
C LEU C 26 -4.20 -1.64 11.95
N GLY C 27 -5.10 -0.67 12.12
CA GLY C 27 -6.33 -0.94 12.84
C GLY C 27 -6.19 -0.59 14.31
N ILE C 28 -4.98 -0.75 14.81
CA ILE C 28 -4.67 -0.44 16.20
C ILE C 28 -4.34 1.03 16.33
N ALA C 29 -4.61 1.61 17.50
CA ALA C 29 -4.34 3.01 17.74
C ALA C 29 -2.95 3.20 18.33
N GLU C 30 -2.45 2.15 18.97
CA GLU C 30 -1.15 2.19 19.59
C GLU C 30 -0.38 0.91 19.29
N LYS C 31 0.93 0.99 19.43
CA LYS C 31 1.79 -0.15 19.17
C LYS C 31 1.85 -1.04 20.41
N ASP C 32 1.03 -2.08 20.40
CA ASP C 32 0.96 -3.01 21.51
C ASP C 32 1.52 -4.38 21.09
N ALA C 33 1.10 -5.43 21.79
CA ALA C 33 1.55 -6.77 21.48
C ALA C 33 0.58 -7.45 20.51
N LEU C 34 1.10 -7.89 19.38
CA LEU C 34 0.28 -8.56 18.38
C LEU C 34 0.42 -10.07 18.51
N GLU C 35 -0.55 -10.80 17.99
CA GLU C 35 -0.55 -12.26 18.06
C GLU C 35 0.20 -12.86 16.89
N ILE C 36 1.33 -13.49 17.18
CA ILE C 36 2.14 -14.13 16.14
C ILE C 36 1.91 -15.63 16.13
N TYR C 37 1.34 -16.12 15.03
CA TYR C 37 1.07 -17.55 14.88
C TYR C 37 2.00 -18.20 13.85
N VAL C 38 3.05 -18.84 14.32
CA VAL C 38 3.98 -19.52 13.43
C VAL C 38 3.43 -20.91 13.12
N ASP C 39 3.13 -21.17 11.86
CA ASP C 39 2.57 -22.45 11.47
C ASP C 39 3.25 -23.05 10.24
N ASP C 40 3.92 -24.19 10.45
CA ASP C 40 4.60 -24.94 9.39
C ASP C 40 5.74 -24.13 8.75
N GLU C 41 5.45 -23.39 7.68
CA GLU C 41 6.47 -22.61 6.98
C GLU C 41 6.05 -21.16 6.83
N LYS C 42 4.96 -20.78 7.48
CA LYS C 42 4.49 -19.41 7.38
C LYS C 42 4.10 -18.86 8.76
N ILE C 43 4.30 -17.57 8.93
CA ILE C 43 3.98 -16.91 10.18
C ILE C 43 2.79 -15.98 9.98
N ILE C 44 1.68 -16.33 10.61
CA ILE C 44 0.48 -15.53 10.50
C ILE C 44 0.40 -14.52 11.63
N LEU C 45 0.80 -13.29 11.32
CA LEU C 45 0.76 -12.22 12.30
C LEU C 45 -0.61 -11.55 12.26
N LYS C 46 -1.36 -11.69 13.33
CA LYS C 46 -2.70 -11.12 13.39
C LYS C 46 -2.82 -10.15 14.55
N LYS C 47 -3.70 -9.18 14.39
CA LYS C 47 -3.93 -8.17 15.40
C LYS C 47 -4.80 -8.72 16.53
N TYR C 48 -4.64 -8.15 17.71
CA TYR C 48 -5.42 -8.59 18.87
C TYR C 48 -6.82 -7.98 18.81
N LYS C 49 -6.98 -7.00 17.94
CA LYS C 49 -8.25 -6.32 17.76
C LYS C 49 -8.33 -5.73 16.36
N PRO C 50 -9.37 -6.07 15.59
CA PRO C 50 -9.56 -5.57 14.21
C PRO C 50 -9.61 -4.04 14.18
N ASN C 51 -10.22 -3.47 15.21
CA ASN C 51 -10.35 -2.03 15.34
C ASN C 51 -10.24 -1.67 16.81
N MET C 52 -9.26 -0.85 17.14
CA MET C 52 -9.07 -0.44 18.53
C MET C 52 -10.20 0.46 18.98
N THR C 53 -10.28 1.65 18.42
CA THR C 53 -11.32 2.59 18.79
C THR C 53 -11.99 3.22 17.58
N CYS C 54 -11.38 4.28 17.04
CA CYS C 54 -11.91 5.03 15.90
C CYS C 54 -13.15 5.84 16.33
N GLN C 55 -14.19 5.14 16.75
CA GLN C 55 -15.42 5.79 17.20
C GLN C 55 -15.50 5.76 18.72
N MET D 1 5.92 -30.11 19.21
CA MET D 1 5.49 -29.55 20.48
C MET D 1 4.46 -28.45 20.28
N LYS D 2 4.40 -27.95 19.04
CA LYS D 2 3.48 -26.86 18.68
C LYS D 2 3.71 -25.65 19.57
N SER D 3 2.78 -25.40 20.49
CA SER D 3 2.89 -24.27 21.41
C SER D 3 3.06 -22.95 20.66
N THR D 4 2.36 -22.80 19.56
CA THR D 4 2.44 -21.58 18.76
C THR D 4 1.44 -20.55 19.26
N GLY D 5 1.54 -19.34 18.73
CA GLY D 5 0.65 -18.29 19.16
C GLY D 5 1.24 -17.53 20.33
N ILE D 6 2.12 -16.60 20.03
CA ILE D 6 2.79 -15.80 21.04
C ILE D 6 2.65 -14.32 20.72
N VAL D 7 2.42 -13.50 21.75
CA VAL D 7 2.27 -12.07 21.57
C VAL D 7 3.61 -11.37 21.65
N ARG D 8 3.83 -10.42 20.76
CA ARG D 8 5.06 -9.66 20.73
C ARG D 8 4.76 -8.18 20.56
N LYS D 9 5.40 -7.34 21.36
CA LYS D 9 5.17 -5.90 21.29
C LYS D 9 6.13 -5.26 20.29
N VAL D 10 5.58 -4.39 19.44
CA VAL D 10 6.36 -3.69 18.44
C VAL D 10 7.37 -2.75 19.11
N ASP D 11 8.56 -2.62 18.51
CA ASP D 11 9.64 -1.76 19.02
C ASP D 11 9.09 -0.43 19.54
N GLU D 12 8.67 0.41 18.60
CA GLU D 12 8.15 1.73 18.92
C GLU D 12 7.39 2.28 17.72
N LEU D 13 8.01 2.19 16.55
CA LEU D 13 7.40 2.69 15.33
C LEU D 13 6.80 1.55 14.50
N GLY D 14 7.65 0.83 13.79
CA GLY D 14 7.17 -0.27 12.97
C GLY D 14 8.24 -1.31 12.72
N ARG D 15 7.95 -2.55 13.09
CA ARG D 15 8.88 -3.66 12.91
C ARG D 15 8.22 -4.98 13.27
N VAL D 16 8.73 -6.08 12.71
CA VAL D 16 8.18 -7.40 12.99
C VAL D 16 9.11 -8.18 13.91
N VAL D 17 8.62 -8.43 15.12
CA VAL D 17 9.38 -9.15 16.14
C VAL D 17 9.02 -10.64 16.15
N ILE D 18 9.24 -11.32 15.04
CA ILE D 18 8.92 -12.74 14.96
C ILE D 18 9.91 -13.57 15.76
N PRO D 19 9.40 -14.56 16.52
CA PRO D 19 10.22 -15.45 17.35
C PRO D 19 11.44 -15.98 16.63
N ILE D 20 12.62 -15.58 17.11
CA ILE D 20 13.87 -16.00 16.52
C ILE D 20 14.22 -17.43 16.93
N GLU D 21 14.19 -17.67 18.24
CA GLU D 21 14.50 -18.99 18.79
C GLU D 21 13.65 -20.08 18.15
N LEU D 22 12.35 -19.80 18.01
CA LEU D 22 11.41 -20.73 17.40
C LEU D 22 11.86 -21.16 16.00
N ARG D 23 12.15 -20.18 15.15
CA ARG D 23 12.58 -20.45 13.79
C ARG D 23 13.93 -21.17 13.77
N ARG D 24 14.83 -20.74 14.63
CA ARG D 24 16.16 -21.33 14.72
C ARG D 24 16.10 -22.81 15.09
N THR D 25 15.28 -23.14 16.08
CA THR D 25 15.16 -24.52 16.53
C THR D 25 14.25 -25.33 15.62
N LEU D 26 13.59 -24.66 14.69
CA LEU D 26 12.69 -25.32 13.75
C LEU D 26 13.50 -26.07 12.68
N GLY D 27 14.79 -25.79 12.61
CA GLY D 27 15.65 -26.46 11.65
C GLY D 27 16.18 -25.52 10.59
N ILE D 28 15.63 -24.31 10.54
CA ILE D 28 16.04 -23.32 9.57
C ILE D 28 16.71 -22.14 10.26
N ALA D 29 17.20 -21.21 9.47
CA ALA D 29 17.85 -20.02 10.01
C ALA D 29 16.83 -18.90 10.18
N GLU D 30 17.24 -17.83 10.83
CA GLU D 30 16.36 -16.69 11.05
C GLU D 30 16.62 -15.61 10.01
N LYS D 31 17.75 -15.70 9.32
CA LYS D 31 18.11 -14.73 8.30
C LYS D 31 17.82 -15.27 6.91
N ASP D 32 16.79 -14.72 6.28
CA ASP D 32 16.41 -15.13 4.92
C ASP D 32 15.44 -14.12 4.33
N ALA D 33 14.79 -14.51 3.24
CA ALA D 33 13.83 -13.64 2.56
C ALA D 33 12.41 -14.14 2.79
N LEU D 34 11.55 -13.27 3.30
CA LEU D 34 10.17 -13.61 3.59
C LEU D 34 9.21 -12.81 2.72
N GLU D 35 8.15 -13.47 2.25
CA GLU D 35 7.15 -12.83 1.43
C GLU D 35 5.98 -12.40 2.30
N ILE D 36 5.76 -11.10 2.40
CA ILE D 36 4.69 -10.57 3.22
C ILE D 36 3.41 -10.37 2.42
N TYR D 37 2.39 -11.14 2.76
CA TYR D 37 1.10 -11.05 2.10
C TYR D 37 0.01 -10.86 3.15
N VAL D 38 -0.69 -9.74 3.11
CA VAL D 38 -1.74 -9.49 4.08
C VAL D 38 -3.13 -9.74 3.49
N ASP D 39 -3.83 -10.68 4.10
CA ASP D 39 -5.18 -11.02 3.67
C ASP D 39 -6.16 -10.19 4.49
N ASP D 40 -6.61 -9.07 3.91
CA ASP D 40 -7.51 -8.14 4.58
C ASP D 40 -6.76 -7.41 5.68
N GLU D 41 -6.49 -8.11 6.78
CA GLU D 41 -5.73 -7.54 7.89
C GLU D 41 -4.87 -8.61 8.55
N LYS D 42 -4.83 -9.80 7.93
CA LYS D 42 -4.02 -10.90 8.45
C LYS D 42 -2.68 -10.91 7.71
N ILE D 43 -1.61 -10.63 8.43
CA ILE D 43 -0.28 -10.58 7.85
C ILE D 43 0.34 -11.98 7.77
N ILE D 44 0.31 -12.58 6.59
CA ILE D 44 0.87 -13.91 6.40
C ILE D 44 2.30 -13.82 5.88
N LEU D 45 3.26 -14.11 6.73
CA LEU D 45 4.66 -14.07 6.37
C LEU D 45 5.11 -15.42 5.83
N LYS D 46 5.24 -15.52 4.52
CA LYS D 46 5.67 -16.75 3.88
C LYS D 46 7.04 -16.54 3.25
N LYS D 47 7.34 -17.29 2.21
CA LYS D 47 8.61 -17.16 1.51
C LYS D 47 8.45 -17.62 0.08
N TYR D 48 9.20 -17.00 -0.83
CA TYR D 48 9.14 -17.35 -2.24
C TYR D 48 9.76 -18.73 -2.48
N LYS D 49 9.28 -19.41 -3.51
CA LYS D 49 9.78 -20.73 -3.84
C LYS D 49 10.14 -20.77 -5.33
N PRO D 50 11.45 -20.81 -5.64
CA PRO D 50 11.93 -20.86 -7.03
C PRO D 50 11.28 -22.01 -7.80
N ASN D 51 11.66 -23.24 -7.46
CA ASN D 51 11.12 -24.45 -8.10
C ASN D 51 11.21 -24.37 -9.63
N MET D 52 10.15 -23.91 -10.27
CA MET D 52 10.12 -23.76 -11.71
C MET D 52 9.36 -22.48 -12.09
N THR D 53 9.23 -21.60 -11.12
CA THR D 53 8.51 -20.35 -11.32
C THR D 53 9.32 -19.35 -12.13
N CYS D 54 9.07 -19.31 -13.43
CA CYS D 54 9.74 -18.38 -14.37
C CYS D 54 11.19 -18.74 -14.62
N GLN D 55 11.93 -19.07 -13.57
CA GLN D 55 13.34 -19.44 -13.71
C GLN D 55 13.73 -20.49 -12.68
N MET E 1 -2.88 24.00 -24.76
CA MET E 1 -2.44 22.80 -24.04
C MET E 1 -3.61 21.86 -23.77
N LYS E 2 -3.61 20.74 -24.46
CA LYS E 2 -4.65 19.73 -24.30
C LYS E 2 -4.03 18.39 -23.91
N SER E 3 -4.64 17.72 -22.95
CA SER E 3 -4.14 16.43 -22.51
C SER E 3 -4.97 15.30 -23.11
N THR E 4 -6.19 15.11 -22.58
CA THR E 4 -7.08 14.05 -23.05
C THR E 4 -6.38 12.70 -23.12
N GLY E 5 -6.07 12.15 -21.95
CA GLY E 5 -5.39 10.87 -21.90
C GLY E 5 -3.93 11.05 -22.26
N ILE E 6 -3.25 11.87 -21.50
CA ILE E 6 -1.85 12.17 -21.74
C ILE E 6 -0.94 11.09 -21.15
N VAL E 7 -0.10 10.52 -22.02
CA VAL E 7 0.84 9.50 -21.59
C VAL E 7 2.23 10.11 -21.55
N ARG E 8 2.50 10.86 -20.49
CA ARG E 8 3.77 11.54 -20.33
C ARG E 8 4.51 11.05 -19.10
N LYS E 9 5.80 11.35 -19.04
CA LYS E 9 6.63 10.98 -17.91
C LYS E 9 6.06 11.64 -16.67
N VAL E 10 5.90 10.86 -15.61
CA VAL E 10 5.34 11.35 -14.35
C VAL E 10 6.00 12.66 -13.89
N ASP E 11 7.30 12.63 -13.66
CA ASP E 11 8.04 13.82 -13.23
C ASP E 11 9.54 13.60 -13.35
N GLU E 12 10.08 12.70 -12.51
CA GLU E 12 11.51 12.40 -12.49
C GLU E 12 11.81 11.50 -11.30
N LEU E 13 11.20 11.81 -10.16
CA LEU E 13 11.42 11.02 -8.94
C LEU E 13 10.13 10.39 -8.45
N GLY E 14 9.18 10.17 -9.36
CA GLY E 14 7.93 9.54 -8.98
C GLY E 14 6.85 10.51 -8.53
N ARG E 15 6.85 11.71 -9.08
CA ARG E 15 5.83 12.70 -8.75
C ARG E 15 4.82 12.74 -9.87
N VAL E 16 3.63 13.22 -9.60
CA VAL E 16 2.60 13.31 -10.63
C VAL E 16 2.19 14.76 -10.84
N VAL E 17 2.68 15.33 -11.94
CA VAL E 17 2.38 16.71 -12.27
C VAL E 17 1.07 16.83 -13.04
N ILE E 18 0.02 17.20 -12.33
CA ILE E 18 -1.29 17.39 -12.93
C ILE E 18 -1.50 18.87 -13.21
N PRO E 19 -2.04 19.22 -14.39
CA PRO E 19 -2.30 20.62 -14.75
C PRO E 19 -3.07 21.37 -13.67
N ILE E 20 -2.51 22.49 -13.21
CA ILE E 20 -3.12 23.30 -12.17
C ILE E 20 -4.51 23.79 -12.60
N GLU E 21 -4.68 24.03 -13.89
CA GLU E 21 -5.97 24.48 -14.43
C GLU E 21 -7.04 23.46 -14.08
N LEU E 22 -6.72 22.19 -14.25
CA LEU E 22 -7.64 21.10 -13.95
C LEU E 22 -7.81 20.97 -12.45
N ARG E 23 -6.71 21.17 -11.72
CA ARG E 23 -6.72 21.08 -10.26
C ARG E 23 -7.69 22.10 -9.67
N ARG E 24 -7.67 23.31 -10.21
CA ARG E 24 -8.55 24.38 -9.74
C ARG E 24 -10.01 24.06 -10.04
N THR E 25 -10.24 23.49 -11.23
CA THR E 25 -11.59 23.15 -11.66
C THR E 25 -12.08 21.87 -10.98
N LEU E 26 -11.16 21.17 -10.32
CA LEU E 26 -11.50 19.92 -9.63
C LEU E 26 -12.31 20.20 -8.36
N GLY E 27 -11.82 21.13 -7.55
CA GLY E 27 -12.50 21.48 -6.33
C GLY E 27 -11.81 20.91 -5.10
N ILE E 28 -10.54 21.27 -4.94
CA ILE E 28 -9.75 20.80 -3.81
C ILE E 28 -9.32 21.98 -2.93
N ALA E 29 -9.60 21.87 -1.65
CA ALA E 29 -9.25 22.93 -0.70
C ALA E 29 -7.82 22.74 -0.17
N GLU E 30 -7.45 23.57 0.79
CA GLU E 30 -6.12 23.56 1.39
C GLU E 30 -5.75 22.18 1.92
N LYS E 31 -6.46 21.73 2.94
CA LYS E 31 -6.20 20.43 3.55
C LYS E 31 -7.27 19.44 3.13
N ASP E 32 -7.61 19.47 1.86
CA ASP E 32 -8.62 18.58 1.31
C ASP E 32 -8.06 17.18 1.10
N ALA E 33 -8.95 16.24 0.84
CA ALA E 33 -8.55 14.85 0.64
C ALA E 33 -9.23 14.26 -0.59
N LEU E 34 -8.59 13.26 -1.17
CA LEU E 34 -9.12 12.59 -2.33
C LEU E 34 -9.41 11.14 -1.98
N GLU E 35 -10.40 10.55 -2.63
CA GLU E 35 -10.72 9.17 -2.38
C GLU E 35 -10.05 8.28 -3.43
N ILE E 36 -9.29 7.31 -2.95
CA ILE E 36 -8.58 6.40 -3.82
C ILE E 36 -9.35 5.11 -4.00
N TYR E 37 -9.69 4.81 -5.25
CA TYR E 37 -10.42 3.62 -5.61
C TYR E 37 -9.85 3.06 -6.91
N VAL E 38 -10.01 1.77 -7.16
CA VAL E 38 -9.48 1.18 -8.38
C VAL E 38 -10.57 0.47 -9.18
N ASP E 39 -10.36 0.40 -10.48
CA ASP E 39 -11.30 -0.24 -11.40
C ASP E 39 -10.52 -1.12 -12.37
N ASP E 40 -10.53 -2.43 -12.12
CA ASP E 40 -9.82 -3.41 -12.95
C ASP E 40 -8.31 -3.24 -12.82
N GLU E 41 -7.73 -2.42 -13.68
CA GLU E 41 -6.29 -2.16 -13.65
C GLU E 41 -6.04 -0.66 -13.70
N LYS E 42 -7.10 0.12 -13.59
CA LYS E 42 -7.01 1.57 -13.62
C LYS E 42 -7.30 2.13 -12.25
N ILE E 43 -6.66 3.23 -11.89
CA ILE E 43 -6.87 3.86 -10.60
C ILE E 43 -7.75 5.08 -10.73
N ILE E 44 -8.70 5.21 -9.82
CA ILE E 44 -9.61 6.33 -9.81
C ILE E 44 -9.34 7.23 -8.60
N LEU E 45 -8.80 8.40 -8.87
CA LEU E 45 -8.49 9.38 -7.83
C LEU E 45 -9.41 10.58 -8.00
N LYS E 46 -10.31 10.79 -7.05
CA LYS E 46 -11.23 11.92 -7.14
C LYS E 46 -11.55 12.52 -5.78
N LYS E 47 -12.29 13.61 -5.80
CA LYS E 47 -12.69 14.29 -4.57
C LYS E 47 -13.72 13.46 -3.82
N TYR E 48 -13.67 13.50 -2.50
CA TYR E 48 -14.59 12.73 -1.68
C TYR E 48 -15.78 13.58 -1.26
N LYS E 49 -16.79 12.90 -0.73
CA LYS E 49 -18.00 13.57 -0.28
C LYS E 49 -18.17 13.36 1.23
N PRO E 50 -18.96 14.22 1.89
CA PRO E 50 -19.21 14.13 3.35
C PRO E 50 -19.53 12.71 3.82
N ASN E 51 -18.57 12.10 4.50
CA ASN E 51 -18.73 10.74 5.02
C ASN E 51 -17.74 10.51 6.14
N MET E 52 -18.02 9.53 7.00
CA MET E 52 -17.14 9.23 8.13
C MET E 52 -16.19 8.09 7.80
N THR E 53 -14.98 8.15 8.33
CA THR E 53 -13.99 7.12 8.10
C THR E 53 -13.82 6.26 9.35
N CYS E 54 -13.84 4.94 9.18
CA CYS E 54 -13.69 3.99 10.28
C CYS E 54 -14.87 4.06 11.25
N GLN E 55 -15.96 4.67 10.79
CA GLN E 55 -17.17 4.82 11.59
C GLN E 55 -18.28 5.42 10.74
N MET F 1 -5.14 3.06 4.67
CA MET F 1 -5.31 3.52 3.30
C MET F 1 -5.33 2.35 2.32
N LYS F 2 -6.48 2.17 1.67
CA LYS F 2 -6.66 1.10 0.70
C LYS F 2 -7.31 1.66 -0.56
N SER F 3 -7.49 0.81 -1.56
CA SER F 3 -8.08 1.23 -2.83
C SER F 3 -9.59 1.02 -2.84
N THR F 4 -10.19 0.94 -1.67
CA THR F 4 -11.63 0.74 -1.55
C THR F 4 -12.37 2.07 -1.39
N GLY F 5 -11.89 3.09 -2.09
CA GLY F 5 -12.51 4.41 -2.00
C GLY F 5 -12.19 5.07 -0.68
N ILE F 6 -10.93 5.00 -0.29
CA ILE F 6 -10.49 5.57 0.98
C ILE F 6 -9.90 6.96 0.77
N VAL F 7 -10.23 7.86 1.69
CA VAL F 7 -9.77 9.24 1.63
C VAL F 7 -8.32 9.41 2.07
N ARG F 8 -7.62 10.28 1.37
CA ARG F 8 -6.22 10.59 1.65
C ARG F 8 -5.94 12.03 1.25
N LYS F 9 -5.33 12.79 2.15
CA LYS F 9 -5.00 14.20 1.90
C LYS F 9 -4.12 14.35 0.65
N VAL F 10 -4.42 15.34 -0.17
CA VAL F 10 -3.66 15.56 -1.38
C VAL F 10 -2.74 16.80 -1.22
N ASP F 11 -3.14 17.95 -1.75
CA ASP F 11 -2.32 19.15 -1.66
C ASP F 11 -3.17 20.38 -1.95
N GLU F 12 -2.82 21.50 -1.32
CA GLU F 12 -3.52 22.76 -1.49
C GLU F 12 -3.44 23.29 -2.93
N LEU F 13 -2.38 22.92 -3.64
CA LEU F 13 -2.20 23.37 -5.02
C LEU F 13 -2.67 22.31 -6.00
N GLY F 14 -2.34 21.06 -5.72
CA GLY F 14 -2.73 19.97 -6.57
C GLY F 14 -1.58 19.08 -6.99
N ARG F 15 -0.52 19.06 -6.18
CA ARG F 15 0.63 18.24 -6.47
C ARG F 15 0.31 16.78 -6.17
N VAL F 16 0.36 15.93 -7.19
CA VAL F 16 0.06 14.53 -7.01
C VAL F 16 1.35 13.72 -6.99
N VAL F 17 1.30 12.50 -6.50
CA VAL F 17 2.49 11.65 -6.42
C VAL F 17 2.11 10.17 -6.54
N ILE F 18 3.07 9.34 -6.90
CA ILE F 18 2.84 7.91 -6.99
C ILE F 18 3.69 7.19 -5.95
N PRO F 19 3.09 6.84 -4.80
CA PRO F 19 3.78 6.15 -3.71
C PRO F 19 4.35 4.81 -4.15
N ILE F 20 5.28 4.29 -3.35
CA ILE F 20 5.92 3.01 -3.64
C ILE F 20 4.90 1.91 -3.91
N GLU F 21 3.86 1.90 -3.09
CA GLU F 21 2.77 0.93 -3.22
C GLU F 21 2.15 1.01 -4.62
N LEU F 22 1.92 2.23 -5.09
CA LEU F 22 1.33 2.45 -6.40
C LEU F 22 2.31 2.05 -7.50
N ARG F 23 3.58 2.34 -7.28
CA ARG F 23 4.62 2.01 -8.25
C ARG F 23 4.68 0.50 -8.44
N ARG F 24 4.59 -0.22 -7.33
CA ARG F 24 4.62 -1.67 -7.32
C ARG F 24 3.39 -2.26 -8.00
N THR F 25 2.24 -1.64 -7.77
CA THR F 25 0.98 -2.11 -8.35
C THR F 25 0.93 -1.84 -9.85
N LEU F 26 1.32 -0.63 -10.24
CA LEU F 26 1.33 -0.25 -11.65
C LEU F 26 2.44 -0.99 -12.39
N GLY F 27 3.54 -1.26 -11.68
CA GLY F 27 4.66 -1.94 -12.29
C GLY F 27 5.43 -1.03 -13.22
N ILE F 28 5.59 0.21 -12.79
CA ILE F 28 6.30 1.22 -13.58
C ILE F 28 7.47 1.81 -12.80
N ALA F 29 8.23 2.66 -13.47
CA ALA F 29 9.37 3.32 -12.85
C ALA F 29 9.01 4.76 -12.53
N GLU F 30 9.81 5.40 -11.68
CA GLU F 30 9.56 6.79 -11.30
C GLU F 30 9.97 7.74 -12.42
N LYS F 31 10.54 7.18 -13.46
CA LYS F 31 10.98 7.97 -14.62
C LYS F 31 10.25 7.48 -15.86
N ASP F 32 9.16 6.76 -15.65
CA ASP F 32 8.37 6.23 -16.75
C ASP F 32 7.20 7.15 -17.05
N ALA F 33 6.33 6.69 -17.94
CA ALA F 33 5.16 7.47 -18.33
C ALA F 33 3.87 6.82 -17.84
N LEU F 34 2.85 7.63 -17.66
CA LEU F 34 1.55 7.14 -17.21
C LEU F 34 0.45 7.74 -18.07
N GLU F 35 -0.60 6.98 -18.29
CA GLU F 35 -1.73 7.45 -19.09
C GLU F 35 -2.73 8.15 -18.19
N ILE F 36 -2.66 9.46 -18.14
CA ILE F 36 -3.54 10.24 -17.30
C ILE F 36 -4.74 10.77 -18.08
N TYR F 37 -5.91 10.21 -17.79
CA TYR F 37 -7.13 10.63 -18.45
C TYR F 37 -8.11 11.18 -17.43
N VAL F 38 -8.88 12.20 -17.80
CA VAL F 38 -9.85 12.78 -16.90
C VAL F 38 -11.25 12.29 -17.24
N ASP F 39 -11.89 11.64 -16.28
CA ASP F 39 -13.24 11.13 -16.47
C ASP F 39 -14.22 11.90 -15.60
N ASP F 40 -14.98 12.80 -16.22
CA ASP F 40 -15.96 13.62 -15.51
C ASP F 40 -15.28 14.49 -14.46
N GLU F 41 -15.22 14.01 -13.21
CA GLU F 41 -14.59 14.76 -12.13
C GLU F 41 -13.57 13.91 -11.39
N LYS F 42 -13.02 12.90 -12.07
CA LYS F 42 -12.04 12.02 -11.46
C LYS F 42 -10.82 11.86 -12.35
N ILE F 43 -9.66 11.61 -11.73
CA ILE F 43 -8.42 11.40 -12.46
C ILE F 43 -8.17 9.92 -12.63
N ILE F 44 -8.17 9.47 -13.88
CA ILE F 44 -7.95 8.07 -14.18
C ILE F 44 -6.48 7.82 -14.52
N LEU F 45 -5.80 7.12 -13.63
CA LEU F 45 -4.40 6.80 -13.84
C LEU F 45 -4.28 5.40 -14.43
N LYS F 46 -3.88 5.34 -15.69
CA LYS F 46 -3.73 4.08 -16.39
C LYS F 46 -2.26 3.77 -16.67
N LYS F 47 -1.96 2.49 -16.75
CA LYS F 47 -0.61 2.04 -17.03
C LYS F 47 -0.42 1.88 -18.54
N TYR F 48 0.78 1.51 -18.94
CA TYR F 48 1.07 1.30 -20.35
C TYR F 48 1.18 -0.19 -20.62
N LYS F 49 1.37 -0.54 -21.90
CA LYS F 49 1.50 -1.94 -22.29
C LYS F 49 2.76 -2.55 -21.70
N PRO F 50 2.61 -3.58 -20.84
CA PRO F 50 3.75 -4.24 -20.22
C PRO F 50 4.66 -4.87 -21.27
N ASN F 51 4.09 -5.77 -22.07
CA ASN F 51 4.82 -6.46 -23.14
C ASN F 51 6.14 -7.04 -22.64
N MET F 52 6.11 -7.67 -21.48
CA MET F 52 7.31 -8.26 -20.91
C MET F 52 7.02 -9.68 -20.43
N THR F 53 8.07 -10.45 -20.21
CA THR F 53 7.93 -11.81 -19.75
C THR F 53 8.27 -11.90 -18.27
N CYS F 54 8.39 -13.10 -17.75
CA CYS F 54 8.74 -13.28 -16.34
C CYS F 54 10.24 -13.30 -16.18
N GLN F 55 10.89 -12.29 -16.77
CA GLN F 55 12.33 -12.16 -16.71
C GLN F 55 12.73 -10.76 -16.25
N MET C 1 10.53 -0.44 -2.57
CA MET C 1 10.16 0.88 -2.02
C MET C 1 9.18 0.75 -0.85
N LYS C 2 8.19 -0.12 -1.00
CA LYS C 2 7.21 -0.33 0.06
C LYS C 2 7.22 -1.79 0.51
N SER C 3 6.58 -2.08 1.63
CA SER C 3 6.54 -3.43 2.17
C SER C 3 5.31 -4.18 1.66
N THR C 4 4.58 -3.58 0.73
CA THR C 4 3.39 -4.20 0.17
C THR C 4 3.74 -5.16 -0.96
N GLY C 5 4.20 -6.35 -0.60
CA GLY C 5 4.57 -7.34 -1.60
C GLY C 5 6.01 -7.20 -2.03
N ILE C 6 6.92 -7.29 -1.07
CA ILE C 6 8.34 -7.16 -1.36
C ILE C 6 9.10 -8.37 -0.83
N VAL C 7 10.15 -8.77 -1.53
CA VAL C 7 10.94 -9.91 -1.10
C VAL C 7 12.15 -9.44 -0.29
N ARG C 8 12.20 -9.87 0.95
CA ARG C 8 13.29 -9.51 1.85
C ARG C 8 13.93 -10.77 2.40
N LYS C 9 14.53 -10.68 3.57
CA LYS C 9 15.14 -11.83 4.21
C LYS C 9 14.27 -12.27 5.38
N VAL C 10 14.45 -13.51 5.83
CA VAL C 10 13.70 -14.05 6.95
C VAL C 10 14.08 -13.35 8.26
N ASP C 11 13.69 -13.94 9.38
CA ASP C 11 14.03 -13.36 10.67
C ASP C 11 15.54 -13.20 10.78
N GLU C 12 15.97 -11.97 10.93
CA GLU C 12 17.38 -11.67 11.04
C GLU C 12 17.79 -11.42 12.47
N LEU C 13 16.88 -10.82 13.24
CA LEU C 13 17.14 -10.51 14.64
C LEU C 13 15.86 -10.06 15.34
N GLY C 14 14.76 -10.74 15.06
CA GLY C 14 13.50 -10.43 15.68
C GLY C 14 12.71 -9.35 14.98
N ARG C 15 13.32 -8.21 14.75
CA ARG C 15 12.65 -7.09 14.10
C ARG C 15 12.27 -7.40 12.66
N VAL C 16 10.98 -7.60 12.44
CA VAL C 16 10.45 -7.90 11.12
C VAL C 16 9.79 -6.67 10.51
N VAL C 17 10.07 -6.47 9.22
CA VAL C 17 9.56 -5.35 8.44
C VAL C 17 8.04 -5.41 8.27
N ILE C 18 7.44 -4.23 8.23
CA ILE C 18 6.01 -4.06 8.07
C ILE C 18 5.76 -2.62 7.59
N PRO C 19 4.67 -2.37 6.85
CA PRO C 19 4.36 -1.01 6.36
C PRO C 19 4.37 0.03 7.48
N ILE C 20 5.34 0.93 7.43
CA ILE C 20 5.45 1.98 8.44
C ILE C 20 4.31 2.97 8.28
N GLU C 21 3.84 3.11 7.06
CA GLU C 21 2.73 4.00 6.76
C GLU C 21 1.48 3.50 7.49
N LEU C 22 1.29 2.20 7.46
CA LEU C 22 0.16 1.57 8.12
C LEU C 22 0.30 1.68 9.63
N ARG C 23 1.52 1.47 10.11
CA ARG C 23 1.81 1.56 11.55
C ARG C 23 1.44 2.93 12.11
N ARG C 24 1.72 3.97 11.34
CA ARG C 24 1.42 5.34 11.78
C ARG C 24 -0.06 5.69 11.62
N THR C 25 -0.77 5.00 10.75
CA THR C 25 -2.19 5.28 10.54
C THR C 25 -3.05 4.06 10.84
N LEU C 26 -2.56 3.20 11.74
CA LEU C 26 -3.27 1.99 12.14
C LEU C 26 -4.72 2.28 12.52
N GLY C 27 -4.91 3.20 13.44
CA GLY C 27 -6.25 3.55 13.87
C GLY C 27 -6.80 2.55 14.88
N ILE C 28 -6.58 2.84 16.15
CA ILE C 28 -7.06 1.97 17.22
C ILE C 28 -7.69 2.80 18.33
N ALA C 29 -8.42 2.14 19.22
CA ALA C 29 -9.06 2.83 20.34
C ALA C 29 -8.24 2.64 21.61
N GLU C 30 -7.77 1.43 21.80
CA GLU C 30 -6.97 1.09 22.97
C GLU C 30 -5.76 0.27 22.55
N LYS C 31 -4.94 -0.09 23.52
CA LYS C 31 -3.76 -0.89 23.25
C LYS C 31 -4.16 -2.34 23.00
N ASP C 32 -4.46 -2.64 21.75
CA ASP C 32 -4.86 -3.98 21.36
C ASP C 32 -3.63 -4.82 21.05
N ALA C 33 -3.85 -5.99 20.50
CA ALA C 33 -2.76 -6.90 20.17
C ALA C 33 -3.05 -7.67 18.89
N LEU C 34 -2.19 -7.48 17.90
CA LEU C 34 -2.33 -8.16 16.62
C LEU C 34 -2.02 -9.64 16.79
N GLU C 35 -2.67 -10.46 15.99
CA GLU C 35 -2.48 -11.90 16.04
C GLU C 35 -1.30 -12.32 15.17
N ILE C 36 -0.40 -13.12 15.74
CA ILE C 36 0.77 -13.60 15.01
C ILE C 36 0.80 -15.12 15.00
N TYR C 37 0.46 -15.69 13.85
CA TYR C 37 0.48 -17.14 13.69
C TYR C 37 1.85 -17.57 13.20
N VAL C 38 2.50 -18.45 13.95
CA VAL C 38 3.83 -18.91 13.58
C VAL C 38 3.82 -20.37 13.15
N ASP C 39 4.20 -20.61 11.90
CA ASP C 39 4.28 -21.96 11.36
C ASP C 39 5.62 -22.15 10.67
N ASP C 40 6.66 -22.34 11.48
CA ASP C 40 8.03 -22.54 11.00
C ASP C 40 8.54 -21.28 10.28
N GLU C 41 8.37 -21.26 8.97
CA GLU C 41 8.81 -20.14 8.16
C GLU C 41 7.64 -19.24 7.77
N LYS C 42 6.43 -19.77 7.86
CA LYS C 42 5.25 -19.02 7.49
C LYS C 42 4.66 -18.33 8.70
N ILE C 43 4.69 -17.00 8.69
CA ILE C 43 4.16 -16.21 9.79
C ILE C 43 3.00 -15.36 9.28
N ILE C 44 1.83 -15.54 9.87
CA ILE C 44 0.64 -14.79 9.46
C ILE C 44 0.25 -13.80 10.55
N LEU C 45 0.33 -12.52 10.23
CA LEU C 45 -0.03 -11.47 11.18
C LEU C 45 -1.31 -10.77 10.73
N LYS C 46 -2.24 -10.59 11.66
CA LYS C 46 -3.50 -9.94 11.34
C LYS C 46 -3.87 -8.94 12.43
N LYS C 47 -4.46 -7.82 12.02
CA LYS C 47 -4.87 -6.77 12.94
C LYS C 47 -6.02 -7.26 13.82
N TYR C 48 -7.19 -7.42 13.23
CA TYR C 48 -8.37 -7.89 13.95
C TYR C 48 -9.52 -8.13 12.96
N LYS C 49 -10.74 -7.84 13.36
CA LYS C 49 -11.89 -8.01 12.49
C LYS C 49 -12.49 -6.66 12.13
N PRO C 50 -12.07 -6.05 11.01
CA PRO C 50 -12.57 -4.74 10.55
C PRO C 50 -14.06 -4.77 10.22
N ASN C 51 -14.55 -5.91 9.77
CA ASN C 51 -15.96 -6.03 9.42
C ASN C 51 -16.76 -6.48 10.63
N MET C 52 -16.89 -5.59 11.61
CA MET C 52 -17.63 -5.87 12.82
C MET C 52 -18.70 -4.79 13.03
N THR C 53 -19.37 -4.44 11.94
CA THR C 53 -20.41 -3.42 11.96
C THR C 53 -19.85 -2.04 12.29
N CYS C 54 -19.24 -1.40 11.30
CA CYS C 54 -18.69 -0.07 11.49
C CYS C 54 -19.80 0.98 11.50
N GLN C 55 -20.83 0.72 10.70
CA GLN C 55 -21.97 1.62 10.59
C GLN C 55 -23.08 0.95 9.78
N MET D 1 0.95 -22.19 17.96
CA MET D 1 0.83 -23.58 17.54
C MET D 1 -0.41 -24.23 18.17
N LYS D 2 -0.68 -23.88 19.41
CA LYS D 2 -1.84 -24.40 20.11
C LYS D 2 -3.09 -23.63 19.72
N SER D 3 -2.86 -22.42 19.23
CA SER D 3 -3.94 -21.55 18.80
C SER D 3 -3.47 -20.71 17.63
N THR D 4 -2.71 -19.65 17.94
CA THR D 4 -2.17 -18.78 16.90
C THR D 4 -0.65 -18.74 16.99
N GLY D 5 -0.14 -18.40 18.17
CA GLY D 5 1.29 -18.33 18.36
C GLY D 5 1.69 -17.21 19.29
N ILE D 6 1.79 -16.00 18.76
CA ILE D 6 2.17 -14.84 19.54
C ILE D 6 1.25 -13.67 19.24
N VAL D 7 1.51 -12.54 19.90
CA VAL D 7 0.70 -11.35 19.72
C VAL D 7 1.57 -10.10 19.65
N ARG D 8 1.09 -9.08 18.96
CA ARG D 8 1.81 -7.83 18.82
C ARG D 8 1.02 -6.70 19.45
N LYS D 9 1.36 -6.37 20.68
CA LYS D 9 0.68 -5.29 21.40
C LYS D 9 0.90 -3.95 20.69
N VAL D 10 -0.12 -3.10 20.68
CA VAL D 10 -0.02 -1.81 20.04
C VAL D 10 0.87 -0.88 20.86
N ASP D 11 2.12 -0.78 20.43
CA ASP D 11 3.09 0.07 21.07
C ASP D 11 3.64 1.08 20.09
N GLU D 12 4.54 1.93 20.54
CA GLU D 12 5.14 2.93 19.68
C GLU D 12 6.22 2.32 18.78
N LEU D 13 6.37 1.00 18.88
CA LEU D 13 7.34 0.28 18.07
C LEU D 13 7.03 0.47 16.59
N GLY D 14 8.04 0.85 15.83
CA GLY D 14 7.88 1.09 14.41
C GLY D 14 7.38 -0.11 13.63
N ARG D 15 7.92 -1.28 13.92
CA ARG D 15 7.51 -2.49 13.22
C ARG D 15 7.21 -3.63 14.18
N VAL D 16 7.32 -4.87 13.73
CA VAL D 16 7.01 -5.99 14.61
C VAL D 16 8.28 -6.72 15.03
N VAL D 17 8.55 -6.75 16.32
CA VAL D 17 9.73 -7.41 16.84
C VAL D 17 9.39 -8.78 17.41
N ILE D 18 9.75 -9.79 16.67
CA ILE D 18 9.52 -11.18 17.05
C ILE D 18 10.68 -11.63 17.94
N PRO D 19 10.44 -12.52 18.93
CA PRO D 19 11.52 -13.03 19.81
C PRO D 19 12.81 -13.34 19.04
N ILE D 20 13.89 -12.66 19.42
CA ILE D 20 15.20 -12.82 18.77
C ILE D 20 15.68 -14.27 18.85
N GLU D 21 15.14 -15.00 19.82
CA GLU D 21 15.49 -16.39 20.03
C GLU D 21 15.14 -17.24 18.81
N LEU D 22 14.31 -16.70 17.92
CA LEU D 22 13.89 -17.42 16.72
C LEU D 22 15.10 -17.76 15.85
N ARG D 23 15.64 -16.78 15.12
CA ARG D 23 16.80 -17.02 14.27
C ARG D 23 18.00 -17.49 15.07
N ARG D 24 18.15 -16.94 16.27
CA ARG D 24 19.28 -17.28 17.14
C ARG D 24 19.31 -18.77 17.50
N THR D 25 18.16 -19.39 17.64
CA THR D 25 18.10 -20.81 17.98
C THR D 25 17.48 -21.62 16.84
N LEU D 26 17.35 -21.00 15.68
CA LEU D 26 16.77 -21.66 14.52
C LEU D 26 17.66 -22.79 14.04
N GLY D 27 18.95 -22.51 13.94
CA GLY D 27 19.90 -23.51 13.49
C GLY D 27 19.95 -23.59 11.98
N ILE D 28 19.73 -22.45 11.32
CA ILE D 28 19.75 -22.39 9.86
C ILE D 28 21.17 -22.20 9.35
N ALA D 29 21.33 -22.30 8.04
CA ALA D 29 22.63 -22.15 7.41
C ALA D 29 23.15 -20.73 7.54
N GLU D 30 22.44 -19.78 6.94
CA GLU D 30 22.84 -18.38 6.98
C GLU D 30 21.67 -17.43 6.82
N LYS D 31 21.10 -17.40 5.62
CA LYS D 31 19.98 -16.51 5.32
C LYS D 31 18.96 -17.20 4.43
N ASP D 32 17.79 -16.57 4.30
CA ASP D 32 16.71 -17.10 3.48
C ASP D 32 15.83 -15.96 2.99
N ALA D 33 15.20 -16.16 1.84
CA ALA D 33 14.35 -15.13 1.25
C ALA D 33 12.92 -15.22 1.77
N LEU D 34 12.46 -14.13 2.37
CA LEU D 34 11.13 -14.05 2.92
C LEU D 34 10.30 -13.02 2.16
N GLU D 35 9.16 -13.47 1.64
CA GLU D 35 8.27 -12.61 0.89
C GLU D 35 7.27 -11.95 1.83
N ILE D 36 7.33 -10.63 1.91
CA ILE D 36 6.43 -9.87 2.76
C ILE D 36 5.24 -9.35 1.96
N TYR D 37 4.10 -10.03 2.10
CA TYR D 37 2.90 -9.62 1.41
C TYR D 37 1.93 -8.97 2.38
N VAL D 38 1.43 -7.80 2.04
CA VAL D 38 0.50 -7.09 2.90
C VAL D 38 -0.80 -6.80 2.18
N ASP D 39 -1.90 -7.26 2.75
CA ASP D 39 -3.22 -7.04 2.19
C ASP D 39 -4.11 -6.35 3.23
N ASP D 40 -4.15 -5.02 3.15
CA ASP D 40 -4.94 -4.20 4.07
C ASP D 40 -4.40 -4.30 5.49
N GLU D 41 -4.88 -5.28 6.25
CA GLU D 41 -4.44 -5.48 7.63
C GLU D 41 -3.93 -6.90 7.82
N LYS D 42 -3.65 -7.57 6.71
CA LYS D 42 -3.16 -8.93 6.72
C LYS D 42 -1.72 -8.98 6.21
N ILE D 43 -0.81 -9.37 7.07
CA ILE D 43 0.59 -9.47 6.70
C ILE D 43 1.01 -10.93 6.62
N ILE D 44 1.43 -11.35 5.45
CA ILE D 44 1.84 -12.74 5.24
C ILE D 44 3.33 -12.85 4.99
N LEU D 45 4.02 -13.49 5.91
CA LEU D 45 5.45 -13.71 5.79
C LEU D 45 5.67 -15.16 5.37
N LYS D 46 5.96 -15.36 4.10
CA LYS D 46 6.16 -16.71 3.57
C LYS D 46 7.34 -16.74 2.60
N LYS D 47 7.53 -17.87 1.92
CA LYS D 47 8.61 -18.01 0.96
C LYS D 47 8.30 -17.22 -0.31
N TYR D 48 9.35 -16.90 -1.05
CA TYR D 48 9.22 -16.16 -2.30
C TYR D 48 8.49 -16.99 -3.35
N LYS D 49 7.72 -16.32 -4.19
CA LYS D 49 6.99 -16.99 -5.26
C LYS D 49 7.91 -17.20 -6.46
N PRO D 50 7.59 -18.18 -7.34
CA PRO D 50 8.39 -18.48 -8.52
C PRO D 50 8.21 -17.44 -9.63
N ASN D 51 8.30 -16.18 -9.29
CA ASN D 51 8.14 -15.09 -10.24
C ASN D 51 8.93 -13.88 -9.78
N MET D 52 9.55 -13.19 -10.72
CA MET D 52 10.35 -12.01 -10.40
C MET D 52 9.98 -10.85 -11.32
N THR D 53 10.66 -9.73 -11.13
CA THR D 53 10.42 -8.54 -11.95
C THR D 53 10.97 -8.74 -13.35
N CYS D 54 10.43 -8.01 -14.31
CA CYS D 54 10.86 -8.12 -15.68
C CYS D 54 12.20 -7.42 -15.90
N GLN D 55 13.23 -8.20 -16.25
CA GLN D 55 14.56 -7.66 -16.48
C GLN D 55 15.14 -8.26 -17.76
N MET E 1 -6.37 22.29 -24.62
CA MET E 1 -6.43 22.61 -26.05
C MET E 1 -7.52 21.79 -26.72
N LYS E 2 -7.59 20.52 -26.33
CA LYS E 2 -8.58 19.60 -26.87
C LYS E 2 -8.62 18.33 -26.00
N SER E 3 -9.60 18.26 -25.12
CA SER E 3 -9.75 17.13 -24.21
C SER E 3 -10.28 15.87 -24.90
N THR E 4 -9.71 15.54 -26.05
CA THR E 4 -10.12 14.35 -26.79
C THR E 4 -9.03 13.29 -26.70
N GLY E 5 -8.32 13.29 -25.58
CA GLY E 5 -7.24 12.33 -25.38
C GLY E 5 -5.88 12.98 -25.41
N ILE E 6 -5.61 13.82 -24.41
CA ILE E 6 -4.34 14.51 -24.32
C ILE E 6 -3.29 13.65 -23.64
N VAL E 7 -2.20 13.38 -24.35
CA VAL E 7 -1.12 12.58 -23.81
C VAL E 7 -0.15 13.49 -23.05
N ARG E 8 -0.11 13.34 -21.74
CA ARG E 8 0.77 14.14 -20.91
C ARG E 8 1.87 13.29 -20.29
N LYS E 9 3.10 13.73 -20.48
CA LYS E 9 4.26 13.03 -19.93
C LYS E 9 4.39 13.34 -18.45
N VAL E 10 4.61 12.32 -17.65
CA VAL E 10 4.77 12.51 -16.22
C VAL E 10 6.24 12.64 -15.88
N ASP E 11 6.53 12.81 -14.60
CA ASP E 11 7.90 12.94 -14.14
C ASP E 11 8.11 11.99 -12.97
N GLU E 12 9.00 12.32 -12.05
CA GLU E 12 9.24 11.47 -10.89
C GLU E 12 8.03 11.54 -9.94
N LEU E 13 7.11 12.43 -10.29
CA LEU E 13 5.87 12.59 -9.54
C LEU E 13 4.69 12.60 -10.51
N GLY E 14 3.47 12.77 -10.00
CA GLY E 14 2.32 12.77 -10.88
C GLY E 14 2.03 14.14 -11.47
N ARG E 15 2.54 14.38 -12.66
CA ARG E 15 2.36 15.66 -13.34
C ARG E 15 1.34 15.55 -14.47
N VAL E 16 0.05 15.65 -14.15
CA VAL E 16 -0.97 15.58 -15.19
C VAL E 16 -1.67 16.94 -15.34
N VAL E 17 -1.66 17.49 -16.54
CA VAL E 17 -2.25 18.80 -16.78
C VAL E 17 -3.61 18.70 -17.45
N ILE E 18 -4.67 18.77 -16.65
CA ILE E 18 -6.03 18.72 -17.14
C ILE E 18 -6.43 20.09 -17.69
N PRO E 19 -6.96 20.15 -18.92
CA PRO E 19 -7.37 21.43 -19.53
C PRO E 19 -8.38 22.20 -18.68
N ILE E 20 -8.17 23.51 -18.54
CA ILE E 20 -9.06 24.36 -17.76
C ILE E 20 -10.44 24.42 -18.40
N GLU E 21 -10.48 24.17 -19.71
CA GLU E 21 -11.73 24.17 -20.46
C GLU E 21 -12.73 23.20 -19.82
N LEU E 22 -12.22 22.06 -19.37
CA LEU E 22 -13.05 21.05 -18.75
C LEU E 22 -13.69 21.60 -17.47
N ARG E 23 -12.91 22.31 -16.68
CA ARG E 23 -13.42 22.88 -15.44
C ARG E 23 -14.56 23.87 -15.71
N ARG E 24 -14.40 24.64 -16.77
CA ARG E 24 -15.40 25.64 -17.15
C ARG E 24 -16.62 24.96 -17.77
N THR E 25 -16.47 23.69 -18.11
CA THR E 25 -17.57 22.92 -18.68
C THR E 25 -18.30 22.16 -17.58
N LEU E 26 -17.54 21.70 -16.59
CA LEU E 26 -18.12 20.96 -15.47
C LEU E 26 -18.76 21.91 -14.47
N GLY E 27 -18.11 23.04 -14.24
CA GLY E 27 -18.64 24.01 -13.31
C GLY E 27 -18.34 23.66 -11.87
N ILE E 28 -17.07 23.57 -11.53
CA ILE E 28 -16.65 23.22 -10.18
C ILE E 28 -15.59 24.20 -9.68
N ALA E 29 -15.19 24.05 -8.42
CA ALA E 29 -14.18 24.91 -7.82
C ALA E 29 -12.81 24.71 -8.46
N GLU E 30 -11.82 25.46 -7.98
CA GLU E 30 -10.47 25.36 -8.53
C GLU E 30 -9.62 24.41 -7.68
N LYS E 31 -9.13 24.89 -6.55
CA LYS E 31 -8.30 24.07 -5.67
C LYS E 31 -9.17 23.35 -4.67
N ASP E 32 -9.83 22.30 -5.13
CA ASP E 32 -10.71 21.52 -4.28
C ASP E 32 -10.19 20.09 -4.18
N ALA E 33 -11.08 19.16 -3.88
CA ALA E 33 -10.70 17.76 -3.76
C ALA E 33 -11.69 16.86 -4.49
N LEU E 34 -11.17 15.96 -5.31
CA LEU E 34 -12.02 15.03 -6.05
C LEU E 34 -11.65 13.60 -5.69
N GLU E 35 -12.58 12.67 -5.85
CA GLU E 35 -12.32 11.28 -5.50
C GLU E 35 -11.67 10.52 -6.65
N ILE E 36 -10.59 9.83 -6.33
CA ILE E 36 -9.87 9.03 -7.30
C ILE E 36 -10.30 7.57 -7.23
N TYR E 37 -10.73 7.04 -8.36
CA TYR E 37 -11.18 5.65 -8.47
C TYR E 37 -10.77 5.10 -9.84
N VAL E 38 -10.26 3.87 -9.87
CA VAL E 38 -9.83 3.29 -11.14
C VAL E 38 -10.83 2.30 -11.71
N ASP E 39 -11.01 2.39 -13.02
CA ASP E 39 -11.89 1.49 -13.75
C ASP E 39 -11.05 0.71 -14.74
N ASP E 40 -10.61 -0.47 -14.30
CA ASP E 40 -9.76 -1.37 -15.11
C ASP E 40 -8.36 -0.79 -15.23
N GLU E 41 -8.20 0.22 -16.05
CA GLU E 41 -6.90 0.87 -16.24
C GLU E 41 -7.08 2.37 -16.42
N LYS E 42 -8.30 2.85 -16.23
CA LYS E 42 -8.58 4.27 -16.36
C LYS E 42 -8.74 4.91 -14.99
N ILE E 43 -7.99 5.96 -14.74
CA ILE E 43 -8.07 6.66 -13.46
C ILE E 43 -9.17 7.71 -13.53
N ILE E 44 -10.27 7.45 -12.86
CA ILE E 44 -11.40 8.35 -12.88
C ILE E 44 -11.35 9.33 -11.71
N LEU E 45 -11.47 10.61 -12.05
CA LEU E 45 -11.47 11.67 -11.06
C LEU E 45 -12.81 12.37 -11.13
N LYS E 46 -13.66 12.14 -10.14
CA LYS E 46 -14.99 12.73 -10.12
C LYS E 46 -15.33 13.37 -8.78
N LYS E 47 -16.47 14.06 -8.75
CA LYS E 47 -16.96 14.72 -7.56
C LYS E 47 -17.31 13.69 -6.50
N TYR E 48 -16.84 13.92 -5.29
CA TYR E 48 -17.09 13.01 -4.19
C TYR E 48 -18.39 13.37 -3.46
N LYS E 49 -18.84 12.45 -2.63
CA LYS E 49 -20.06 12.63 -1.86
C LYS E 49 -19.78 12.36 -0.39
N PRO E 50 -20.37 13.16 0.51
CA PRO E 50 -20.19 13.00 1.96
C PRO E 50 -20.45 11.56 2.39
N ASN E 51 -19.51 11.00 3.14
CA ASN E 51 -19.61 9.62 3.59
C ASN E 51 -19.08 9.46 5.01
N MET E 52 -19.89 8.88 5.87
CA MET E 52 -19.50 8.67 7.26
C MET E 52 -18.78 7.33 7.40
N THR E 53 -17.65 7.36 8.08
CA THR E 53 -16.85 6.16 8.30
C THR E 53 -17.35 5.37 9.51
N CYS E 54 -16.45 4.65 10.19
CA CYS E 54 -16.82 3.88 11.37
C CYS E 54 -17.17 4.81 12.52
N GLN E 55 -18.45 5.15 12.63
CA GLN E 55 -18.91 6.04 13.68
C GLN E 55 -20.42 5.89 13.89
N MET F 1 -3.15 8.22 -1.27
CA MET F 1 -4.54 8.13 -1.67
C MET F 1 -4.70 7.22 -2.89
N LYS F 2 -4.93 5.93 -2.65
CA LYS F 2 -5.11 4.98 -3.73
C LYS F 2 -6.41 5.27 -4.47
N SER F 3 -6.52 4.78 -5.69
CA SER F 3 -7.71 5.00 -6.51
C SER F 3 -8.86 4.08 -6.09
N THR F 4 -9.16 4.06 -4.80
CA THR F 4 -10.23 3.24 -4.26
C THR F 4 -11.37 4.14 -3.78
N GLY F 5 -11.50 5.30 -4.42
CA GLY F 5 -12.53 6.24 -4.04
C GLY F 5 -12.05 7.18 -2.97
N ILE F 6 -10.83 7.69 -3.14
CA ILE F 6 -10.25 8.59 -2.15
C ILE F 6 -10.03 9.98 -2.75
N VAL F 7 -10.39 11.00 -2.00
CA VAL F 7 -10.26 12.39 -2.46
C VAL F 7 -8.81 12.86 -2.47
N ARG F 8 -8.54 13.86 -3.30
CA ARG F 8 -7.22 14.44 -3.42
C ARG F 8 -7.31 15.88 -3.94
N LYS F 9 -6.39 16.71 -3.47
CA LYS F 9 -6.34 18.12 -3.86
C LYS F 9 -6.06 18.29 -5.35
N VAL F 10 -6.81 19.16 -5.98
CA VAL F 10 -6.67 19.44 -7.41
C VAL F 10 -6.14 20.87 -7.60
N ASP F 11 -5.30 21.06 -8.62
CA ASP F 11 -4.74 22.36 -8.95
C ASP F 11 -5.84 23.31 -9.40
N GLU F 12 -5.60 24.62 -9.27
CA GLU F 12 -6.60 25.63 -9.63
C GLU F 12 -6.86 25.65 -11.13
N LEU F 13 -5.88 25.28 -11.92
CA LEU F 13 -6.05 25.28 -13.37
C LEU F 13 -6.52 23.90 -13.82
N GLY F 14 -5.77 22.89 -13.43
CA GLY F 14 -6.12 21.52 -13.79
C GLY F 14 -4.94 20.59 -13.71
N ARG F 15 -3.79 21.13 -13.31
CA ARG F 15 -2.59 20.33 -13.20
C ARG F 15 -2.67 19.42 -11.96
N VAL F 16 -3.41 18.33 -12.09
CA VAL F 16 -3.58 17.39 -11.00
C VAL F 16 -2.24 16.79 -10.61
N VAL F 17 -2.02 16.67 -9.31
CA VAL F 17 -0.79 16.18 -8.77
C VAL F 17 -0.98 14.91 -7.95
N ILE F 18 -0.07 13.98 -8.14
CA ILE F 18 -0.06 12.77 -7.36
C ILE F 18 0.99 12.98 -6.27
N PRO F 19 0.55 13.11 -5.00
CA PRO F 19 1.42 13.37 -3.85
C PRO F 19 2.75 12.61 -3.87
N ILE F 20 3.76 13.21 -3.25
CA ILE F 20 5.10 12.63 -3.18
C ILE F 20 5.04 11.16 -2.77
N GLU F 21 4.55 10.91 -1.56
CA GLU F 21 4.46 9.55 -1.04
C GLU F 21 3.60 8.65 -1.93
N LEU F 22 2.49 9.18 -2.43
CA LEU F 22 1.59 8.42 -3.27
C LEU F 22 2.31 7.89 -4.52
N ARG F 23 3.01 8.77 -5.22
CA ARG F 23 3.72 8.38 -6.43
C ARG F 23 4.85 7.39 -6.12
N ARG F 24 5.47 7.53 -4.96
CA ARG F 24 6.55 6.61 -4.57
C ARG F 24 5.96 5.25 -4.22
N THR F 25 4.75 5.25 -3.69
CA THR F 25 4.06 4.02 -3.34
C THR F 25 3.51 3.33 -4.59
N LEU F 26 3.27 4.12 -5.64
CA LEU F 26 2.77 3.57 -6.89
C LEU F 26 3.88 2.81 -7.59
N GLY F 27 5.07 3.40 -7.61
CA GLY F 27 6.22 2.77 -8.23
C GLY F 27 6.02 2.48 -9.71
N ILE F 28 5.89 3.54 -10.51
CA ILE F 28 5.69 3.39 -11.94
C ILE F 28 6.89 3.95 -12.69
N ALA F 29 6.74 4.16 -13.98
CA ALA F 29 7.81 4.71 -14.79
C ALA F 29 7.82 6.23 -14.70
N GLU F 30 9.01 6.81 -14.59
CA GLU F 30 9.14 8.25 -14.50
C GLU F 30 8.88 8.89 -15.86
N LYS F 31 8.99 8.07 -16.90
CA LYS F 31 8.77 8.52 -18.27
C LYS F 31 7.44 8.03 -18.79
N ASP F 32 6.48 7.81 -17.90
CA ASP F 32 5.16 7.35 -18.30
C ASP F 32 4.35 8.50 -18.86
N ALA F 33 3.13 8.21 -19.30
CA ALA F 33 2.25 9.22 -19.87
C ALA F 33 0.79 8.84 -19.68
N LEU F 34 -0.06 9.84 -19.51
CA LEU F 34 -1.48 9.59 -19.33
C LEU F 34 -2.29 10.24 -20.45
N GLU F 35 -3.47 9.70 -20.69
CA GLU F 35 -4.37 10.22 -21.72
C GLU F 35 -5.57 10.88 -21.04
N ILE F 36 -5.63 12.19 -21.12
CA ILE F 36 -6.69 12.95 -20.49
C ILE F 36 -7.94 13.04 -21.36
N TYR F 37 -9.04 12.50 -20.85
CA TYR F 37 -10.32 12.54 -21.54
C TYR F 37 -11.39 12.97 -20.55
N VAL F 38 -12.57 13.33 -21.04
CA VAL F 38 -13.64 13.77 -20.16
C VAL F 38 -14.89 12.90 -20.39
N ASP F 39 -15.62 12.62 -19.32
CA ASP F 39 -16.83 11.81 -19.42
C ASP F 39 -17.93 12.41 -18.57
N ASP F 40 -18.91 13.00 -19.23
CA ASP F 40 -20.06 13.64 -18.57
C ASP F 40 -19.63 14.80 -17.67
N GLU F 41 -19.35 14.50 -16.41
CA GLU F 41 -18.94 15.53 -15.45
C GLU F 41 -17.68 15.12 -14.71
N LYS F 42 -16.99 14.10 -15.20
CA LYS F 42 -15.78 13.62 -14.54
C LYS F 42 -14.61 13.54 -15.51
N ILE F 43 -13.40 13.53 -14.96
CA ILE F 43 -12.19 13.47 -15.75
C ILE F 43 -11.69 12.03 -15.83
N ILE F 44 -11.38 11.58 -17.02
CA ILE F 44 -10.90 10.22 -17.23
C ILE F 44 -9.42 10.26 -17.58
N LEU F 45 -8.58 9.88 -16.63
CA LEU F 45 -7.15 9.86 -16.84
C LEU F 45 -6.70 8.45 -17.19
N LYS F 46 -6.66 8.16 -18.48
CA LYS F 46 -6.24 6.85 -18.97
C LYS F 46 -4.73 6.84 -19.12
N LYS F 47 -4.17 5.72 -19.57
CA LYS F 47 -2.74 5.65 -19.77
C LYS F 47 -2.44 5.03 -21.13
N TYR F 48 -1.37 5.50 -21.75
CA TYR F 48 -0.95 5.02 -23.07
C TYR F 48 -0.40 3.61 -22.98
N LYS F 49 0.00 3.08 -24.13
CA LYS F 49 0.59 1.76 -24.19
C LYS F 49 2.12 1.89 -24.33
N PRO F 50 2.85 1.81 -23.21
CA PRO F 50 4.31 1.94 -23.21
C PRO F 50 4.98 0.99 -24.19
N ASN F 51 4.50 -0.26 -24.22
CA ASN F 51 5.05 -1.28 -25.11
C ASN F 51 6.54 -1.44 -24.85
N MET F 52 6.90 -1.31 -23.58
CA MET F 52 8.28 -1.42 -23.15
C MET F 52 8.62 -2.85 -22.82
N THR F 53 9.79 -3.30 -23.28
CA THR F 53 10.24 -4.64 -23.03
C THR F 53 10.79 -4.78 -21.62
N CYS F 54 10.95 -6.02 -21.15
CA CYS F 54 11.47 -6.27 -19.83
C CYS F 54 12.96 -5.91 -19.78
N GLN F 55 13.26 -4.77 -19.17
CA GLN F 55 14.62 -4.29 -19.06
C GLN F 55 14.89 -3.77 -17.64
#